data_8CX3
#
_entry.id   8CX3
#
_cell.length_a   197.171
_cell.length_b   279.324
_cell.length_c   170.046
_cell.angle_alpha   90.000
_cell.angle_beta   125.091
_cell.angle_gamma   90.000
#
_symmetry.space_group_name_H-M   'C 1 2 1'
#
loop_
_entity.id
_entity.type
_entity.pdbx_description
1 polymer 'Isoform 4 of Mesothelin'
2 branched 2-acetamido-2-deoxy-beta-D-glucopyranose-(1-4)-2-acetamido-2-deoxy-beta-D-glucopyranose
3 branched beta-D-mannopyranose-(1-4)-2-acetamido-2-deoxy-beta-D-glucopyranose-(1-4)-2-acetamido-2-deoxy-beta-D-glucopyranose
4 non-polymer 2-acetamido-2-deoxy-beta-D-glucopyranose
5 non-polymer 'PHOSPHATE ION'
6 non-polymer GLYCEROL
#
_entity_poly.entity_id   1
_entity_poly.type   'polypeptide(L)'
_entity_poly.pdbx_seq_one_letter_code
;MEVEKTACPSGKKAREIDESLIFYKKWELEACVDAALLATQMDRVNAIPFTYEQLDVLKHKLDELYPQGYPESVIQHLGY
LFLKMSPEDIRKWNVTSLETLKALLEVNKGHEMSPQVATLIDRFVKGRGQLDKDTLDTLTAFYPGYLCSLSPEELSSVPP
SSIWAVRPQDLDTCDPRQLDVLYPKARLAFQNMNGSEYFVKIQSFLGGAPTEDLKALSQQNVSMDLATFMKLRTDAVLPL
TVAEVQKLLGPHVEGLKAEERHRPVRDWILRQRQDDLDTLGLGLQGGIPNGYLVLDLSVQEALSGTHHHHHH
;
_entity_poly.pdbx_strand_id   A,B,C,D,E,F
#
loop_
_chem_comp.id
_chem_comp.type
_chem_comp.name
_chem_comp.formula
BMA D-saccharide, beta linking beta-D-mannopyranose 'C6 H12 O6'
GOL non-polymer GLYCEROL 'C3 H8 O3'
NAG D-saccharide, beta linking 2-acetamido-2-deoxy-beta-D-glucopyranose 'C8 H15 N O6'
PO4 non-polymer 'PHOSPHATE ION' 'O4 P -3'
#
# COMPACT_ATOMS: atom_id res chain seq x y z
N LYS A 5 -19.23 -97.48 3.83
CA LYS A 5 -18.24 -96.39 4.10
C LYS A 5 -18.61 -95.66 5.39
N THR A 6 -19.27 -96.34 6.33
CA THR A 6 -19.72 -95.74 7.58
C THR A 6 -18.51 -95.40 8.46
N ALA A 7 -17.57 -96.35 8.56
CA ALA A 7 -16.43 -96.21 9.45
C ALA A 7 -15.35 -95.34 8.81
N CYS A 8 -14.61 -94.62 9.64
CA CYS A 8 -13.48 -93.81 9.21
C CYS A 8 -12.29 -94.72 8.92
N PRO A 9 -11.64 -94.61 7.74
CA PRO A 9 -10.42 -95.37 7.45
C PRO A 9 -9.35 -95.25 8.53
N SER A 10 -8.61 -96.34 8.75
CA SER A 10 -7.64 -96.44 9.83
C SER A 10 -6.54 -95.39 9.65
N GLY A 11 -6.36 -94.55 10.67
CA GLY A 11 -5.29 -93.56 10.70
C GLY A 11 -5.78 -92.15 10.37
N LYS A 12 -6.99 -92.05 9.81
CA LYS A 12 -7.53 -90.76 9.37
C LYS A 12 -8.43 -90.15 10.44
N LYS A 13 -8.60 -90.83 11.57
CA LYS A 13 -9.40 -90.33 12.67
C LYS A 13 -8.75 -89.07 13.23
N ALA A 14 -9.30 -87.91 12.86
CA ALA A 14 -8.67 -86.61 13.13
C ALA A 14 -8.82 -86.27 14.62
N ARG A 15 -7.68 -86.02 15.28
CA ARG A 15 -7.64 -85.64 16.67
C ARG A 15 -7.71 -84.12 16.80
N GLU A 16 -7.38 -83.41 15.71
CA GLU A 16 -7.31 -81.96 15.72
C GLU A 16 -7.76 -81.41 14.37
N ILE A 17 -8.31 -80.19 14.39
CA ILE A 17 -8.68 -79.48 13.18
C ILE A 17 -7.42 -78.78 12.65
N ASP A 18 -7.04 -79.12 11.41
CA ASP A 18 -5.77 -78.69 10.83
C ASP A 18 -5.88 -78.77 9.31
N GLU A 19 -4.76 -78.45 8.64
CA GLU A 19 -4.73 -78.29 7.19
C GLU A 19 -4.77 -79.63 6.46
N SER A 20 -4.55 -80.73 7.19
CA SER A 20 -4.60 -82.08 6.64
C SER A 20 -5.97 -82.40 6.07
N LEU A 21 -7.01 -81.71 6.56
CA LEU A 21 -8.40 -82.06 6.27
C LEU A 21 -8.81 -81.59 4.88
N ILE A 22 -7.94 -80.85 4.18
CA ILE A 22 -8.24 -80.40 2.83
C ILE A 22 -8.05 -81.56 1.85
N PHE A 23 -7.20 -82.53 2.22
CA PHE A 23 -6.95 -83.71 1.41
C PHE A 23 -8.16 -84.67 1.50
N TYR A 24 -8.90 -84.61 2.61
CA TYR A 24 -9.98 -85.55 2.87
C TYR A 24 -11.12 -85.37 1.88
N LYS A 25 -11.82 -86.48 1.61
CA LYS A 25 -13.02 -86.47 0.79
C LYS A 25 -14.21 -86.13 1.68
N LYS A 26 -15.38 -85.91 1.06
CA LYS A 26 -16.56 -85.42 1.76
C LYS A 26 -16.99 -86.41 2.84
N TRP A 27 -17.00 -87.71 2.49
CA TRP A 27 -17.48 -88.73 3.41
C TRP A 27 -16.46 -88.96 4.54
N GLU A 28 -15.18 -88.72 4.24
CA GLU A 28 -14.12 -88.92 5.23
C GLU A 28 -14.26 -87.90 6.36
N LEU A 29 -14.61 -86.66 6.02
CA LEU A 29 -14.84 -85.62 7.01
C LEU A 29 -16.13 -85.92 7.80
N GLU A 30 -17.10 -86.54 7.12
CA GLU A 30 -18.37 -86.91 7.73
C GLU A 30 -18.16 -88.12 8.66
N ALA A 31 -17.15 -88.95 8.35
CA ALA A 31 -16.87 -90.14 9.13
C ALA A 31 -15.91 -89.83 10.28
N CYS A 32 -14.82 -89.11 9.96
CA CYS A 32 -13.67 -89.02 10.85
C CYS A 32 -13.78 -87.83 11.81
N VAL A 33 -14.18 -86.66 11.28
CA VAL A 33 -14.20 -85.44 12.07
C VAL A 33 -15.41 -85.45 13.00
N ASP A 34 -15.14 -85.51 14.31
CA ASP A 34 -16.17 -85.42 15.34
C ASP A 34 -16.69 -83.98 15.38
N ALA A 35 -17.98 -83.84 15.72
CA ALA A 35 -18.62 -82.53 15.73
C ALA A 35 -18.18 -81.73 16.96
N ALA A 36 -18.12 -82.39 18.12
CA ALA A 36 -17.74 -81.76 19.37
C ALA A 36 -16.36 -81.11 19.23
N LEU A 37 -15.44 -81.80 18.53
CA LEU A 37 -14.09 -81.30 18.30
C LEU A 37 -14.13 -80.06 17.41
N LEU A 38 -15.03 -80.05 16.42
CA LEU A 38 -15.13 -78.96 15.47
C LEU A 38 -15.62 -77.70 16.18
N ALA A 39 -16.62 -77.86 17.05
CA ALA A 39 -17.23 -76.74 17.75
C ALA A 39 -16.20 -76.01 18.63
N THR A 40 -15.38 -76.79 19.34
CA THR A 40 -14.36 -76.23 20.21
C THR A 40 -13.30 -75.50 19.40
N GLN A 41 -12.83 -76.13 18.33
CA GLN A 41 -11.75 -75.61 17.51
C GLN A 41 -12.30 -75.05 16.20
N MET A 42 -13.35 -74.22 16.29
CA MET A 42 -14.00 -73.66 15.12
C MET A 42 -13.22 -72.45 14.63
N ASP A 43 -12.36 -71.90 15.50
CA ASP A 43 -11.57 -70.71 15.18
C ASP A 43 -10.48 -71.02 14.15
N ARG A 44 -10.27 -72.31 13.85
CA ARG A 44 -9.21 -72.72 12.94
C ARG A 44 -9.74 -72.84 11.51
N VAL A 45 -11.06 -72.93 11.35
CA VAL A 45 -11.68 -73.30 10.08
C VAL A 45 -11.41 -72.22 9.03
N ASN A 46 -11.54 -70.95 9.42
CA ASN A 46 -11.33 -69.82 8.51
C ASN A 46 -9.89 -69.80 8.00
N ALA A 47 -8.96 -70.38 8.76
CA ALA A 47 -7.56 -70.48 8.36
C ALA A 47 -7.40 -71.55 7.28
N ILE A 48 -8.06 -72.70 7.45
CA ILE A 48 -7.88 -73.84 6.56
C ILE A 48 -8.60 -73.54 5.25
N PRO A 49 -7.93 -73.71 4.08
CA PRO A 49 -8.58 -73.51 2.78
C PRO A 49 -9.42 -74.71 2.35
N PHE A 50 -10.63 -74.81 2.93
CA PHE A 50 -11.55 -75.89 2.60
C PHE A 50 -12.26 -75.60 1.27
N THR A 51 -12.81 -76.65 0.67
CA THR A 51 -13.61 -76.53 -0.54
C THR A 51 -15.05 -76.21 -0.14
N TYR A 52 -15.92 -76.09 -1.15
CA TYR A 52 -17.30 -75.69 -0.93
C TYR A 52 -18.06 -76.77 -0.17
N GLU A 53 -17.95 -78.02 -0.64
CA GLU A 53 -18.70 -79.13 -0.08
C GLU A 53 -18.16 -79.51 1.29
N GLN A 54 -16.86 -79.32 1.50
CA GLN A 54 -16.23 -79.65 2.78
C GLN A 54 -16.83 -78.80 3.89
N LEU A 55 -17.11 -77.52 3.59
CA LEU A 55 -17.71 -76.62 4.56
C LEU A 55 -19.13 -77.05 4.89
N ASP A 56 -19.87 -77.50 3.87
CA ASP A 56 -21.23 -77.97 4.04
C ASP A 56 -21.26 -79.10 5.08
N VAL A 57 -20.24 -79.98 5.03
CA VAL A 57 -20.11 -81.06 5.98
C VAL A 57 -19.90 -80.48 7.37
N LEU A 58 -18.95 -79.54 7.49
CA LEU A 58 -18.64 -78.91 8.76
C LEU A 58 -19.87 -78.21 9.31
N LYS A 59 -20.66 -77.60 8.41
CA LYS A 59 -21.88 -76.90 8.78
C LYS A 59 -22.92 -77.90 9.26
N HIS A 60 -23.01 -79.05 8.57
CA HIS A 60 -23.96 -80.10 8.92
C HIS A 60 -23.67 -80.65 10.32
N LYS A 61 -22.38 -80.72 10.68
CA LYS A 61 -21.96 -81.24 11.97
C LYS A 61 -22.52 -80.38 13.10
N LEU A 62 -22.51 -79.06 12.91
CA LEU A 62 -22.95 -78.13 13.94
C LEU A 62 -24.45 -78.28 14.19
N ASP A 63 -25.22 -78.55 13.12
CA ASP A 63 -26.66 -78.73 13.25
C ASP A 63 -26.95 -79.96 14.09
N GLU A 64 -26.22 -81.05 13.83
CA GLU A 64 -26.35 -82.30 14.58
C GLU A 64 -26.01 -82.06 16.04
N LEU A 65 -24.91 -81.34 16.28
CA LEU A 65 -24.39 -81.09 17.62
C LEU A 65 -25.32 -80.12 18.36
N TYR A 66 -25.72 -79.03 17.66
CA TYR A 66 -26.53 -77.99 18.26
C TYR A 66 -27.87 -77.87 17.51
N PRO A 67 -28.85 -78.77 17.75
CA PRO A 67 -30.17 -78.65 17.13
C PRO A 67 -30.94 -77.37 17.48
N GLN A 68 -30.66 -76.80 18.66
CA GLN A 68 -31.44 -75.69 19.19
C GLN A 68 -30.65 -74.39 19.05
N GLY A 69 -29.93 -74.25 17.92
CA GLY A 69 -29.13 -73.06 17.65
C GLY A 69 -27.75 -73.16 18.29
N TYR A 70 -26.77 -72.53 17.63
CA TYR A 70 -25.39 -72.60 18.06
C TYR A 70 -25.18 -71.67 19.26
N PRO A 71 -24.18 -71.93 20.13
CA PRO A 71 -23.79 -70.98 21.17
C PRO A 71 -22.91 -69.87 20.58
N GLU A 72 -22.75 -68.78 21.35
CA GLU A 72 -21.97 -67.64 20.91
C GLU A 72 -20.49 -68.03 20.80
N SER A 73 -20.09 -69.07 21.53
CA SER A 73 -18.77 -69.66 21.42
C SER A 73 -18.44 -69.94 19.96
N VAL A 74 -19.37 -70.58 19.25
CA VAL A 74 -19.16 -71.03 17.88
C VAL A 74 -19.43 -69.88 16.92
N ILE A 75 -20.52 -69.13 17.16
CA ILE A 75 -21.00 -68.13 16.21
C ILE A 75 -19.87 -67.19 15.82
N GLN A 76 -19.09 -66.73 16.81
CA GLN A 76 -18.03 -65.76 16.61
C GLN A 76 -17.11 -66.15 15.47
N HIS A 77 -16.79 -67.45 15.35
CA HIS A 77 -15.82 -67.91 14.38
C HIS A 77 -16.48 -68.69 13.25
N LEU A 78 -17.70 -68.30 12.86
CA LEU A 78 -18.42 -68.98 11.80
C LEU A 78 -17.75 -68.72 10.45
N GLY A 79 -17.52 -67.42 10.16
CA GLY A 79 -16.86 -67.03 8.93
C GLY A 79 -17.75 -67.22 7.71
N TYR A 80 -17.27 -67.99 6.74
CA TYR A 80 -17.94 -68.16 5.46
C TYR A 80 -19.00 -69.25 5.53
N LEU A 81 -19.17 -69.85 6.72
CA LEU A 81 -20.30 -70.72 7.01
C LEU A 81 -21.57 -69.86 7.15
N PHE A 82 -21.39 -68.60 7.57
CA PHE A 82 -22.49 -67.66 7.73
C PHE A 82 -23.22 -67.45 6.41
N LEU A 83 -22.48 -67.54 5.29
CA LEU A 83 -23.06 -67.35 3.96
C LEU A 83 -24.05 -68.47 3.65
N LYS A 84 -23.75 -69.69 4.12
CA LYS A 84 -24.60 -70.86 3.89
C LYS A 84 -25.48 -71.12 5.11
N MET A 85 -26.05 -70.05 5.67
CA MET A 85 -26.87 -70.14 6.87
C MET A 85 -28.34 -69.92 6.48
N SER A 86 -29.24 -70.67 7.13
CA SER A 86 -30.67 -70.53 6.90
C SER A 86 -31.22 -69.39 7.75
N PRO A 87 -32.28 -68.67 7.30
CA PRO A 87 -32.85 -67.58 8.09
C PRO A 87 -33.49 -68.02 9.41
N GLU A 88 -34.16 -69.18 9.39
CA GLU A 88 -34.86 -69.69 10.57
C GLU A 88 -33.85 -70.07 11.66
N ASP A 89 -32.67 -70.55 11.23
CA ASP A 89 -31.64 -71.01 12.14
C ASP A 89 -31.14 -69.84 13.00
N ILE A 90 -31.00 -68.66 12.38
CA ILE A 90 -30.42 -67.50 13.03
C ILE A 90 -31.37 -66.96 14.09
N ARG A 91 -32.67 -67.25 13.95
CA ARG A 91 -33.68 -66.79 14.89
C ARG A 91 -33.46 -67.39 16.27
N LYS A 92 -32.80 -68.56 16.32
CA LYS A 92 -32.54 -69.25 17.57
C LYS A 92 -31.39 -68.58 18.33
N TRP A 93 -30.48 -67.94 17.60
CA TRP A 93 -29.25 -67.42 18.18
C TRP A 93 -29.55 -66.36 19.23
N ASN A 94 -28.71 -66.34 20.29
CA ASN A 94 -28.80 -65.34 21.35
C ASN A 94 -27.48 -64.57 21.39
N VAL A 95 -27.23 -63.77 20.35
CA VAL A 95 -26.00 -62.99 20.26
C VAL A 95 -26.14 -61.77 21.17
N THR A 96 -25.04 -61.34 21.80
CA THR A 96 -25.05 -60.25 22.76
C THR A 96 -23.90 -59.30 22.49
N SER A 97 -22.67 -59.83 22.49
CA SER A 97 -21.47 -59.03 22.26
C SER A 97 -21.48 -58.46 20.84
N LEU A 98 -21.02 -57.21 20.71
CA LEU A 98 -21.02 -56.51 19.44
C LEU A 98 -19.86 -57.00 18.57
N GLU A 99 -18.80 -57.49 19.21
CA GLU A 99 -17.64 -58.00 18.49
C GLU A 99 -18.05 -59.21 17.65
N THR A 100 -19.02 -59.99 18.16
CA THR A 100 -19.61 -61.08 17.41
C THR A 100 -20.25 -60.54 16.14
N LEU A 101 -21.09 -59.51 16.31
CA LEU A 101 -21.88 -58.95 15.22
C LEU A 101 -20.97 -58.40 14.12
N LYS A 102 -19.84 -57.78 14.50
CA LYS A 102 -18.92 -57.20 13.53
C LYS A 102 -18.38 -58.30 12.62
N ALA A 103 -17.91 -59.40 13.23
CA ALA A 103 -17.26 -60.48 12.50
C ALA A 103 -18.19 -61.06 11.44
N LEU A 104 -19.47 -61.23 11.80
CA LEU A 104 -20.46 -61.80 10.91
C LEU A 104 -20.69 -60.88 9.70
N LEU A 105 -20.82 -59.57 9.95
CA LEU A 105 -21.12 -58.63 8.90
C LEU A 105 -19.91 -58.38 8.00
N GLU A 106 -18.71 -58.74 8.47
CA GLU A 106 -17.48 -58.45 7.76
C GLU A 106 -17.21 -59.47 6.67
N VAL A 107 -17.99 -60.57 6.63
CA VAL A 107 -17.83 -61.57 5.60
C VAL A 107 -18.57 -61.13 4.34
N ASN A 108 -19.62 -60.32 4.51
CA ASN A 108 -20.42 -59.81 3.40
C ASN A 108 -20.14 -58.32 3.21
N LYS A 109 -18.86 -58.00 2.97
CA LYS A 109 -18.45 -56.62 2.70
C LYS A 109 -18.79 -56.27 1.27
N GLY A 110 -19.46 -55.12 1.08
CA GLY A 110 -19.76 -54.59 -0.24
C GLY A 110 -21.18 -54.91 -0.71
N HIS A 111 -21.66 -56.12 -0.40
CA HIS A 111 -22.91 -56.62 -0.92
C HIS A 111 -24.08 -56.00 -0.17
N GLU A 112 -25.29 -56.18 -0.71
CA GLU A 112 -26.51 -55.69 -0.11
C GLU A 112 -26.87 -56.57 1.09
N MET A 113 -27.70 -56.03 1.99
CA MET A 113 -28.12 -56.74 3.18
C MET A 113 -28.82 -58.04 2.78
N SER A 114 -28.12 -59.16 2.94
CA SER A 114 -28.63 -60.48 2.60
C SER A 114 -29.75 -60.86 3.57
N PRO A 115 -30.64 -61.83 3.20
CA PRO A 115 -31.67 -62.32 4.11
C PRO A 115 -31.17 -62.75 5.49
N GLN A 116 -29.96 -63.34 5.51
CA GLN A 116 -29.38 -63.85 6.75
C GLN A 116 -29.02 -62.68 7.67
N VAL A 117 -28.36 -61.66 7.09
CA VAL A 117 -27.91 -60.51 7.85
C VAL A 117 -29.11 -59.76 8.42
N ALA A 118 -30.18 -59.66 7.62
CA ALA A 118 -31.39 -58.97 8.02
C ALA A 118 -31.98 -59.63 9.28
N THR A 119 -32.02 -60.97 9.28
CA THR A 119 -32.63 -61.72 10.36
C THR A 119 -31.74 -61.66 11.61
N LEU A 120 -30.43 -61.51 11.40
CA LEU A 120 -29.47 -61.46 12.50
C LEU A 120 -29.70 -60.20 13.33
N ILE A 121 -29.87 -59.05 12.65
CA ILE A 121 -29.92 -57.77 13.32
C ILE A 121 -31.21 -57.66 14.14
N ASP A 122 -32.33 -58.09 13.55
CA ASP A 122 -33.62 -58.00 14.21
C ASP A 122 -33.59 -58.79 15.53
N ARG A 123 -32.94 -59.96 15.51
CA ARG A 123 -32.80 -60.80 16.69
C ARG A 123 -31.85 -60.14 17.68
N PHE A 124 -30.75 -59.55 17.16
CA PHE A 124 -29.74 -58.90 17.97
C PHE A 124 -30.37 -57.81 18.83
N VAL A 125 -31.17 -56.94 18.18
CA VAL A 125 -31.68 -55.74 18.82
C VAL A 125 -32.76 -56.12 19.84
N LYS A 126 -33.55 -57.16 19.53
CA LYS A 126 -34.56 -57.65 20.47
C LYS A 126 -33.88 -58.10 21.77
N GLY A 127 -32.71 -58.75 21.62
CA GLY A 127 -31.94 -59.22 22.76
C GLY A 127 -31.43 -58.09 23.64
N ARG A 128 -31.00 -56.99 23.00
CA ARG A 128 -30.54 -55.81 23.73
C ARG A 128 -31.70 -55.20 24.49
N GLY A 129 -32.79 -54.91 23.77
CA GLY A 129 -33.95 -54.23 24.32
C GLY A 129 -34.21 -52.91 23.61
N GLN A 130 -33.14 -52.15 23.36
CA GLN A 130 -33.20 -50.88 22.67
C GLN A 130 -32.11 -50.83 21.61
N LEU A 131 -32.23 -49.88 20.68
CA LEU A 131 -31.21 -49.64 19.67
C LEU A 131 -30.16 -48.71 20.26
N ASP A 132 -28.98 -49.27 20.57
CA ASP A 132 -27.92 -48.53 21.25
C ASP A 132 -27.16 -47.67 20.23
N LYS A 133 -26.34 -46.75 20.75
CA LYS A 133 -25.45 -45.95 19.93
C LYS A 133 -24.36 -46.85 19.33
N ASP A 134 -23.78 -47.70 20.18
CA ASP A 134 -22.71 -48.61 19.77
C ASP A 134 -23.22 -49.56 18.69
N THR A 135 -24.48 -49.99 18.82
CA THR A 135 -25.15 -50.84 17.84
C THR A 135 -25.21 -50.11 16.51
N LEU A 136 -25.71 -48.87 16.54
CA LEU A 136 -25.92 -48.08 15.34
C LEU A 136 -24.59 -47.86 14.62
N ASP A 137 -23.53 -47.55 15.38
CA ASP A 137 -22.21 -47.28 14.84
C ASP A 137 -21.78 -48.40 13.89
N THR A 138 -21.94 -49.66 14.34
CA THR A 138 -21.50 -50.81 13.58
C THR A 138 -22.42 -51.06 12.38
N LEU A 139 -23.73 -50.92 12.61
CA LEU A 139 -24.73 -51.13 11.57
C LEU A 139 -24.54 -50.14 10.43
N THR A 140 -24.38 -48.85 10.78
CA THR A 140 -24.30 -47.79 9.79
C THR A 140 -22.98 -47.88 9.01
N ALA A 141 -21.95 -48.42 9.65
CA ALA A 141 -20.64 -48.57 9.03
C ALA A 141 -20.73 -49.49 7.81
N PHE A 142 -21.37 -50.64 8.00
CA PHE A 142 -21.49 -51.65 6.95
C PHE A 142 -22.69 -51.36 6.05
N TYR A 143 -23.80 -50.92 6.67
CA TYR A 143 -25.04 -50.67 5.94
C TYR A 143 -25.56 -49.27 6.28
N PRO A 144 -25.11 -48.23 5.55
CA PRO A 144 -25.51 -46.84 5.82
C PRO A 144 -27.02 -46.61 5.88
N GLY A 145 -27.73 -47.07 4.84
CA GLY A 145 -29.16 -46.87 4.71
C GLY A 145 -29.95 -47.90 5.52
N TYR A 146 -29.79 -47.86 6.84
CA TYR A 146 -30.47 -48.77 7.74
C TYR A 146 -31.68 -48.09 8.39
N LEU A 147 -31.48 -46.87 8.89
CA LEU A 147 -32.50 -46.17 9.66
C LEU A 147 -33.73 -45.91 8.79
N CYS A 148 -33.50 -45.63 7.50
CA CYS A 148 -34.57 -45.34 6.57
C CYS A 148 -35.30 -46.62 6.18
N SER A 149 -34.62 -47.76 6.31
CA SER A 149 -35.22 -49.06 6.00
C SER A 149 -36.19 -49.50 7.11
N LEU A 150 -36.00 -48.96 8.33
CA LEU A 150 -36.90 -49.25 9.44
C LEU A 150 -38.21 -48.52 9.23
N SER A 151 -39.31 -49.17 9.63
CA SER A 151 -40.66 -48.62 9.47
C SER A 151 -40.87 -47.49 10.48
N PRO A 152 -41.57 -46.40 10.10
CA PRO A 152 -41.75 -45.24 10.98
C PRO A 152 -42.07 -45.55 12.44
N GLU A 153 -42.95 -46.54 12.67
CA GLU A 153 -43.41 -46.88 14.01
C GLU A 153 -42.26 -47.50 14.81
N GLU A 154 -41.35 -48.21 14.13
CA GLU A 154 -40.20 -48.83 14.77
C GLU A 154 -39.20 -47.77 15.21
N LEU A 155 -39.16 -46.63 14.48
CA LEU A 155 -38.24 -45.55 14.80
C LEU A 155 -38.72 -44.80 16.04
N SER A 156 -40.00 -44.91 16.39
CA SER A 156 -40.55 -44.26 17.56
C SER A 156 -39.93 -44.83 18.84
N SER A 157 -39.70 -46.15 18.83
CA SER A 157 -39.12 -46.86 19.96
C SER A 157 -37.63 -46.52 20.14
N VAL A 158 -37.00 -45.98 19.09
CA VAL A 158 -35.58 -45.68 19.10
C VAL A 158 -35.30 -44.58 20.13
N PRO A 159 -34.39 -44.80 21.10
CA PRO A 159 -34.04 -43.78 22.10
C PRO A 159 -33.36 -42.55 21.49
N PRO A 160 -33.45 -41.37 22.14
CA PRO A 160 -32.77 -40.15 21.66
C PRO A 160 -31.24 -40.24 21.65
N SER A 161 -30.67 -41.11 22.48
CA SER A 161 -29.23 -41.28 22.60
C SER A 161 -28.63 -41.73 21.27
N SER A 162 -29.32 -42.66 20.58
CA SER A 162 -28.81 -43.30 19.39
C SER A 162 -28.66 -42.33 18.21
N ILE A 163 -29.27 -41.14 18.32
CA ILE A 163 -29.24 -40.17 17.24
C ILE A 163 -27.85 -39.56 17.11
N TRP A 164 -27.01 -39.70 18.15
CA TRP A 164 -25.61 -39.30 18.07
C TRP A 164 -24.92 -40.02 16.91
N ALA A 165 -25.24 -41.30 16.73
CA ALA A 165 -24.56 -42.15 15.77
C ALA A 165 -24.94 -41.82 14.33
N VAL A 166 -26.15 -41.28 14.13
CA VAL A 166 -26.67 -41.01 12.80
C VAL A 166 -25.84 -39.90 12.16
N ARG A 167 -25.63 -40.00 10.85
CA ARG A 167 -24.82 -39.06 10.09
C ARG A 167 -25.67 -38.45 8.97
N PRO A 168 -25.26 -37.29 8.40
CA PRO A 168 -26.02 -36.65 7.32
C PRO A 168 -26.33 -37.54 6.12
N GLN A 169 -25.40 -38.43 5.76
CA GLN A 169 -25.52 -39.24 4.55
C GLN A 169 -26.45 -40.42 4.78
N ASP A 170 -26.77 -40.70 6.05
CA ASP A 170 -27.56 -41.87 6.42
C ASP A 170 -29.04 -41.61 6.19
N LEU A 171 -29.44 -40.34 6.10
CA LEU A 171 -30.85 -39.96 6.02
C LEU A 171 -31.26 -39.62 4.58
N ASP A 172 -30.42 -39.96 3.61
CA ASP A 172 -30.64 -39.58 2.22
C ASP A 172 -31.84 -40.33 1.66
N THR A 173 -32.03 -41.59 2.10
CA THR A 173 -33.07 -42.46 1.56
C THR A 173 -34.36 -42.32 2.36
N CYS A 174 -34.32 -41.56 3.47
CA CYS A 174 -35.46 -41.45 4.37
C CYS A 174 -36.57 -40.61 3.73
N ASP A 175 -37.82 -41.06 3.90
CA ASP A 175 -39.00 -40.32 3.47
C ASP A 175 -39.44 -39.42 4.62
N PRO A 176 -40.19 -38.32 4.35
CA PRO A 176 -40.47 -37.30 5.37
C PRO A 176 -41.24 -37.77 6.60
N ARG A 177 -42.00 -38.87 6.46
CA ARG A 177 -42.77 -39.42 7.57
C ARG A 177 -41.83 -39.94 8.65
N GLN A 178 -40.63 -40.39 8.25
CA GLN A 178 -39.64 -40.87 9.19
C GLN A 178 -38.97 -39.70 9.91
N LEU A 179 -38.73 -38.60 9.17
CA LEU A 179 -38.05 -37.43 9.71
C LEU A 179 -38.93 -36.72 10.74
N ASP A 180 -40.25 -36.89 10.64
CA ASP A 180 -41.19 -36.28 11.58
C ASP A 180 -41.04 -36.94 12.96
N VAL A 181 -40.63 -38.23 12.97
CA VAL A 181 -40.43 -38.97 14.20
C VAL A 181 -39.01 -38.73 14.73
N LEU A 182 -38.06 -38.52 13.82
CA LEU A 182 -36.65 -38.41 14.17
C LEU A 182 -36.31 -37.00 14.67
N TYR A 183 -37.04 -35.98 14.19
CA TYR A 183 -36.74 -34.61 14.55
C TYR A 183 -36.88 -34.38 16.06
N PRO A 184 -38.03 -34.69 16.69
CA PRO A 184 -38.20 -34.47 18.13
C PRO A 184 -37.18 -35.23 18.99
N LYS A 185 -36.73 -36.39 18.49
CA LYS A 185 -35.67 -37.15 19.14
C LYS A 185 -34.35 -36.38 19.04
N ALA A 186 -34.04 -35.91 17.83
CA ALA A 186 -32.82 -35.16 17.58
C ALA A 186 -32.83 -33.86 18.38
N ARG A 187 -34.01 -33.26 18.53
CA ARG A 187 -34.18 -32.03 19.29
C ARG A 187 -33.93 -32.30 20.77
N LEU A 188 -34.45 -33.43 21.27
CA LEU A 188 -34.21 -33.87 22.64
C LEU A 188 -32.75 -34.28 22.81
N ALA A 189 -32.17 -34.89 21.77
CA ALA A 189 -30.81 -35.40 21.83
C ALA A 189 -29.81 -34.26 21.96
N PHE A 190 -29.92 -33.26 21.06
CA PHE A 190 -28.96 -32.17 20.99
C PHE A 190 -29.43 -30.99 21.83
N GLN A 191 -29.73 -31.26 23.12
CA GLN A 191 -30.25 -30.25 24.02
C GLN A 191 -29.10 -29.65 24.82
N ASN A 192 -29.28 -28.41 25.29
CA ASN A 192 -28.27 -27.70 26.08
C ASN A 192 -27.12 -27.26 25.18
N MET A 193 -27.18 -27.60 23.89
CA MET A 193 -26.15 -27.25 22.94
C MET A 193 -26.56 -25.94 22.27
N ASN A 194 -26.02 -24.82 22.79
CA ASN A 194 -26.35 -23.50 22.30
C ASN A 194 -25.55 -23.23 21.03
N GLY A 195 -25.96 -22.17 20.31
CA GLY A 195 -25.20 -21.65 19.18
C GLY A 195 -25.21 -22.57 17.95
N SER A 196 -24.12 -22.48 17.17
CA SER A 196 -23.96 -23.24 15.94
C SER A 196 -23.95 -24.75 16.20
N GLU A 197 -23.60 -25.14 17.43
CA GLU A 197 -23.52 -26.55 17.81
C GLU A 197 -24.91 -27.18 17.70
N TYR A 198 -25.95 -26.38 17.96
CA TYR A 198 -27.33 -26.81 17.73
C TYR A 198 -27.56 -27.03 16.24
N PHE A 199 -27.21 -26.00 15.44
CA PHE A 199 -27.56 -25.90 14.04
C PHE A 199 -26.87 -26.98 13.21
N VAL A 200 -25.55 -27.10 13.37
CA VAL A 200 -24.73 -27.96 12.52
C VAL A 200 -25.28 -29.39 12.50
N LYS A 201 -25.77 -29.86 13.65
CA LYS A 201 -26.18 -31.25 13.81
C LYS A 201 -27.63 -31.46 13.34
N ILE A 202 -28.49 -30.44 13.51
CA ILE A 202 -29.91 -30.59 13.25
C ILE A 202 -30.20 -30.38 11.75
N GLN A 203 -29.22 -29.86 11.01
CA GLN A 203 -29.36 -29.53 9.60
C GLN A 203 -30.26 -30.54 8.88
N SER A 204 -29.97 -31.84 9.08
CA SER A 204 -30.61 -32.90 8.32
C SER A 204 -32.07 -33.07 8.74
N PHE A 205 -32.33 -33.01 10.06
CA PHE A 205 -33.63 -33.35 10.62
C PHE A 205 -34.65 -32.23 10.40
N LEU A 206 -34.20 -31.10 9.84
CA LEU A 206 -35.09 -29.98 9.52
C LEU A 206 -36.15 -30.42 8.50
N GLY A 207 -35.86 -31.49 7.75
CA GLY A 207 -36.80 -32.06 6.80
C GLY A 207 -38.13 -32.45 7.43
N GLY A 208 -38.14 -32.68 8.75
CA GLY A 208 -39.35 -32.97 9.50
C GLY A 208 -39.51 -32.07 10.72
N ALA A 209 -39.45 -30.75 10.48
CA ALA A 209 -39.49 -29.76 11.56
C ALA A 209 -40.73 -28.89 11.43
N PRO A 210 -41.56 -28.75 12.50
CA PRO A 210 -42.71 -27.85 12.49
C PRO A 210 -42.34 -26.38 12.31
N THR A 211 -43.36 -25.54 12.13
CA THR A 211 -43.17 -24.11 11.82
C THR A 211 -42.74 -23.34 13.07
N GLU A 212 -43.17 -23.82 14.25
CA GLU A 212 -42.93 -23.11 15.49
C GLU A 212 -41.43 -23.12 15.83
N ASP A 213 -40.74 -24.19 15.42
CA ASP A 213 -39.32 -24.35 15.70
C ASP A 213 -38.49 -23.58 14.69
N LEU A 214 -39.06 -23.30 13.51
CA LEU A 214 -38.38 -22.55 12.46
C LEU A 214 -38.30 -21.07 12.82
N LYS A 215 -39.32 -20.56 13.51
CA LYS A 215 -39.35 -19.18 13.95
C LYS A 215 -38.30 -18.94 15.04
N ALA A 216 -38.05 -19.98 15.85
CA ALA A 216 -37.07 -19.91 16.92
C ALA A 216 -35.66 -19.79 16.36
N LEU A 217 -35.38 -20.56 15.29
CA LEU A 217 -34.05 -20.63 14.71
C LEU A 217 -33.70 -19.34 13.98
N SER A 218 -34.72 -18.63 13.49
CA SER A 218 -34.52 -17.41 12.70
C SER A 218 -33.74 -16.37 13.49
N GLN A 219 -34.12 -16.17 14.75
CA GLN A 219 -33.68 -15.03 15.55
C GLN A 219 -32.38 -15.32 16.29
N GLN A 220 -31.78 -16.50 16.06
CA GLN A 220 -30.58 -16.90 16.78
C GLN A 220 -29.35 -16.75 15.89
N ASN A 221 -29.50 -16.03 14.77
CA ASN A 221 -28.38 -15.72 13.89
C ASN A 221 -27.69 -17.02 13.46
N VAL A 222 -28.45 -17.90 12.82
CA VAL A 222 -27.97 -19.21 12.39
C VAL A 222 -27.22 -19.08 11.06
N SER A 223 -27.77 -18.24 10.15
CA SER A 223 -27.27 -18.14 8.79
C SER A 223 -27.28 -19.52 8.13
N MET A 224 -28.47 -20.03 7.83
CA MET A 224 -28.68 -21.37 7.29
C MET A 224 -28.26 -21.38 5.82
N ASP A 225 -27.83 -22.55 5.34
CA ASP A 225 -27.46 -22.74 3.94
C ASP A 225 -28.72 -22.77 3.08
N LEU A 226 -28.59 -22.36 1.81
CA LEU A 226 -29.71 -22.30 0.89
C LEU A 226 -30.01 -23.70 0.33
N ALA A 227 -29.04 -24.61 0.42
CA ALA A 227 -29.25 -26.00 0.06
C ALA A 227 -30.22 -26.67 1.05
N THR A 228 -30.07 -26.32 2.34
CA THR A 228 -30.94 -26.82 3.39
C THR A 228 -32.36 -26.28 3.21
N PHE A 229 -32.47 -24.99 2.85
CA PHE A 229 -33.76 -24.33 2.63
C PHE A 229 -34.67 -25.21 1.76
N MET A 230 -34.09 -25.80 0.71
CA MET A 230 -34.85 -26.54 -0.29
C MET A 230 -35.43 -27.82 0.31
N LYS A 231 -34.77 -28.38 1.33
CA LYS A 231 -35.21 -29.64 1.94
C LYS A 231 -35.95 -29.34 3.24
N LEU A 232 -37.05 -28.59 3.14
CA LEU A 232 -37.93 -28.29 4.25
C LEU A 232 -39.36 -28.68 3.89
N ARG A 233 -40.22 -28.78 4.90
CA ARG A 233 -41.61 -29.18 4.73
C ARG A 233 -42.36 -28.03 4.07
N THR A 234 -42.99 -28.32 2.92
CA THR A 234 -43.74 -27.33 2.15
C THR A 234 -44.91 -26.80 2.97
N ASP A 235 -45.55 -27.68 3.75
CA ASP A 235 -46.73 -27.32 4.53
C ASP A 235 -46.33 -26.50 5.76
N ALA A 236 -45.11 -26.73 6.27
CA ALA A 236 -44.66 -26.13 7.51
C ALA A 236 -43.74 -24.93 7.27
N VAL A 237 -43.76 -24.38 6.06
CA VAL A 237 -43.04 -23.14 5.76
C VAL A 237 -44.03 -22.07 5.28
N LEU A 238 -45.34 -22.33 5.44
CA LEU A 238 -46.36 -21.41 5.00
C LEU A 238 -46.59 -20.31 6.05
N PRO A 239 -46.79 -20.66 7.35
CA PRO A 239 -46.99 -19.63 8.38
C PRO A 239 -45.79 -18.73 8.59
N LEU A 240 -44.58 -19.30 8.44
CA LEU A 240 -43.33 -18.57 8.60
C LEU A 240 -43.27 -17.45 7.56
N THR A 241 -42.95 -16.23 8.01
CA THR A 241 -43.01 -15.04 7.17
C THR A 241 -41.74 -14.95 6.32
N VAL A 242 -41.77 -14.04 5.33
CA VAL A 242 -40.63 -13.81 4.45
C VAL A 242 -39.54 -13.08 5.23
N ALA A 243 -39.95 -12.22 6.18
CA ALA A 243 -39.03 -11.56 7.09
C ALA A 243 -38.23 -12.61 7.86
N GLU A 244 -38.93 -13.62 8.38
CA GLU A 244 -38.31 -14.71 9.13
C GLU A 244 -37.41 -15.52 8.20
N VAL A 245 -37.88 -15.77 6.98
CA VAL A 245 -37.14 -16.53 5.98
C VAL A 245 -35.81 -15.83 5.69
N GLN A 246 -35.84 -14.50 5.63
CA GLN A 246 -34.67 -13.71 5.26
C GLN A 246 -33.58 -13.82 6.32
N LYS A 247 -33.97 -14.05 7.58
CA LYS A 247 -33.03 -14.12 8.68
C LYS A 247 -32.25 -15.43 8.65
N LEU A 248 -32.82 -16.45 7.99
CA LEU A 248 -32.13 -17.74 7.85
C LEU A 248 -31.10 -17.69 6.73
N LEU A 249 -31.42 -16.98 5.64
CA LEU A 249 -30.48 -16.77 4.55
C LEU A 249 -29.19 -16.14 5.10
N LYS B 5 93.57 32.38 1.89
CA LYS B 5 92.13 32.76 2.00
C LYS B 5 91.61 32.46 3.41
N THR B 6 92.50 32.55 4.41
CA THR B 6 92.17 32.22 5.79
C THR B 6 91.21 33.26 6.35
N ALA B 7 91.51 34.54 6.11
CA ALA B 7 90.75 35.64 6.68
C ALA B 7 89.48 35.88 5.88
N CYS B 8 88.42 36.34 6.56
CA CYS B 8 87.18 36.73 5.93
C CYS B 8 87.36 38.11 5.27
N PRO B 9 87.01 38.27 3.97
CA PRO B 9 87.05 39.58 3.32
C PRO B 9 86.32 40.66 4.10
N SER B 10 86.85 41.89 4.04
CA SER B 10 86.34 43.02 4.79
C SER B 10 84.90 43.32 4.40
N GLY B 11 83.99 43.30 5.39
CA GLY B 11 82.60 43.66 5.19
C GLY B 11 81.68 42.43 5.12
N LYS B 12 82.27 41.24 4.91
CA LYS B 12 81.50 40.02 4.72
C LYS B 12 81.34 39.26 6.03
N LYS B 13 81.92 39.79 7.13
CA LYS B 13 81.81 39.16 8.43
C LYS B 13 80.34 39.20 8.86
N ALA B 14 79.66 38.05 8.74
CA ALA B 14 78.23 37.97 8.93
C ALA B 14 77.88 38.07 10.41
N ARG B 15 77.02 39.04 10.76
CA ARG B 15 76.56 39.25 12.12
C ARG B 15 75.29 38.44 12.37
N GLU B 16 74.60 38.06 11.28
CA GLU B 16 73.33 37.36 11.37
C GLU B 16 73.22 36.34 10.24
N ILE B 17 72.47 35.26 10.48
CA ILE B 17 72.15 34.28 9.45
C ILE B 17 70.96 34.80 8.64
N ASP B 18 71.16 34.97 7.34
CA ASP B 18 70.16 35.59 6.47
C ASP B 18 70.43 35.15 5.03
N GLU B 19 69.67 35.74 4.08
CA GLU B 19 69.64 35.30 2.70
C GLU B 19 70.87 35.76 1.93
N SER B 20 71.65 36.69 2.51
CA SER B 20 72.86 37.19 1.88
C SER B 20 73.90 36.08 1.69
N LEU B 21 73.79 35.01 2.50
CA LEU B 21 74.82 33.99 2.57
C LEU B 21 74.76 33.03 1.37
N ILE B 22 73.74 33.17 0.52
CA ILE B 22 73.61 32.34 -0.67
C ILE B 22 74.60 32.82 -1.73
N PHE B 23 74.97 34.10 -1.67
CA PHE B 23 75.91 34.70 -2.60
C PHE B 23 77.34 34.26 -2.26
N TYR B 24 77.58 33.90 -0.99
CA TYR B 24 78.90 33.59 -0.49
C TYR B 24 79.43 32.29 -1.13
N LYS B 25 80.75 32.21 -1.26
CA LYS B 25 81.42 31.00 -1.72
C LYS B 25 81.66 30.10 -0.50
N LYS B 26 82.13 28.87 -0.77
CA LYS B 26 82.25 27.85 0.26
C LYS B 26 83.23 28.32 1.35
N TRP B 27 84.36 28.87 0.93
CA TRP B 27 85.42 29.29 1.85
C TRP B 27 84.99 30.52 2.65
N GLU B 28 84.14 31.36 2.04
CA GLU B 28 83.69 32.60 2.67
C GLU B 28 82.80 32.27 3.86
N LEU B 29 81.95 31.25 3.73
CA LEU B 29 81.10 30.79 4.81
C LEU B 29 81.95 30.12 5.89
N GLU B 30 83.03 29.46 5.47
CA GLU B 30 83.95 28.79 6.38
C GLU B 30 84.79 29.83 7.12
N ALA B 31 85.01 30.99 6.50
CA ALA B 31 85.81 32.06 7.08
C ALA B 31 84.96 32.99 7.94
N CYS B 32 83.81 33.41 7.39
CA CYS B 32 83.06 34.54 7.93
C CYS B 32 82.03 34.09 8.96
N VAL B 33 81.28 33.03 8.64
CA VAL B 33 80.18 32.59 9.49
C VAL B 33 80.74 31.86 10.72
N ASP B 34 80.53 32.47 11.90
CA ASP B 34 80.88 31.85 13.17
C ASP B 34 79.91 30.71 13.45
N ALA B 35 80.42 29.67 14.14
CA ALA B 35 79.64 28.47 14.41
C ALA B 35 78.62 28.74 15.52
N ALA B 36 79.05 29.45 16.57
CA ALA B 36 78.20 29.75 17.71
C ALA B 36 76.96 30.51 17.25
N LEU B 37 77.13 31.41 16.28
CA LEU B 37 76.03 32.19 15.72
C LEU B 37 75.07 31.28 14.95
N LEU B 38 75.61 30.28 14.25
CA LEU B 38 74.82 29.39 13.44
C LEU B 38 73.94 28.51 14.34
N ALA B 39 74.51 28.01 15.44
CA ALA B 39 73.81 27.12 16.35
C ALA B 39 72.58 27.80 16.95
N THR B 40 72.75 29.07 17.36
CA THR B 40 71.68 29.84 17.96
C THR B 40 70.58 30.10 16.94
N GLN B 41 70.98 30.52 15.73
CA GLN B 41 70.04 30.91 14.69
C GLN B 41 69.96 29.82 13.61
N MET B 42 69.79 28.56 14.05
CA MET B 42 69.75 27.44 13.14
C MET B 42 68.35 27.31 12.54
N ASP B 43 67.36 27.95 13.18
CA ASP B 43 65.98 27.89 12.75
C ASP B 43 65.76 28.67 11.45
N ARG B 44 66.77 29.43 11.01
CA ARG B 44 66.66 30.26 9.82
C ARG B 44 67.15 29.51 8.58
N VAL B 45 67.91 28.42 8.77
CA VAL B 45 68.64 27.79 7.69
C VAL B 45 67.68 27.19 6.67
N ASN B 46 66.62 26.53 7.14
CA ASN B 46 65.64 25.90 6.28
C ASN B 46 64.93 26.93 5.39
N ALA B 47 64.89 28.19 5.86
CA ALA B 47 64.31 29.29 5.09
C ALA B 47 65.23 29.68 3.94
N ILE B 48 66.54 29.77 4.22
CA ILE B 48 67.50 30.26 3.25
C ILE B 48 67.73 29.18 2.20
N PRO B 49 67.64 29.50 0.89
CA PRO B 49 67.92 28.52 -0.17
C PRO B 49 69.40 28.34 -0.42
N PHE B 50 70.06 27.55 0.45
CA PHE B 50 71.48 27.26 0.33
C PHE B 50 71.70 26.19 -0.74
N THR B 51 72.94 26.11 -1.23
CA THR B 51 73.35 25.07 -2.16
C THR B 51 73.79 23.84 -1.37
N TYR B 52 74.20 22.79 -2.08
CA TYR B 52 74.55 21.52 -1.46
C TYR B 52 75.80 21.67 -0.60
N GLU B 53 76.85 22.27 -1.18
CA GLU B 53 78.15 22.38 -0.51
C GLU B 53 78.07 23.39 0.64
N GLN B 54 77.23 24.41 0.49
CA GLN B 54 77.08 25.44 1.52
C GLN B 54 76.57 24.81 2.81
N LEU B 55 75.64 23.84 2.69
CA LEU B 55 75.08 23.15 3.84
C LEU B 55 76.16 22.29 4.52
N ASP B 56 77.01 21.66 3.71
CA ASP B 56 78.10 20.84 4.23
C ASP B 56 79.00 21.69 5.14
N VAL B 57 79.22 22.95 4.75
CA VAL B 57 80.00 23.88 5.55
C VAL B 57 79.28 24.14 6.88
N LEU B 58 77.97 24.44 6.79
CA LEU B 58 77.17 24.71 7.97
C LEU B 58 77.17 23.48 8.88
N LYS B 59 77.12 22.29 8.27
CA LYS B 59 77.13 21.04 9.02
C LYS B 59 78.49 20.85 9.69
N HIS B 60 79.57 21.20 8.98
CA HIS B 60 80.92 21.06 9.49
C HIS B 60 81.12 21.96 10.71
N LYS B 61 80.48 23.14 10.71
CA LYS B 61 80.59 24.10 11.79
C LYS B 61 80.06 23.50 13.09
N LEU B 62 78.95 22.77 13.00
CA LEU B 62 78.29 22.20 14.16
C LEU B 62 79.17 21.12 14.80
N ASP B 63 79.90 20.37 13.98
CA ASP B 63 80.78 19.32 14.46
C ASP B 63 81.91 19.95 15.27
N GLU B 64 82.49 21.04 14.74
CA GLU B 64 83.55 21.79 15.41
C GLU B 64 83.04 22.32 16.74
N LEU B 65 81.83 22.90 16.72
CA LEU B 65 81.25 23.55 17.89
C LEU B 65 80.83 22.49 18.91
N TYR B 66 80.18 21.42 18.43
CA TYR B 66 79.66 20.37 19.29
C TYR B 66 80.32 19.03 18.94
N PRO B 67 81.57 18.76 19.38
CA PRO B 67 82.20 17.46 19.16
C PRO B 67 81.48 16.27 19.80
N GLN B 68 80.76 16.53 20.90
CA GLN B 68 80.16 15.47 21.69
C GLN B 68 78.66 15.36 21.41
N GLY B 69 78.28 15.58 20.14
CA GLY B 69 76.88 15.54 19.75
C GLY B 69 76.17 16.87 19.97
N TYR B 70 75.18 17.16 19.13
CA TYR B 70 74.50 18.44 19.15
C TYR B 70 73.49 18.44 20.30
N PRO B 71 73.12 19.62 20.85
CA PRO B 71 72.02 19.71 21.80
C PRO B 71 70.67 19.68 21.07
N GLU B 72 69.60 19.46 21.84
CA GLU B 72 68.25 19.38 21.29
C GLU B 72 67.83 20.74 20.76
N SER B 73 68.45 21.81 21.29
CA SER B 73 68.26 23.16 20.77
C SER B 73 68.44 23.19 19.26
N VAL B 74 69.54 22.58 18.79
CA VAL B 74 69.92 22.63 17.39
C VAL B 74 69.17 21.55 16.60
N ILE B 75 69.08 20.35 17.18
CA ILE B 75 68.56 19.18 16.49
C ILE B 75 67.20 19.50 15.87
N GLN B 76 66.33 20.17 16.64
CA GLN B 76 64.96 20.46 16.24
C GLN B 76 64.92 21.10 14.84
N HIS B 77 65.87 21.99 14.54
CA HIS B 77 65.84 22.77 13.32
C HIS B 77 66.94 22.33 12.35
N LEU B 78 67.27 21.04 12.35
CA LEU B 78 68.32 20.51 11.48
C LEU B 78 67.84 20.55 10.03
N GLY B 79 66.65 19.98 9.78
CA GLY B 79 66.06 19.99 8.45
C GLY B 79 66.79 19.02 7.52
N TYR B 80 67.27 19.55 6.38
CA TYR B 80 67.87 18.74 5.34
C TYR B 80 69.36 18.50 5.61
N LEU B 81 69.85 19.00 6.76
CA LEU B 81 71.15 18.60 7.28
C LEU B 81 71.06 17.17 7.82
N PHE B 82 69.87 16.77 8.27
CA PHE B 82 69.62 15.44 8.79
C PHE B 82 69.94 14.38 7.74
N LEU B 83 69.72 14.71 6.46
CA LEU B 83 69.98 13.80 5.36
C LEU B 83 71.47 13.50 5.25
N LYS B 84 72.31 14.51 5.54
CA LYS B 84 73.75 14.37 5.46
C LYS B 84 74.34 14.12 6.84
N MET B 85 73.67 13.24 7.61
CA MET B 85 74.08 12.95 8.98
C MET B 85 74.70 11.55 9.01
N SER B 86 75.75 11.40 9.83
CA SER B 86 76.43 10.12 10.00
C SER B 86 75.69 9.30 11.05
N PRO B 87 75.70 7.95 10.96
CA PRO B 87 75.00 7.11 11.94
C PRO B 87 75.59 7.17 13.35
N GLU B 88 76.92 7.24 13.45
CA GLU B 88 77.62 7.26 14.72
C GLU B 88 77.32 8.57 15.46
N ASP B 89 77.15 9.66 14.70
CA ASP B 89 76.91 10.98 15.26
C ASP B 89 75.59 11.00 16.03
N ILE B 90 74.57 10.32 15.49
CA ILE B 90 73.23 10.35 16.04
C ILE B 90 73.18 9.58 17.35
N ARG B 91 74.13 8.64 17.54
CA ARG B 91 74.18 7.84 18.75
C ARG B 91 74.46 8.71 19.98
N LYS B 92 75.10 9.86 19.77
CA LYS B 92 75.45 10.77 20.85
C LYS B 92 74.22 11.55 21.31
N TRP B 93 73.26 11.76 20.41
CA TRP B 93 72.12 12.64 20.66
C TRP B 93 71.30 12.13 21.85
N ASN B 94 70.77 13.08 22.63
CA ASN B 94 69.89 12.80 23.75
C ASN B 94 68.54 13.46 23.50
N VAL B 95 67.81 12.96 22.50
CA VAL B 95 66.51 13.51 22.15
C VAL B 95 65.48 12.98 23.16
N THR B 96 64.49 13.83 23.49
CA THR B 96 63.49 13.50 24.49
C THR B 96 62.10 13.84 23.99
N SER B 97 61.89 15.11 23.62
CA SER B 97 60.60 15.58 23.14
C SER B 97 60.24 14.90 21.83
N LEU B 98 58.95 14.57 21.67
CA LEU B 98 58.45 13.86 20.50
C LEU B 98 58.33 14.81 19.32
N GLU B 99 58.14 16.11 19.61
CA GLU B 99 58.01 17.13 18.58
C GLU B 99 59.31 17.21 17.79
N THR B 100 60.44 16.97 18.47
CA THR B 100 61.75 16.88 17.82
C THR B 100 61.73 15.72 16.82
N LEU B 101 61.28 14.55 17.28
CA LEU B 101 61.30 13.32 16.50
C LEU B 101 60.47 13.48 15.23
N LYS B 102 59.31 14.17 15.34
CA LYS B 102 58.42 14.33 14.21
C LYS B 102 59.13 15.11 13.11
N ALA B 103 59.77 16.23 13.49
CA ALA B 103 60.40 17.14 12.54
C ALA B 103 61.47 16.41 11.72
N LEU B 104 62.25 15.55 12.39
CA LEU B 104 63.33 14.82 11.76
C LEU B 104 62.79 13.84 10.73
N LEU B 105 61.72 13.12 11.10
CA LEU B 105 61.16 12.08 10.24
C LEU B 105 60.38 12.68 9.08
N GLU B 106 60.02 13.97 9.18
CA GLU B 106 59.18 14.62 8.19
C GLU B 106 60.01 15.10 6.99
N VAL B 107 61.33 15.04 7.09
CA VAL B 107 62.19 15.42 5.97
C VAL B 107 62.30 14.24 5.00
N ASN B 108 62.16 13.01 5.51
CA ASN B 108 62.25 11.80 4.70
C ASN B 108 60.85 11.20 4.54
N LYS B 109 59.91 11.99 4.01
CA LYS B 109 58.56 11.52 3.77
C LYS B 109 58.54 10.67 2.50
N GLY B 110 57.95 9.47 2.59
CA GLY B 110 57.74 8.61 1.45
C GLY B 110 58.78 7.51 1.34
N HIS B 111 60.06 7.84 1.64
CA HIS B 111 61.14 6.90 1.46
C HIS B 111 61.16 5.86 2.57
N GLU B 112 61.97 4.80 2.37
CA GLU B 112 62.16 3.74 3.33
C GLU B 112 63.01 4.26 4.49
N MET B 113 62.93 3.56 5.63
CA MET B 113 63.67 3.93 6.82
C MET B 113 65.16 3.94 6.52
N SER B 114 65.72 5.15 6.37
CA SER B 114 67.12 5.36 6.09
C SER B 114 67.99 4.92 7.28
N PRO B 115 69.29 4.62 7.07
CA PRO B 115 70.20 4.30 8.18
C PRO B 115 70.18 5.30 9.34
N GLN B 116 70.04 6.59 9.01
CA GLN B 116 70.05 7.65 10.00
C GLN B 116 68.81 7.55 10.89
N VAL B 117 67.65 7.40 10.24
CA VAL B 117 66.37 7.35 10.93
C VAL B 117 66.34 6.13 11.85
N ALA B 118 66.89 5.01 11.37
CA ALA B 118 66.93 3.77 12.15
C ALA B 118 67.70 3.98 13.45
N THR B 119 68.84 4.66 13.36
CA THR B 119 69.72 4.86 14.50
C THR B 119 69.09 5.87 15.47
N LEU B 120 68.29 6.79 14.94
CA LEU B 120 67.64 7.82 15.74
C LEU B 120 66.62 7.19 16.70
N ILE B 121 65.81 6.27 16.17
CA ILE B 121 64.69 5.71 16.92
C ILE B 121 65.21 4.84 18.06
N ASP B 122 66.22 4.00 17.77
CA ASP B 122 66.77 3.10 18.76
C ASP B 122 67.32 3.89 19.95
N ARG B 123 67.97 5.03 19.66
CA ARG B 123 68.50 5.90 20.69
C ARG B 123 67.36 6.59 21.45
N PHE B 124 66.33 7.01 20.70
CA PHE B 124 65.18 7.69 21.27
C PHE B 124 64.52 6.82 22.34
N VAL B 125 64.27 5.56 21.99
CA VAL B 125 63.48 4.67 22.84
C VAL B 125 64.30 4.27 24.08
N LYS B 126 65.62 4.12 23.91
CA LYS B 126 66.50 3.82 25.04
C LYS B 126 66.40 4.94 26.07
N GLY B 127 66.35 6.19 25.58
CA GLY B 127 66.23 7.37 26.43
C GLY B 127 64.93 7.39 27.22
N ARG B 128 63.83 6.99 26.59
CA ARG B 128 62.53 6.92 27.24
C ARG B 128 62.57 5.85 28.34
N GLY B 129 62.99 4.64 27.95
CA GLY B 129 63.01 3.50 28.84
C GLY B 129 62.11 2.37 28.34
N GLN B 130 60.91 2.74 27.89
CA GLN B 130 59.94 1.82 27.33
C GLN B 130 59.38 2.41 26.04
N LEU B 131 58.70 1.55 25.25
CA LEU B 131 58.04 1.99 24.04
C LEU B 131 56.65 2.50 24.41
N ASP B 132 56.47 3.83 24.35
CA ASP B 132 55.24 4.47 24.78
C ASP B 132 54.19 4.38 23.67
N LYS B 133 52.95 4.70 24.02
CA LYS B 133 51.86 4.79 23.06
C LYS B 133 52.10 5.97 22.13
N ASP B 134 52.45 7.12 22.72
CA ASP B 134 52.69 8.35 21.98
C ASP B 134 53.84 8.15 21.00
N THR B 135 54.86 7.41 21.44
CA THR B 135 56.00 7.06 20.60
C THR B 135 55.52 6.26 19.39
N LEU B 136 54.74 5.21 19.65
CA LEU B 136 54.27 4.30 18.60
C LEU B 136 53.44 5.08 17.58
N ASP B 137 52.56 5.97 18.06
CA ASP B 137 51.67 6.74 17.21
C ASP B 137 52.46 7.44 16.10
N THR B 138 53.57 8.08 16.47
CA THR B 138 54.37 8.86 15.53
C THR B 138 55.16 7.92 14.61
N LEU B 139 55.72 6.85 15.18
CA LEU B 139 56.51 5.89 14.43
C LEU B 139 55.65 5.21 13.36
N THR B 140 54.45 4.76 13.75
CA THR B 140 53.58 4.00 12.87
C THR B 140 53.01 4.90 11.77
N ALA B 141 52.87 6.20 12.07
CA ALA B 141 52.35 7.16 11.12
C ALA B 141 53.27 7.25 9.90
N PHE B 142 54.58 7.40 10.16
CA PHE B 142 55.57 7.56 9.09
C PHE B 142 56.02 6.21 8.57
N TYR B 143 56.20 5.23 9.48
CA TYR B 143 56.69 3.91 9.14
C TYR B 143 55.76 2.84 9.70
N PRO B 144 54.68 2.47 8.97
CA PRO B 144 53.71 1.48 9.44
C PRO B 144 54.31 0.15 9.91
N GLY B 145 55.15 -0.44 9.04
CA GLY B 145 55.74 -1.74 9.32
C GLY B 145 56.96 -1.64 10.22
N TYR B 146 56.74 -1.19 11.46
CA TYR B 146 57.81 -1.01 12.42
C TYR B 146 57.83 -2.17 13.41
N LEU B 147 56.66 -2.53 13.94
CA LEU B 147 56.54 -3.52 15.00
C LEU B 147 57.04 -4.88 14.50
N CYS B 148 56.77 -5.17 13.22
CA CYS B 148 57.17 -6.43 12.61
C CYS B 148 58.67 -6.44 12.33
N SER B 149 59.27 -5.26 12.20
CA SER B 149 60.70 -5.14 11.95
C SER B 149 61.50 -5.40 13.24
N LEU B 150 60.86 -5.22 14.41
CA LEU B 150 61.49 -5.50 15.68
C LEU B 150 61.59 -7.00 15.87
N SER B 151 62.69 -7.45 16.50
CA SER B 151 62.95 -8.86 16.72
C SER B 151 62.04 -9.38 17.84
N PRO B 152 61.51 -10.62 17.74
CA PRO B 152 60.57 -11.16 18.74
C PRO B 152 60.90 -10.88 20.20
N GLU B 153 62.18 -10.98 20.57
CA GLU B 153 62.58 -10.81 21.96
C GLU B 153 62.44 -9.35 22.38
N GLU B 154 62.62 -8.43 21.42
CA GLU B 154 62.48 -7.00 21.69
C GLU B 154 61.01 -6.65 21.94
N LEU B 155 60.09 -7.41 21.32
CA LEU B 155 58.67 -7.17 21.47
C LEU B 155 58.18 -7.62 22.84
N SER B 156 58.94 -8.50 23.50
CA SER B 156 58.59 -8.98 24.83
C SER B 156 58.67 -7.85 25.84
N SER B 157 59.65 -6.95 25.67
CA SER B 157 59.86 -5.81 26.55
C SER B 157 58.77 -4.75 26.35
N VAL B 158 58.04 -4.81 25.22
CA VAL B 158 57.03 -3.82 24.90
C VAL B 158 55.89 -3.91 25.91
N PRO B 159 55.53 -2.80 26.61
CA PRO B 159 54.41 -2.82 27.55
C PRO B 159 53.05 -3.09 26.89
N PRO B 160 52.06 -3.63 27.64
CA PRO B 160 50.72 -3.85 27.11
C PRO B 160 49.96 -2.59 26.70
N SER B 161 50.33 -1.45 27.31
CA SER B 161 49.68 -0.18 27.03
C SER B 161 49.85 0.23 25.57
N SER B 162 51.04 -0.02 25.00
CA SER B 162 51.40 0.44 23.67
C SER B 162 50.60 -0.26 22.58
N ILE B 163 49.91 -1.36 22.92
CA ILE B 163 49.15 -2.13 21.95
C ILE B 163 47.91 -1.34 21.51
N TRP B 164 47.51 -0.34 22.28
CA TRP B 164 46.44 0.57 21.88
C TRP B 164 46.78 1.21 20.53
N ALA B 165 48.05 1.59 20.35
CA ALA B 165 48.48 2.35 19.19
C ALA B 165 48.51 1.49 17.93
N VAL B 166 48.71 0.17 18.08
CA VAL B 166 48.86 -0.73 16.96
C VAL B 166 47.53 -0.80 16.21
N ARG B 167 47.62 -0.92 14.87
CA ARG B 167 46.45 -0.96 14.01
C ARG B 167 46.47 -2.26 13.19
N PRO B 168 45.32 -2.68 12.62
CA PRO B 168 45.25 -3.92 11.83
C PRO B 168 46.25 -4.02 10.69
N GLN B 169 46.53 -2.88 10.04
CA GLN B 169 47.36 -2.85 8.84
C GLN B 169 48.84 -2.92 9.20
N ASP B 170 49.16 -2.70 10.49
CA ASP B 170 50.54 -2.63 10.95
C ASP B 170 51.13 -4.03 11.13
N LEU B 171 50.26 -5.06 11.23
CA LEU B 171 50.69 -6.41 11.55
C LEU B 171 50.72 -7.29 10.30
N ASP B 172 50.62 -6.68 9.12
CA ASP B 172 50.53 -7.42 7.87
C ASP B 172 51.84 -8.14 7.58
N THR B 173 52.96 -7.51 7.95
CA THR B 173 54.29 -8.01 7.62
C THR B 173 54.81 -8.93 8.74
N CYS B 174 54.08 -9.03 9.85
CA CYS B 174 54.52 -9.78 11.02
C CYS B 174 54.44 -11.28 10.74
N ASP B 175 55.48 -12.00 11.19
CA ASP B 175 55.52 -13.46 11.12
C ASP B 175 54.91 -14.01 12.40
N PRO B 176 54.42 -15.27 12.42
CA PRO B 176 53.63 -15.79 13.55
C PRO B 176 54.35 -15.85 14.89
N ARG B 177 55.70 -15.91 14.86
CA ARG B 177 56.49 -15.95 16.08
C ARG B 177 56.34 -14.64 16.87
N GLN B 178 56.12 -13.54 16.14
CA GLN B 178 55.91 -12.23 16.76
C GLN B 178 54.51 -12.15 17.36
N LEU B 179 53.52 -12.74 16.68
CA LEU B 179 52.13 -12.67 17.11
C LEU B 179 51.92 -13.49 18.39
N ASP B 180 52.78 -14.49 18.61
CA ASP B 180 52.69 -15.33 19.81
C ASP B 180 53.07 -14.50 21.04
N VAL B 181 53.92 -13.49 20.86
CA VAL B 181 54.36 -12.62 21.93
C VAL B 181 53.37 -11.47 22.09
N LEU B 182 52.75 -11.05 20.99
CA LEU B 182 51.89 -9.87 20.97
C LEU B 182 50.48 -10.21 21.47
N TYR B 183 50.04 -11.47 21.29
CA TYR B 183 48.69 -11.87 21.66
C TYR B 183 48.47 -11.71 23.16
N PRO B 184 49.29 -12.32 24.05
CA PRO B 184 49.09 -12.19 25.49
C PRO B 184 49.13 -10.75 26.00
N LYS B 185 49.90 -9.89 25.32
CA LYS B 185 49.93 -8.47 25.60
C LYS B 185 48.59 -7.83 25.23
N ALA B 186 48.11 -8.14 24.02
CA ALA B 186 46.84 -7.63 23.53
C ALA B 186 45.70 -8.13 24.41
N ARG B 187 45.81 -9.37 24.89
CA ARG B 187 44.81 -9.97 25.77
C ARG B 187 44.81 -9.25 27.11
N LEU B 188 45.99 -8.93 27.64
CA LEU B 188 46.12 -8.15 28.87
C LEU B 188 45.67 -6.72 28.63
N ALA B 189 45.94 -6.19 27.43
CA ALA B 189 45.62 -4.81 27.10
C ALA B 189 44.10 -4.60 27.06
N PHE B 190 43.41 -5.45 26.30
CA PHE B 190 41.98 -5.30 26.07
C PHE B 190 41.18 -6.09 27.10
N GLN B 191 41.45 -5.86 28.39
CA GLN B 191 40.84 -6.65 29.46
C GLN B 191 39.54 -6.03 29.98
N ASN B 192 39.53 -4.70 30.17
CA ASN B 192 38.37 -4.00 30.71
C ASN B 192 37.25 -3.94 29.67
N MET B 193 37.47 -4.57 28.51
CA MET B 193 36.50 -4.62 27.43
C MET B 193 35.69 -5.90 27.59
N ASN B 194 34.36 -5.83 27.40
CA ASN B 194 33.52 -7.01 27.21
C ASN B 194 32.81 -6.90 25.87
N GLY B 195 32.17 -7.99 25.43
CA GLY B 195 31.36 -8.00 24.22
C GLY B 195 32.19 -7.90 22.92
N SER B 196 31.60 -7.27 21.89
CA SER B 196 32.24 -7.11 20.60
C SER B 196 33.50 -6.26 20.70
N GLU B 197 33.59 -5.41 21.73
CA GLU B 197 34.73 -4.55 21.93
C GLU B 197 35.98 -5.38 22.18
N TYR B 198 35.83 -6.57 22.78
CA TYR B 198 36.90 -7.56 22.88
C TYR B 198 37.33 -8.00 21.48
N PHE B 199 36.33 -8.45 20.70
CA PHE B 199 36.53 -9.17 19.45
C PHE B 199 37.15 -8.24 18.40
N VAL B 200 36.54 -7.08 18.19
CA VAL B 200 36.90 -6.19 17.09
C VAL B 200 38.40 -5.89 17.10
N LYS B 201 38.98 -5.72 18.30
CA LYS B 201 40.35 -5.29 18.45
C LYS B 201 41.32 -6.47 18.36
N ILE B 202 40.91 -7.66 18.83
CA ILE B 202 41.80 -8.80 18.93
C ILE B 202 41.88 -9.54 17.58
N GLN B 203 40.98 -9.20 16.65
CA GLN B 203 40.89 -9.85 15.35
C GLN B 203 42.27 -10.21 14.81
N SER B 204 43.20 -9.25 14.84
CA SER B 204 44.50 -9.40 14.21
C SER B 204 45.38 -10.38 14.97
N PHE B 205 45.36 -10.28 16.31
CA PHE B 205 46.29 -11.01 17.15
C PHE B 205 45.90 -12.49 17.29
N LEU B 206 44.75 -12.87 16.71
CA LEU B 206 44.31 -14.26 16.71
C LEU B 206 45.31 -15.15 15.98
N GLY B 207 46.12 -14.55 15.10
CA GLY B 207 47.18 -15.26 14.39
C GLY B 207 48.16 -15.97 15.32
N GLY B 208 48.24 -15.50 16.58
CA GLY B 208 49.07 -16.14 17.59
C GLY B 208 48.28 -16.45 18.87
N ALA B 209 47.15 -17.14 18.73
CA ALA B 209 46.24 -17.40 19.83
C ALA B 209 46.13 -18.90 20.09
N PRO B 210 46.34 -19.37 21.35
CA PRO B 210 46.10 -20.78 21.70
C PRO B 210 44.65 -21.22 21.53
N THR B 211 44.42 -22.54 21.66
CA THR B 211 43.12 -23.14 21.43
C THR B 211 42.16 -22.84 22.59
N GLU B 212 42.71 -22.68 23.80
CA GLU B 212 41.90 -22.50 25.00
C GLU B 212 41.16 -21.17 24.94
N ASP B 213 41.77 -20.17 24.29
CA ASP B 213 41.20 -18.84 24.21
C ASP B 213 40.19 -18.77 23.07
N LEU B 214 40.29 -19.69 22.10
CA LEU B 214 39.37 -19.74 20.97
C LEU B 214 38.02 -20.31 21.41
N LYS B 215 38.04 -21.23 22.39
CA LYS B 215 36.81 -21.81 22.92
C LYS B 215 36.03 -20.76 23.72
N ALA B 216 36.76 -19.84 24.35
CA ALA B 216 36.17 -18.78 25.15
C ALA B 216 35.41 -17.80 24.24
N LEU B 217 36.00 -17.47 23.08
CA LEU B 217 35.46 -16.47 22.17
C LEU B 217 34.21 -16.99 21.47
N SER B 218 34.11 -18.32 21.33
CA SER B 218 33.00 -18.95 20.61
C SER B 218 31.67 -18.60 21.25
N GLN B 219 31.60 -18.67 22.58
CA GLN B 219 30.35 -18.64 23.32
C GLN B 219 29.93 -17.21 23.68
N GLN B 220 30.67 -16.22 23.20
CA GLN B 220 30.37 -14.82 23.51
C GLN B 220 29.66 -14.13 22.34
N ASN B 221 29.19 -14.92 21.37
CA ASN B 221 28.43 -14.41 20.24
C ASN B 221 29.23 -13.31 19.54
N VAL B 222 30.44 -13.67 19.07
CA VAL B 222 31.35 -12.71 18.46
C VAL B 222 31.01 -12.56 16.98
N SER B 223 30.64 -13.67 16.32
CA SER B 223 30.36 -13.69 14.90
C SER B 223 31.58 -13.18 14.12
N MET B 224 32.63 -14.00 14.10
CA MET B 224 33.91 -13.65 13.53
C MET B 224 33.81 -13.68 12.01
N ASP B 225 34.65 -12.89 11.34
CA ASP B 225 34.72 -12.86 9.88
C ASP B 225 35.43 -14.12 9.38
N LEU B 226 35.08 -14.54 8.16
CA LEU B 226 35.66 -15.74 7.56
C LEU B 226 37.05 -15.45 6.99
N ALA B 227 37.35 -14.16 6.77
CA ALA B 227 38.67 -13.74 6.36
C ALA B 227 39.66 -13.96 7.51
N THR B 228 39.22 -13.67 8.73
CA THR B 228 40.02 -13.86 9.93
C THR B 228 40.28 -15.35 10.17
N PHE B 229 39.24 -16.18 9.95
CA PHE B 229 39.33 -17.62 10.12
C PHE B 229 40.58 -18.17 9.44
N MET B 230 40.87 -17.68 8.23
CA MET B 230 41.95 -18.19 7.40
C MET B 230 43.31 -17.90 8.03
N LYS B 231 43.41 -16.81 8.81
CA LYS B 231 44.67 -16.42 9.41
C LYS B 231 44.70 -16.85 10.89
N LEU B 232 44.58 -18.16 11.11
CA LEU B 232 44.68 -18.75 12.45
C LEU B 232 45.73 -19.85 12.43
N ARG B 233 46.16 -20.26 13.62
CA ARG B 233 47.18 -21.32 13.76
C ARG B 233 46.53 -22.66 13.41
N THR B 234 47.13 -23.34 12.42
CA THR B 234 46.65 -24.64 11.97
C THR B 234 46.72 -25.67 13.10
N ASP B 235 47.77 -25.57 13.93
CA ASP B 235 47.99 -26.52 15.02
C ASP B 235 47.02 -26.25 16.17
N ALA B 236 46.61 -24.99 16.33
CA ALA B 236 45.82 -24.56 17.48
C ALA B 236 44.34 -24.43 17.12
N VAL B 237 43.92 -25.03 16.00
CA VAL B 237 42.50 -25.11 15.65
C VAL B 237 42.07 -26.57 15.54
N LEU B 238 42.92 -27.49 16.00
CA LEU B 238 42.64 -28.91 15.90
C LEU B 238 41.75 -29.35 17.08
N PRO B 239 42.08 -29.02 18.35
CA PRO B 239 41.25 -29.40 19.49
C PRO B 239 39.85 -28.78 19.47
N LEU B 240 39.76 -27.55 18.97
CA LEU B 240 38.51 -26.81 18.86
C LEU B 240 37.55 -27.58 17.95
N THR B 241 36.31 -27.78 18.41
CA THR B 241 35.35 -28.64 17.75
C THR B 241 34.68 -27.87 16.60
N VAL B 242 33.94 -28.60 15.76
CA VAL B 242 33.23 -28.02 14.63
C VAL B 242 32.02 -27.25 15.16
N ALA B 243 31.43 -27.74 16.26
CA ALA B 243 30.37 -27.04 16.95
C ALA B 243 30.85 -25.65 17.37
N GLU B 244 32.05 -25.60 17.95
CA GLU B 244 32.66 -24.36 18.40
C GLU B 244 32.99 -23.48 17.19
N VAL B 245 33.49 -24.10 16.11
CA VAL B 245 33.84 -23.40 14.88
C VAL B 245 32.60 -22.71 14.32
N GLN B 246 31.45 -23.38 14.40
CA GLN B 246 30.21 -22.89 13.81
C GLN B 246 29.74 -21.62 14.53
N LYS B 247 30.07 -21.50 15.82
CA LYS B 247 29.62 -20.36 16.62
C LYS B 247 30.40 -19.10 16.25
N LEU B 248 31.60 -19.27 15.67
CA LEU B 248 32.42 -18.14 15.26
C LEU B 248 31.95 -17.62 13.90
N LEU B 249 31.63 -18.53 12.97
CA LEU B 249 31.15 -18.14 11.66
C LEU B 249 29.75 -17.57 11.78
N GLY B 250 28.87 -18.28 12.49
CA GLY B 250 27.51 -17.80 12.76
C GLY B 250 26.64 -17.77 11.50
N PRO B 251 26.02 -16.62 11.16
CA PRO B 251 25.17 -16.53 9.97
C PRO B 251 25.94 -16.47 8.64
N HIS B 252 27.09 -15.78 8.65
CA HIS B 252 27.91 -15.61 7.46
C HIS B 252 28.61 -16.94 7.13
N LYS C 5 -73.64 64.42 -19.11
CA LYS C 5 -73.45 63.04 -18.59
C LYS C 5 -72.99 63.08 -17.12
N THR C 6 -73.51 64.06 -16.38
CA THR C 6 -73.11 64.30 -14.99
C THR C 6 -73.60 63.15 -14.10
N ALA C 7 -74.87 62.76 -14.29
CA ALA C 7 -75.51 61.78 -13.43
C ALA C 7 -75.11 60.37 -13.86
N CYS C 8 -75.06 59.46 -12.89
CA CYS C 8 -74.81 58.05 -13.15
C CYS C 8 -76.09 57.41 -13.70
N PRO C 9 -76.04 56.68 -14.84
CA PRO C 9 -77.20 55.96 -15.35
C PRO C 9 -77.86 55.05 -14.31
N SER C 10 -79.19 54.94 -14.37
CA SER C 10 -79.97 54.21 -13.39
C SER C 10 -79.57 52.73 -13.39
N GLY C 11 -79.16 52.24 -12.21
CA GLY C 11 -78.83 50.83 -12.03
C GLY C 11 -77.32 50.57 -12.00
N LYS C 12 -76.53 51.55 -12.46
CA LYS C 12 -75.08 51.40 -12.57
C LYS C 12 -74.38 51.96 -11.33
N LYS C 13 -75.15 52.50 -10.38
CA LYS C 13 -74.58 53.04 -9.15
C LYS C 13 -73.96 51.89 -8.36
N ALA C 14 -72.63 51.79 -8.42
CA ALA C 14 -71.90 50.64 -7.89
C ALA C 14 -71.89 50.69 -6.36
N ARG C 15 -72.38 49.60 -5.74
CA ARG C 15 -72.41 49.47 -4.29
C ARG C 15 -71.13 48.80 -3.79
N GLU C 16 -70.42 48.11 -4.70
CA GLU C 16 -69.22 47.37 -4.35
C GLU C 16 -68.22 47.44 -5.52
N ILE C 17 -66.93 47.34 -5.18
CA ILE C 17 -65.87 47.25 -6.18
C ILE C 17 -65.77 45.80 -6.62
N ASP C 18 -65.94 45.55 -7.93
CA ASP C 18 -65.99 44.19 -8.45
C ASP C 18 -65.67 44.23 -9.94
N GLU C 19 -65.80 43.08 -10.61
CA GLU C 19 -65.33 42.89 -11.97
C GLU C 19 -66.28 43.53 -12.99
N SER C 20 -67.49 43.90 -12.54
CA SER C 20 -68.47 44.55 -13.42
C SER C 20 -67.96 45.88 -13.95
N LEU C 21 -67.00 46.49 -13.23
CA LEU C 21 -66.57 47.85 -13.51
C LEU C 21 -65.64 47.92 -14.73
N ILE C 22 -65.25 46.76 -15.28
CA ILE C 22 -64.41 46.72 -16.47
C ILE C 22 -65.25 47.07 -17.71
N PHE C 23 -66.57 46.81 -17.62
CA PHE C 23 -67.48 47.10 -18.70
C PHE C 23 -67.77 48.61 -18.77
N TYR C 24 -67.62 49.30 -17.63
CA TYR C 24 -67.97 50.71 -17.52
C TYR C 24 -67.04 51.57 -18.37
N LYS C 25 -67.58 52.70 -18.85
CA LYS C 25 -66.79 53.71 -19.54
C LYS C 25 -66.14 54.62 -18.51
N LYS C 26 -65.26 55.51 -18.99
CA LYS C 26 -64.45 56.35 -18.12
C LYS C 26 -65.35 57.26 -17.28
N TRP C 27 -66.35 57.88 -17.93
CA TRP C 27 -67.23 58.82 -17.27
C TRP C 27 -68.16 58.11 -16.29
N GLU C 28 -68.50 56.84 -16.58
CA GLU C 28 -69.41 56.07 -15.75
C GLU C 28 -68.76 55.78 -14.40
N LEU C 29 -67.45 55.48 -14.41
CA LEU C 29 -66.71 55.25 -13.19
C LEU C 29 -66.54 56.56 -12.42
N GLU C 30 -66.43 57.67 -13.16
CA GLU C 30 -66.30 58.99 -12.58
C GLU C 30 -67.64 59.45 -11.98
N ALA C 31 -68.74 58.93 -12.54
CA ALA C 31 -70.08 59.30 -12.09
C ALA C 31 -70.55 58.37 -10.97
N CYS C 32 -70.38 57.07 -11.17
CA CYS C 32 -71.06 56.06 -10.36
C CYS C 32 -70.22 55.66 -9.13
N VAL C 33 -68.92 55.42 -9.34
CA VAL C 33 -68.06 54.89 -8.29
C VAL C 33 -67.72 56.03 -7.31
N ASP C 34 -68.21 55.88 -6.07
CA ASP C 34 -67.88 56.79 -4.99
C ASP C 34 -66.43 56.57 -4.57
N ALA C 35 -65.78 57.64 -4.12
CA ALA C 35 -64.37 57.59 -3.75
C ALA C 35 -64.19 56.88 -2.40
N ALA C 36 -65.06 57.21 -1.45
CA ALA C 36 -65.01 56.63 -0.11
C ALA C 36 -65.07 55.11 -0.19
N LEU C 37 -65.90 54.60 -1.09
CA LEU C 37 -66.07 53.16 -1.29
C LEU C 37 -64.79 52.55 -1.86
N LEU C 38 -64.13 53.29 -2.76
CA LEU C 38 -62.92 52.82 -3.42
C LEU C 38 -61.78 52.69 -2.40
N ALA C 39 -61.65 53.69 -1.52
CA ALA C 39 -60.57 53.74 -0.54
C ALA C 39 -60.65 52.53 0.39
N THR C 40 -61.87 52.21 0.85
CA THR C 40 -62.08 51.10 1.77
C THR C 40 -61.76 49.77 1.08
N GLN C 41 -62.27 49.61 -0.15
CA GLN C 41 -62.14 48.36 -0.89
C GLN C 41 -61.09 48.52 -1.99
N MET C 42 -59.92 49.05 -1.64
CA MET C 42 -58.86 49.30 -2.61
C MET C 42 -58.07 48.01 -2.85
N ASP C 43 -58.21 47.04 -1.93
CA ASP C 43 -57.51 45.77 -2.01
C ASP C 43 -58.05 44.90 -3.14
N ARG C 44 -59.18 45.31 -3.75
CA ARG C 44 -59.82 44.52 -4.80
C ARG C 44 -59.34 44.97 -6.18
N VAL C 45 -58.75 46.17 -6.28
CA VAL C 45 -58.47 46.80 -7.56
C VAL C 45 -57.42 46.00 -8.32
N ASN C 46 -56.38 45.52 -7.63
CA ASN C 46 -55.31 44.76 -8.25
C ASN C 46 -55.85 43.45 -8.85
N ALA C 47 -56.97 42.96 -8.31
CA ALA C 47 -57.61 41.76 -8.82
C ALA C 47 -58.32 42.05 -10.13
N ILE C 48 -59.04 43.19 -10.19
CA ILE C 48 -59.88 43.52 -11.33
C ILE C 48 -58.98 43.93 -12.49
N PRO C 49 -59.16 43.37 -13.71
CA PRO C 49 -58.38 43.77 -14.87
C PRO C 49 -58.92 45.05 -15.52
N PHE C 50 -58.56 46.19 -14.91
CA PHE C 50 -58.96 47.50 -15.41
C PHE C 50 -58.08 47.90 -16.59
N THR C 51 -58.56 48.85 -17.38
CA THR C 51 -57.80 49.43 -18.48
C THR C 51 -56.94 50.57 -17.94
N TYR C 52 -56.18 51.22 -18.82
CA TYR C 52 -55.24 52.26 -18.43
C TYR C 52 -55.99 53.48 -17.90
N GLU C 53 -56.99 53.95 -18.64
CA GLU C 53 -57.71 55.17 -18.32
C GLU C 53 -58.60 54.95 -17.10
N GLN C 54 -59.11 53.72 -16.94
CA GLN C 54 -59.99 53.40 -15.82
C GLN C 54 -59.24 53.58 -14.51
N LEU C 55 -57.96 53.20 -14.48
CA LEU C 55 -57.13 53.35 -13.29
C LEU C 55 -56.90 54.83 -12.99
N ASP C 56 -56.70 55.63 -14.04
CA ASP C 56 -56.49 57.07 -13.88
C ASP C 56 -57.68 57.68 -13.15
N VAL C 57 -58.89 57.20 -13.46
CA VAL C 57 -60.11 57.65 -12.80
C VAL C 57 -60.04 57.27 -11.32
N LEU C 58 -59.72 55.99 -11.05
CA LEU C 58 -59.63 55.50 -9.68
C LEU C 58 -58.57 56.29 -8.91
N LYS C 59 -57.47 56.64 -9.60
CA LYS C 59 -56.39 57.40 -9.00
C LYS C 59 -56.87 58.82 -8.71
N HIS C 60 -57.65 59.40 -9.63
CA HIS C 60 -58.17 60.75 -9.48
C HIS C 60 -59.10 60.83 -8.27
N LYS C 61 -59.85 59.76 -8.02
CA LYS C 61 -60.80 59.71 -6.92
C LYS C 61 -60.07 59.86 -5.58
N LEU C 62 -58.90 59.22 -5.46
CA LEU C 62 -58.14 59.22 -4.22
C LEU C 62 -57.63 60.63 -3.91
N ASP C 63 -57.26 61.38 -4.96
CA ASP C 63 -56.76 62.73 -4.80
C ASP C 63 -57.87 63.62 -4.24
N GLU C 64 -59.08 63.47 -4.80
CA GLU C 64 -60.26 64.21 -4.36
C GLU C 64 -60.55 63.88 -2.90
N LEU C 65 -60.51 62.59 -2.57
CA LEU C 65 -60.86 62.09 -1.25
C LEU C 65 -59.78 62.49 -0.25
N TYR C 66 -58.50 62.28 -0.64
CA TYR C 66 -57.37 62.54 0.24
C TYR C 66 -56.47 63.62 -0.37
N PRO C 67 -56.83 64.92 -0.28
CA PRO C 67 -55.95 66.00 -0.77
C PRO C 67 -54.59 66.09 -0.09
N GLN C 68 -54.53 65.65 1.18
CA GLN C 68 -53.35 65.83 2.01
C GLN C 68 -52.59 64.51 2.13
N GLY C 69 -52.53 63.75 1.03
CA GLY C 69 -51.83 62.48 0.99
C GLY C 69 -52.71 61.34 1.48
N TYR C 70 -52.49 60.14 0.92
CA TYR C 70 -53.29 58.96 1.22
C TYR C 70 -52.88 58.42 2.58
N PRO C 71 -53.77 57.70 3.30
CA PRO C 71 -53.39 56.97 4.50
C PRO C 71 -52.71 55.65 4.14
N GLU C 72 -52.05 55.03 5.13
CA GLU C 72 -51.33 53.78 4.92
C GLU C 72 -52.33 52.65 4.62
N SER C 73 -53.58 52.83 5.07
CA SER C 73 -54.68 51.95 4.73
C SER C 73 -54.73 51.70 3.22
N VAL C 74 -54.67 52.78 2.45
CA VAL C 74 -54.83 52.73 1.00
C VAL C 74 -53.50 52.37 0.34
N ILE C 75 -52.41 52.99 0.82
CA ILE C 75 -51.11 52.89 0.18
C ILE C 75 -50.74 51.43 -0.05
N GLN C 76 -50.96 50.59 0.96
CA GLN C 76 -50.58 49.18 0.92
C GLN C 76 -51.07 48.50 -0.36
N HIS C 77 -52.30 48.83 -0.79
CA HIS C 77 -52.93 48.12 -1.91
C HIS C 77 -53.01 49.03 -3.14
N LEU C 78 -52.01 49.88 -3.33
CA LEU C 78 -51.99 50.78 -4.48
C LEU C 78 -51.76 50.00 -5.77
N GLY C 79 -50.71 49.17 -5.77
CA GLY C 79 -50.37 48.33 -6.91
C GLY C 79 -49.81 49.16 -8.07
N TYR C 80 -50.46 49.05 -9.23
CA TYR C 80 -49.97 49.66 -10.45
C TYR C 80 -50.45 51.10 -10.58
N LEU C 81 -51.16 51.59 -9.55
CA LEU C 81 -51.43 53.01 -9.39
C LEU C 81 -50.15 53.73 -8.99
N PHE C 82 -49.26 53.01 -8.29
CA PHE C 82 -47.99 53.55 -7.83
C PHE C 82 -47.16 54.04 -9.02
N LEU C 83 -47.30 53.37 -10.17
CA LEU C 83 -46.56 53.73 -11.38
C LEU C 83 -46.98 55.10 -11.88
N LYS C 84 -48.28 55.43 -11.72
CA LYS C 84 -48.83 56.70 -12.17
C LYS C 84 -48.93 57.67 -11.00
N MET C 85 -47.88 57.72 -10.17
CA MET C 85 -47.87 58.55 -8.98
C MET C 85 -46.91 59.72 -9.19
N SER C 86 -47.30 60.90 -8.68
CA SER C 86 -46.49 62.09 -8.78
C SER C 86 -45.46 62.10 -7.65
N PRO C 87 -44.26 62.69 -7.85
CA PRO C 87 -43.23 62.72 -6.81
C PRO C 87 -43.61 63.55 -5.58
N GLU C 88 -44.28 64.69 -5.80
CA GLU C 88 -44.66 65.59 -4.73
C GLU C 88 -45.72 64.93 -3.83
N ASP C 89 -46.57 64.10 -4.44
CA ASP C 89 -47.66 63.45 -3.72
C ASP C 89 -47.10 62.50 -2.66
N ILE C 90 -46.00 61.80 -2.99
CA ILE C 90 -45.43 60.78 -2.14
C ILE C 90 -44.77 61.43 -0.92
N ARG C 91 -44.39 62.71 -1.04
CA ARG C 91 -43.75 63.43 0.04
C ARG C 91 -44.69 63.58 1.23
N LYS C 92 -46.01 63.55 0.97
CA LYS C 92 -47.01 63.71 2.00
C LYS C 92 -47.16 62.42 2.81
N TRP C 93 -46.86 61.27 2.20
CA TRP C 93 -47.12 59.97 2.79
C TRP C 93 -46.33 59.80 4.09
N ASN C 94 -46.96 59.10 5.05
CA ASN C 94 -46.32 58.77 6.32
C ASN C 94 -46.28 57.24 6.47
N VAL C 95 -45.45 56.60 5.62
CA VAL C 95 -45.32 55.15 5.64
C VAL C 95 -44.42 54.76 6.82
N THR C 96 -44.73 53.61 7.45
CA THR C 96 -44.02 53.17 8.63
C THR C 96 -43.67 51.69 8.52
N SER C 97 -44.68 50.85 8.30
CA SER C 97 -44.49 49.41 8.20
C SER C 97 -43.67 49.08 6.96
N LEU C 98 -42.77 48.09 7.10
CA LEU C 98 -41.87 47.71 6.00
C LEU C 98 -42.61 46.85 4.99
N GLU C 99 -43.68 46.17 5.42
CA GLU C 99 -44.49 45.35 4.53
C GLU C 99 -45.14 46.23 3.47
N THR C 100 -45.47 47.47 3.83
CA THR C 100 -45.97 48.46 2.90
C THR C 100 -44.90 48.72 1.83
N LEU C 101 -43.67 48.99 2.28
CA LEU C 101 -42.57 49.37 1.42
C LEU C 101 -42.27 48.26 0.41
N LYS C 102 -42.35 46.99 0.85
CA LYS C 102 -42.06 45.86 -0.01
C LYS C 102 -43.04 45.84 -1.19
N ALA C 103 -44.33 45.97 -0.88
CA ALA C 103 -45.39 45.86 -1.87
C ALA C 103 -45.21 46.89 -2.98
N LEU C 104 -44.83 48.12 -2.59
CA LEU C 104 -44.67 49.22 -3.53
C LEU C 104 -43.50 48.93 -4.47
N LEU C 105 -42.38 48.45 -3.92
CA LEU C 105 -41.17 48.23 -4.69
C LEU C 105 -41.31 46.99 -5.59
N GLU C 106 -42.29 46.13 -5.30
CA GLU C 106 -42.44 44.86 -6.00
C GLU C 106 -43.18 45.05 -7.31
N VAL C 107 -43.76 46.24 -7.55
CA VAL C 107 -44.44 46.51 -8.80
C VAL C 107 -43.42 46.90 -9.87
N ASN C 108 -42.28 47.45 -9.44
CA ASN C 108 -41.21 47.87 -10.35
C ASN C 108 -40.03 46.91 -10.21
N LYS C 109 -40.28 45.62 -10.44
CA LYS C 109 -39.23 44.61 -10.40
C LYS C 109 -38.43 44.67 -11.70
N GLY C 110 -37.09 44.73 -11.57
CA GLY C 110 -36.20 44.67 -12.70
C GLY C 110 -35.70 46.04 -13.15
N HIS C 111 -36.60 47.04 -13.11
CA HIS C 111 -36.30 48.37 -13.64
C HIS C 111 -35.41 49.14 -12.67
N GLU C 112 -34.85 50.25 -13.16
CA GLU C 112 -34.01 51.14 -12.37
C GLU C 112 -34.90 51.92 -11.40
N MET C 113 -34.28 52.46 -10.35
CA MET C 113 -34.97 53.23 -9.33
C MET C 113 -35.67 54.43 -9.98
N SER C 114 -37.00 54.31 -10.13
CA SER C 114 -37.82 55.35 -10.72
C SER C 114 -37.87 56.58 -9.82
N PRO C 115 -38.20 57.78 -10.35
CA PRO C 115 -38.36 58.98 -9.52
C PRO C 115 -39.28 58.80 -8.31
N GLN C 116 -40.34 58.02 -8.49
CA GLN C 116 -41.34 57.79 -7.45
C GLN C 116 -40.70 57.00 -6.30
N VAL C 117 -40.00 55.92 -6.67
CA VAL C 117 -39.40 55.02 -5.69
C VAL C 117 -38.34 55.78 -4.89
N ALA C 118 -37.58 56.63 -5.58
CA ALA C 118 -36.53 57.42 -4.95
C ALA C 118 -37.11 58.31 -3.86
N THR C 119 -38.24 58.96 -4.17
CA THR C 119 -38.87 59.91 -3.25
C THR C 119 -39.52 59.16 -2.08
N LEU C 120 -39.94 57.92 -2.32
CA LEU C 120 -40.58 57.10 -1.31
C LEU C 120 -39.59 56.76 -0.20
N ILE C 121 -38.38 56.35 -0.57
CA ILE C 121 -37.39 55.85 0.38
C ILE C 121 -36.92 56.98 1.27
N ASP C 122 -36.63 58.16 0.68
CA ASP C 122 -36.13 59.30 1.42
C ASP C 122 -37.13 59.70 2.50
N ARG C 123 -38.43 59.64 2.16
CA ARG C 123 -39.49 59.96 3.11
C ARG C 123 -39.59 58.87 4.17
N PHE C 124 -39.45 57.61 3.74
CA PHE C 124 -39.54 56.46 4.62
C PHE C 124 -38.50 56.57 5.75
N VAL C 125 -37.25 56.86 5.37
CA VAL C 125 -36.14 56.82 6.30
C VAL C 125 -36.22 58.01 7.25
N LYS C 126 -36.69 59.16 6.77
CA LYS C 126 -36.89 60.33 7.61
C LYS C 126 -37.89 60.00 8.73
N GLY C 127 -38.94 59.24 8.37
CA GLY C 127 -39.95 58.83 9.32
C GLY C 127 -39.41 57.92 10.41
N ARG C 128 -38.51 57.01 10.04
CA ARG C 128 -37.87 56.11 10.99
C ARG C 128 -36.98 56.92 11.94
N GLY C 129 -36.09 57.72 11.35
CA GLY C 129 -35.11 58.50 12.11
C GLY C 129 -33.68 58.10 11.74
N GLN C 130 -33.45 56.77 11.63
CA GLN C 130 -32.17 56.22 11.25
C GLN C 130 -32.38 55.15 10.17
N LEU C 131 -31.30 54.76 9.50
CA LEU C 131 -31.33 53.70 8.52
C LEU C 131 -31.17 52.36 9.24
N ASP C 132 -32.27 51.60 9.32
CA ASP C 132 -32.31 50.35 10.09
C ASP C 132 -31.68 49.23 9.27
N LYS C 133 -31.41 48.11 9.94
CA LYS C 133 -30.93 46.90 9.30
C LYS C 133 -32.05 46.32 8.42
N ASP C 134 -33.26 46.24 9.00
CA ASP C 134 -34.42 45.69 8.32
C ASP C 134 -34.73 46.52 7.08
N THR C 135 -34.56 47.84 7.18
CA THR C 135 -34.75 48.76 6.07
C THR C 135 -33.77 48.40 4.95
N LEU C 136 -32.48 48.28 5.31
CA LEU C 136 -31.42 48.03 4.35
C LEU C 136 -31.68 46.72 3.62
N ASP C 137 -32.08 45.69 4.38
CA ASP C 137 -32.32 44.36 3.83
C ASP C 137 -33.25 44.42 2.63
N THR C 138 -34.36 45.16 2.77
CA THR C 138 -35.38 45.25 1.74
C THR C 138 -34.88 46.11 0.58
N LEU C 139 -34.21 47.23 0.90
CA LEU C 139 -33.69 48.15 -0.10
C LEU C 139 -32.65 47.47 -0.99
N THR C 140 -31.71 46.75 -0.35
CA THR C 140 -30.60 46.14 -1.06
C THR C 140 -31.10 44.96 -1.91
N ALA C 141 -32.18 44.32 -1.48
CA ALA C 141 -32.76 43.20 -2.19
C ALA C 141 -33.23 43.62 -3.58
N PHE C 142 -33.98 44.73 -3.64
CA PHE C 142 -34.54 45.23 -4.89
C PHE C 142 -33.53 46.11 -5.62
N TYR C 143 -32.79 46.93 -4.86
CA TYR C 143 -31.83 47.88 -5.44
C TYR C 143 -30.48 47.71 -4.75
N PRO C 144 -29.61 46.80 -5.24
CA PRO C 144 -28.30 46.54 -4.62
C PRO C 144 -27.43 47.78 -4.43
N GLY C 145 -27.26 48.54 -5.52
CA GLY C 145 -26.40 49.72 -5.51
C GLY C 145 -27.10 50.93 -4.92
N TYR C 146 -27.43 50.86 -3.62
CA TYR C 146 -28.13 51.93 -2.92
C TYR C 146 -27.14 52.73 -2.08
N LEU C 147 -26.28 52.02 -1.32
CA LEU C 147 -25.39 52.65 -0.36
C LEU C 147 -24.41 53.58 -1.07
N CYS C 148 -23.98 53.17 -2.27
CA CYS C 148 -23.03 53.93 -3.05
C CYS C 148 -23.70 55.15 -3.69
N SER C 149 -25.04 55.08 -3.86
CA SER C 149 -25.80 56.18 -4.43
C SER C 149 -25.98 57.29 -3.40
N LEU C 150 -25.90 56.96 -2.11
CA LEU C 150 -25.98 57.95 -1.04
C LEU C 150 -24.71 58.78 -1.01
N SER C 151 -24.85 60.08 -0.71
CA SER C 151 -23.72 61.00 -0.66
C SER C 151 -22.89 60.73 0.59
N PRO C 152 -21.54 60.82 0.52
CA PRO C 152 -20.68 60.51 1.66
C PRO C 152 -21.14 61.03 3.02
N GLU C 153 -21.65 62.26 3.06
CA GLU C 153 -22.05 62.92 4.29
C GLU C 153 -23.29 62.22 4.86
N GLU C 154 -24.15 61.69 3.98
CA GLU C 154 -25.36 60.99 4.41
C GLU C 154 -24.98 59.65 5.03
N LEU C 155 -23.87 59.06 4.59
CA LEU C 155 -23.43 57.76 5.09
C LEU C 155 -22.86 57.92 6.51
N SER C 156 -22.45 59.14 6.88
CA SER C 156 -21.92 59.39 8.21
C SER C 156 -23.00 59.18 9.27
N SER C 157 -24.24 59.58 8.94
CA SER C 157 -25.37 59.45 9.84
C SER C 157 -25.80 57.99 10.00
N VAL C 158 -25.37 57.11 9.09
CA VAL C 158 -25.77 55.72 9.09
C VAL C 158 -25.19 55.04 10.34
N PRO C 159 -26.04 54.39 11.19
CA PRO C 159 -25.54 53.68 12.37
C PRO C 159 -24.65 52.49 12.04
N PRO C 160 -23.74 52.07 12.94
CA PRO C 160 -22.89 50.89 12.74
C PRO C 160 -23.65 49.57 12.61
N SER C 161 -24.85 49.51 13.21
CA SER C 161 -25.68 48.32 13.20
C SER C 161 -26.04 47.90 11.78
N SER C 162 -26.36 48.89 10.93
CA SER C 162 -26.89 48.65 9.59
C SER C 162 -25.84 48.01 8.66
N ILE C 163 -24.57 48.02 9.07
CA ILE C 163 -23.49 47.50 8.24
C ILE C 163 -23.59 45.96 8.18
N TRP C 164 -24.33 45.35 9.12
CA TRP C 164 -24.59 43.93 9.06
C TRP C 164 -25.28 43.57 7.73
N ALA C 165 -26.20 44.43 7.29
CA ALA C 165 -27.03 44.15 6.12
C ALA C 165 -26.25 44.26 4.82
N VAL C 166 -25.19 45.08 4.81
CA VAL C 166 -24.41 45.33 3.60
C VAL C 166 -23.69 44.05 3.19
N ARG C 167 -23.57 43.84 1.88
CA ARG C 167 -22.96 42.64 1.32
C ARG C 167 -21.78 43.05 0.42
N PRO C 168 -20.84 42.12 0.12
CA PRO C 168 -19.69 42.43 -0.72
C PRO C 168 -20.02 43.04 -2.08
N GLN C 169 -21.12 42.59 -2.69
CA GLN C 169 -21.49 42.98 -4.05
C GLN C 169 -22.14 44.36 -4.06
N ASP C 170 -22.52 44.86 -2.89
CA ASP C 170 -23.25 46.11 -2.76
C ASP C 170 -22.29 47.31 -2.86
N LEU C 171 -21.00 47.07 -2.63
CA LEU C 171 -20.01 48.14 -2.53
C LEU C 171 -19.19 48.25 -3.82
N ASP C 172 -19.64 47.59 -4.89
CA ASP C 172 -18.90 47.54 -6.14
C ASP C 172 -18.84 48.91 -6.79
N THR C 173 -19.93 49.68 -6.66
CA THR C 173 -20.09 50.96 -7.33
C THR C 173 -19.55 52.10 -6.45
N CYS C 174 -19.18 51.79 -5.20
CA CYS C 174 -18.77 52.81 -4.25
C CYS C 174 -17.40 53.37 -4.61
N ASP C 175 -17.25 54.70 -4.48
CA ASP C 175 -15.98 55.38 -4.66
C ASP C 175 -15.26 55.42 -3.32
N PRO C 176 -13.92 55.58 -3.30
CA PRO C 176 -13.14 55.43 -2.06
C PRO C 176 -13.48 56.41 -0.93
N ARG C 177 -14.05 57.57 -1.28
CA ARG C 177 -14.43 58.58 -0.30
C ARG C 177 -15.55 58.06 0.59
N GLN C 178 -16.40 57.17 0.04
CA GLN C 178 -17.48 56.56 0.78
C GLN C 178 -16.92 55.48 1.72
N LEU C 179 -15.92 54.73 1.24
CA LEU C 179 -15.35 53.62 2.01
C LEU C 179 -14.59 54.14 3.23
N ASP C 180 -14.10 55.39 3.15
CA ASP C 180 -13.38 55.99 4.26
C ASP C 180 -14.33 56.25 5.43
N VAL C 181 -15.62 56.47 5.12
CA VAL C 181 -16.64 56.71 6.13
C VAL C 181 -17.20 55.38 6.63
N LEU C 182 -17.25 54.38 5.74
CA LEU C 182 -17.88 53.10 6.02
C LEU C 182 -16.96 52.18 6.82
N TYR C 183 -15.63 52.34 6.64
CA TYR C 183 -14.67 51.46 7.29
C TYR C 183 -14.76 51.58 8.82
N PRO C 184 -14.65 52.78 9.42
CA PRO C 184 -14.71 52.90 10.88
C PRO C 184 -16.03 52.40 11.48
N LYS C 185 -17.11 52.50 10.71
CA LYS C 185 -18.40 51.95 11.10
C LYS C 185 -18.33 50.43 11.11
N ALA C 186 -17.79 49.86 10.02
CA ALA C 186 -17.64 48.41 9.89
C ALA C 186 -16.70 47.88 10.98
N ARG C 187 -15.68 48.67 11.31
CA ARG C 187 -14.73 48.30 12.34
C ARG C 187 -15.40 48.28 13.71
N LEU C 188 -16.25 49.30 13.96
CA LEU C 188 -17.04 49.36 15.18
C LEU C 188 -18.10 48.27 15.18
N ALA C 189 -18.65 47.96 14.00
CA ALA C 189 -19.73 46.99 13.87
C ALA C 189 -19.23 45.59 14.21
N PHE C 190 -18.12 45.18 13.57
CA PHE C 190 -17.60 43.83 13.70
C PHE C 190 -16.56 43.77 14.82
N GLN C 191 -16.95 44.22 16.02
CA GLN C 191 -16.03 44.29 17.16
C GLN C 191 -16.19 43.03 18.00
N ASN C 192 -15.11 42.66 18.72
CA ASN C 192 -15.10 41.50 19.59
C ASN C 192 -15.08 40.21 18.78
N MET C 193 -15.11 40.34 17.45
CA MET C 193 -15.11 39.20 16.54
C MET C 193 -13.67 38.92 16.14
N ASN C 194 -13.03 37.99 16.86
CA ASN C 194 -11.62 37.68 16.68
C ASN C 194 -11.44 36.76 15.48
N GLY C 195 -10.19 36.63 15.06
CA GLY C 195 -9.80 35.64 14.04
C GLY C 195 -10.28 35.99 12.63
N SER C 196 -10.52 34.94 11.84
CA SER C 196 -10.95 35.06 10.45
C SER C 196 -12.33 35.72 10.36
N GLU C 197 -13.12 35.63 11.44
CA GLU C 197 -14.46 36.22 11.47
C GLU C 197 -14.37 37.73 11.31
N TYR C 198 -13.28 38.32 11.80
CA TYR C 198 -12.99 39.73 11.57
C TYR C 198 -12.73 39.96 10.08
N PHE C 199 -11.81 39.16 9.52
CA PHE C 199 -11.26 39.35 8.19
C PHE C 199 -12.32 39.18 7.12
N VAL C 200 -13.06 38.06 7.17
CA VAL C 200 -13.97 37.67 6.11
C VAL C 200 -14.96 38.81 5.80
N LYS C 201 -15.41 39.52 6.84
CA LYS C 201 -16.46 40.52 6.71
C LYS C 201 -15.88 41.87 6.29
N ILE C 202 -14.65 42.18 6.72
CA ILE C 202 -14.07 43.50 6.51
C ILE C 202 -13.43 43.59 5.13
N GLN C 203 -13.27 42.44 4.46
CA GLN C 203 -12.60 42.33 3.17
C GLN C 203 -12.88 43.56 2.29
N SER C 204 -14.17 43.92 2.17
CA SER C 204 -14.61 44.95 1.24
C SER C 204 -14.17 46.34 1.70
N PHE C 205 -14.30 46.60 3.01
CA PHE C 205 -14.12 47.94 3.56
C PHE C 205 -12.64 48.30 3.67
N LEU C 206 -11.74 47.35 3.35
CA LEU C 206 -10.31 47.60 3.36
C LEU C 206 -9.95 48.69 2.34
N GLY C 207 -10.81 48.89 1.35
CA GLY C 207 -10.63 49.94 0.36
C GLY C 207 -10.49 51.34 0.97
N GLY C 208 -11.01 51.50 2.20
CA GLY C 208 -10.87 52.75 2.95
C GLY C 208 -10.30 52.53 4.35
N ALA C 209 -9.16 51.84 4.43
CA ALA C 209 -8.56 51.45 5.70
C ALA C 209 -7.20 52.10 5.88
N PRO C 210 -6.93 52.82 7.00
CA PRO C 210 -5.59 53.35 7.29
C PRO C 210 -4.53 52.27 7.47
N THR C 211 -3.27 52.71 7.56
CA THR C 211 -2.12 51.82 7.59
C THR C 211 -1.98 51.15 8.95
N GLU C 212 -2.44 51.83 10.01
CA GLU C 212 -2.27 51.35 11.37
C GLU C 212 -3.10 50.08 11.60
N ASP C 213 -4.24 49.99 10.90
CA ASP C 213 -5.15 48.86 11.05
C ASP C 213 -4.70 47.69 10.19
N LEU C 214 -3.89 47.97 9.15
CA LEU C 214 -3.37 46.94 8.27
C LEU C 214 -2.26 46.16 8.96
N LYS C 215 -1.49 46.83 9.82
CA LYS C 215 -0.42 46.19 10.58
C LYS C 215 -1.01 45.23 11.61
N ALA C 216 -2.21 45.57 12.13
CA ALA C 216 -2.89 44.75 13.12
C ALA C 216 -3.36 43.44 12.49
N LEU C 217 -3.88 43.52 11.25
CA LEU C 217 -4.47 42.37 10.57
C LEU C 217 -3.40 41.38 10.13
N SER C 218 -2.16 41.88 9.92
CA SER C 218 -1.06 41.06 9.43
C SER C 218 -0.78 39.90 10.38
N GLN C 219 -0.74 40.20 11.69
CA GLN C 219 -0.21 39.28 12.68
C GLN C 219 -1.29 38.35 13.23
N GLN C 220 -2.52 38.40 12.67
CA GLN C 220 -3.62 37.59 13.15
C GLN C 220 -3.85 36.39 12.22
N ASN C 221 -2.90 36.12 11.32
CA ASN C 221 -2.95 34.96 10.43
C ASN C 221 -4.26 34.98 9.66
N VAL C 222 -4.48 36.07 8.89
CA VAL C 222 -5.70 36.26 8.14
C VAL C 222 -5.61 35.52 6.80
N SER C 223 -4.43 35.55 6.17
CA SER C 223 -4.23 34.99 4.85
C SER C 223 -5.22 35.62 3.87
N MET C 224 -4.97 36.90 3.55
CA MET C 224 -5.84 37.70 2.71
C MET C 224 -5.70 37.24 1.25
N ASP C 225 -6.77 37.43 0.47
CA ASP C 225 -6.77 37.11 -0.96
C ASP C 225 -5.96 38.17 -1.70
N LEU C 226 -5.39 37.77 -2.85
CA LEU C 226 -4.57 38.67 -3.65
C LEU C 226 -5.46 39.58 -4.50
N ALA C 227 -6.73 39.19 -4.69
CA ALA C 227 -7.70 40.03 -5.37
C ALA C 227 -8.01 41.25 -4.51
N THR C 228 -8.12 41.03 -3.18
CA THR C 228 -8.38 42.09 -2.22
C THR C 228 -7.19 43.05 -2.17
N PHE C 229 -5.96 42.50 -2.20
CA PHE C 229 -4.74 43.29 -2.17
C PHE C 229 -4.81 44.45 -3.15
N MET C 230 -5.33 44.18 -4.35
CA MET C 230 -5.33 45.15 -5.44
C MET C 230 -6.26 46.32 -5.12
N LYS C 231 -7.31 46.08 -4.31
CA LYS C 231 -8.26 47.13 -3.98
C LYS C 231 -7.96 47.69 -2.59
N LEU C 232 -6.75 48.26 -2.43
CA LEU C 232 -6.35 48.92 -1.20
C LEU C 232 -5.87 50.34 -1.52
N ARG C 233 -5.78 51.17 -0.47
CA ARG C 233 -5.37 52.55 -0.62
C ARG C 233 -3.88 52.60 -0.93
N THR C 234 -3.52 53.21 -2.06
CA THR C 234 -2.14 53.29 -2.51
C THR C 234 -1.30 54.09 -1.51
N ASP C 235 -1.90 55.14 -0.93
CA ASP C 235 -1.20 56.02 0.00
C ASP C 235 -1.02 55.35 1.35
N ALA C 236 -1.96 54.44 1.71
CA ALA C 236 -1.99 53.85 3.02
C ALA C 236 -1.41 52.43 3.02
N VAL C 237 -0.63 52.09 1.98
CA VAL C 237 0.10 50.83 1.96
C VAL C 237 1.60 51.11 1.83
N LEU C 238 2.01 52.37 2.00
CA LEU C 238 3.40 52.76 1.86
C LEU C 238 4.16 52.49 3.17
N PRO C 239 3.66 52.92 4.36
CA PRO C 239 4.36 52.67 5.61
C PRO C 239 4.46 51.19 5.97
N LEU C 240 3.43 50.41 5.60
CA LEU C 240 3.38 48.98 5.86
C LEU C 240 4.54 48.30 5.14
N THR C 241 5.28 47.45 5.87
CA THR C 241 6.52 46.89 5.34
C THR C 241 6.20 45.66 4.48
N VAL C 242 7.23 45.17 3.77
CA VAL C 242 7.10 44.01 2.91
C VAL C 242 6.97 42.76 3.77
N ALA C 243 7.62 42.77 4.96
CA ALA C 243 7.46 41.70 5.93
C ALA C 243 5.99 41.55 6.31
N GLU C 244 5.35 42.69 6.59
CA GLU C 244 3.95 42.75 6.96
C GLU C 244 3.09 42.33 5.78
N VAL C 245 3.45 42.78 4.57
CA VAL C 245 2.72 42.45 3.35
C VAL C 245 2.72 40.94 3.14
N GLN C 246 3.85 40.29 3.44
CA GLN C 246 4.02 38.87 3.20
C GLN C 246 3.09 38.06 4.10
N LYS C 247 2.76 38.58 5.29
CA LYS C 247 1.94 37.87 6.24
C LYS C 247 0.48 37.86 5.79
N LEU C 248 0.09 38.82 4.93
CA LEU C 248 -1.27 38.90 4.42
C LEU C 248 -1.45 37.92 3.25
N LEU C 249 -0.45 37.86 2.35
CA LEU C 249 -0.49 36.96 1.22
C LEU C 249 -0.35 35.51 1.71
N GLY C 250 0.65 35.27 2.56
CA GLY C 250 0.84 33.97 3.18
C GLY C 250 1.28 32.91 2.17
N PRO C 251 0.58 31.75 2.06
CA PRO C 251 0.96 30.70 1.11
C PRO C 251 0.58 31.03 -0.34
N HIS C 252 1.52 31.64 -1.08
CA HIS C 252 1.30 32.07 -2.45
C HIS C 252 0.34 33.27 -2.45
N LYS D 5 -43.03 58.09 -30.92
CA LYS D 5 -44.35 58.74 -31.15
C LYS D 5 -44.56 58.99 -32.64
N THR D 6 -44.10 58.06 -33.47
CA THR D 6 -44.19 58.16 -34.92
C THR D 6 -45.66 58.06 -35.35
N ALA D 7 -46.03 58.88 -36.33
CA ALA D 7 -47.40 58.95 -36.82
C ALA D 7 -47.68 57.80 -37.78
N CYS D 8 -48.94 57.37 -37.81
CA CYS D 8 -49.41 56.36 -38.75
C CYS D 8 -49.58 57.00 -40.13
N PRO D 9 -49.01 56.40 -41.20
CA PRO D 9 -49.21 56.90 -42.56
C PRO D 9 -50.68 57.08 -42.93
N SER D 10 -50.96 58.11 -43.73
CA SER D 10 -52.32 58.48 -44.09
C SER D 10 -53.01 57.34 -44.84
N GLY D 11 -54.15 56.89 -44.31
CA GLY D 11 -54.96 55.87 -44.94
C GLY D 11 -54.80 54.49 -44.31
N LYS D 12 -53.74 54.31 -43.51
CA LYS D 12 -53.41 53.02 -42.93
C LYS D 12 -53.98 52.90 -41.51
N LYS D 13 -54.66 53.94 -41.02
CA LYS D 13 -55.28 53.91 -39.71
C LYS D 13 -56.39 52.87 -39.70
N ALA D 14 -56.09 51.71 -39.11
CA ALA D 14 -56.96 50.54 -39.20
C ALA D 14 -58.20 50.73 -38.33
N ARG D 15 -59.38 50.61 -38.95
CA ARG D 15 -60.65 50.73 -38.26
C ARG D 15 -61.11 49.36 -37.77
N GLU D 16 -60.56 48.29 -38.35
CA GLU D 16 -60.96 46.92 -38.04
C GLU D 16 -59.75 46.01 -38.13
N ILE D 17 -59.78 44.92 -37.35
CA ILE D 17 -58.77 43.88 -37.40
C ILE D 17 -59.13 42.94 -38.55
N ASP D 18 -58.23 42.80 -39.53
CA ASP D 18 -58.51 42.05 -40.74
C ASP D 18 -57.18 41.62 -41.37
N GLU D 19 -57.25 41.02 -42.57
CA GLU D 19 -56.12 40.37 -43.21
C GLU D 19 -55.17 41.39 -43.83
N SER D 20 -55.61 42.65 -43.95
CA SER D 20 -54.78 43.71 -44.50
C SER D 20 -53.54 43.95 -43.65
N LEU D 21 -53.59 43.58 -42.37
CA LEU D 21 -52.56 43.93 -41.41
C LEU D 21 -51.31 43.05 -41.57
N ILE D 22 -51.37 42.03 -42.44
CA ILE D 22 -50.21 41.18 -42.69
C ILE D 22 -49.21 41.93 -43.57
N PHE D 23 -49.70 42.87 -44.37
CA PHE D 23 -48.86 43.68 -45.23
C PHE D 23 -48.09 44.73 -44.43
N TYR D 24 -48.65 45.12 -43.26
CA TYR D 24 -48.09 46.18 -42.45
C TYR D 24 -46.73 45.78 -41.89
N LYS D 25 -45.86 46.77 -41.67
CA LYS D 25 -44.60 46.59 -40.98
C LYS D 25 -44.83 46.68 -39.47
N LYS D 26 -43.78 46.36 -38.70
CA LYS D 26 -43.89 46.27 -37.26
C LYS D 26 -44.31 47.61 -36.66
N TRP D 27 -43.68 48.69 -37.13
CA TRP D 27 -43.93 50.03 -36.60
C TRP D 27 -45.32 50.52 -37.00
N GLU D 28 -45.81 50.07 -38.16
CA GLU D 28 -47.10 50.51 -38.69
C GLU D 28 -48.21 49.97 -37.80
N LEU D 29 -48.07 48.72 -37.34
CA LEU D 29 -49.04 48.12 -36.43
C LEU D 29 -48.95 48.79 -35.06
N GLU D 30 -47.74 49.22 -34.69
CA GLU D 30 -47.51 49.91 -33.42
C GLU D 30 -48.07 51.33 -33.48
N ALA D 31 -48.12 51.91 -34.69
CA ALA D 31 -48.60 53.26 -34.88
C ALA D 31 -50.11 53.29 -35.12
N CYS D 32 -50.59 52.40 -36.00
CA CYS D 32 -51.93 52.51 -36.56
C CYS D 32 -52.95 51.75 -35.73
N VAL D 33 -52.62 50.51 -35.33
CA VAL D 33 -53.57 49.63 -34.66
C VAL D 33 -53.72 50.06 -33.20
N ASP D 34 -54.93 50.53 -32.85
CA ASP D 34 -55.27 50.89 -31.49
C ASP D 34 -55.41 49.61 -30.67
N ALA D 35 -55.08 49.69 -29.38
CA ALA D 35 -55.09 48.54 -28.48
C ALA D 35 -56.53 48.16 -28.12
N ALA D 36 -57.35 49.17 -27.82
CA ALA D 36 -58.75 48.96 -27.44
C ALA D 36 -59.49 48.18 -28.52
N LEU D 37 -59.18 48.49 -29.79
CA LEU D 37 -59.81 47.82 -30.92
C LEU D 37 -59.36 46.36 -30.98
N LEU D 38 -58.09 46.11 -30.66
CA LEU D 38 -57.52 44.77 -30.72
C LEU D 38 -58.17 43.87 -29.66
N ALA D 39 -58.35 44.41 -28.45
CA ALA D 39 -58.89 43.66 -27.33
C ALA D 39 -60.30 43.17 -27.64
N THR D 40 -61.12 44.07 -28.22
CA THR D 40 -62.50 43.74 -28.55
C THR D 40 -62.55 42.68 -29.65
N GLN D 41 -61.74 42.87 -30.69
CA GLN D 41 -61.74 41.99 -31.86
C GLN D 41 -60.52 41.08 -31.84
N MET D 42 -60.27 40.44 -30.68
CA MET D 42 -59.11 39.57 -30.51
C MET D 42 -59.39 38.19 -31.09
N ASP D 43 -60.68 37.89 -31.30
CA ASP D 43 -61.12 36.60 -31.82
C ASP D 43 -60.75 36.44 -33.29
N ARG D 44 -60.30 37.52 -33.94
CA ARG D 44 -59.98 37.50 -35.36
C ARG D 44 -58.50 37.17 -35.59
N VAL D 45 -57.67 37.33 -34.55
CA VAL D 45 -56.22 37.31 -34.70
C VAL D 45 -55.75 35.92 -35.14
N ASN D 46 -56.32 34.87 -34.54
CA ASN D 46 -55.94 33.49 -34.84
C ASN D 46 -56.26 33.16 -36.31
N ALA D 47 -57.22 33.89 -36.91
CA ALA D 47 -57.57 33.71 -38.31
C ALA D 47 -56.49 34.33 -39.20
N ILE D 48 -56.03 35.52 -38.83
CA ILE D 48 -55.09 36.28 -39.67
C ILE D 48 -53.72 35.62 -39.57
N PRO D 49 -53.05 35.32 -40.71
CA PRO D 49 -51.71 34.75 -40.69
C PRO D 49 -50.63 35.82 -40.46
N PHE D 50 -50.46 36.21 -39.20
CA PHE D 50 -49.46 37.20 -38.81
C PHE D 50 -48.08 36.54 -38.73
N THR D 51 -47.04 37.38 -38.79
CA THR D 51 -45.67 36.93 -38.62
C THR D 51 -45.34 36.91 -37.13
N TYR D 52 -44.09 36.53 -36.80
CA TYR D 52 -43.68 36.36 -35.41
C TYR D 52 -43.66 37.72 -34.70
N GLU D 53 -43.02 38.71 -35.32
CA GLU D 53 -42.81 40.02 -34.71
C GLU D 53 -44.13 40.78 -34.64
N GLN D 54 -45.01 40.55 -35.62
CA GLN D 54 -46.30 41.23 -35.67
C GLN D 54 -47.12 40.88 -34.43
N LEU D 55 -47.06 39.60 -34.01
CA LEU D 55 -47.78 39.14 -32.84
C LEU D 55 -47.21 39.79 -31.57
N ASP D 56 -45.89 39.95 -31.52
CA ASP D 56 -45.23 40.57 -30.39
C ASP D 56 -45.78 41.98 -30.19
N VAL D 57 -46.05 42.69 -31.30
CA VAL D 57 -46.63 44.01 -31.26
C VAL D 57 -48.04 43.92 -30.66
N LEU D 58 -48.84 42.99 -31.19
CA LEU D 58 -50.20 42.79 -30.72
C LEU D 58 -50.19 42.44 -29.23
N LYS D 59 -49.20 41.64 -28.81
CA LYS D 59 -49.06 41.24 -27.43
C LYS D 59 -48.68 42.45 -26.58
N HIS D 60 -47.79 43.30 -27.11
CA HIS D 60 -47.34 44.49 -26.40
C HIS D 60 -48.51 45.44 -26.15
N LYS D 61 -49.44 45.51 -27.11
CA LYS D 61 -50.60 46.39 -27.02
C LYS D 61 -51.46 46.01 -25.81
N LEU D 62 -51.63 44.71 -25.57
CA LEU D 62 -52.48 44.23 -24.50
C LEU D 62 -51.88 44.60 -23.14
N ASP D 63 -50.54 44.57 -23.04
CA ASP D 63 -49.87 44.91 -21.79
C ASP D 63 -50.11 46.37 -21.46
N GLU D 64 -50.00 47.24 -22.48
CA GLU D 64 -50.25 48.67 -22.34
C GLU D 64 -51.70 48.90 -21.90
N LEU D 65 -52.63 48.20 -22.56
CA LEU D 65 -54.06 48.36 -22.34
C LEU D 65 -54.44 47.78 -20.97
N TYR D 66 -53.92 46.58 -20.67
CA TYR D 66 -54.26 45.87 -19.44
C TYR D 66 -52.99 45.64 -18.61
N PRO D 67 -52.47 46.67 -17.88
CA PRO D 67 -51.32 46.46 -17.00
C PRO D 67 -51.54 45.45 -15.88
N GLN D 68 -52.80 45.29 -15.44
CA GLN D 68 -53.14 44.51 -14.26
C GLN D 68 -53.69 43.14 -14.67
N GLY D 69 -53.16 42.57 -15.76
CA GLY D 69 -53.63 41.30 -16.27
C GLY D 69 -54.83 41.46 -17.20
N TYR D 70 -54.93 40.56 -18.17
CA TYR D 70 -55.98 40.64 -19.19
C TYR D 70 -57.30 40.14 -18.60
N PRO D 71 -58.46 40.58 -19.13
CA PRO D 71 -59.74 39.99 -18.76
C PRO D 71 -59.96 38.66 -19.49
N GLU D 72 -60.95 37.89 -19.02
CA GLU D 72 -61.26 36.60 -19.61
C GLU D 72 -61.82 36.78 -21.01
N SER D 73 -62.39 37.97 -21.28
CA SER D 73 -62.82 38.35 -22.61
C SER D 73 -61.71 38.10 -23.64
N VAL D 74 -60.49 38.56 -23.31
CA VAL D 74 -59.36 38.49 -24.23
C VAL D 74 -58.70 37.11 -24.14
N ILE D 75 -58.53 36.60 -22.92
CA ILE D 75 -57.75 35.40 -22.67
C ILE D 75 -58.23 34.27 -23.58
N GLN D 76 -59.56 34.10 -23.69
CA GLN D 76 -60.15 33.00 -24.43
C GLN D 76 -59.58 32.90 -25.85
N HIS D 77 -59.33 34.05 -26.50
CA HIS D 77 -58.93 34.07 -27.88
C HIS D 77 -57.47 34.50 -28.03
N LEU D 78 -56.62 34.12 -27.06
CA LEU D 78 -55.21 34.48 -27.09
C LEU D 78 -54.50 33.72 -28.21
N GLY D 79 -54.68 32.40 -28.23
CA GLY D 79 -54.09 31.55 -29.25
C GLY D 79 -52.59 31.42 -29.09
N TYR D 80 -51.84 31.79 -30.15
CA TYR D 80 -50.40 31.60 -30.20
C TYR D 80 -49.68 32.75 -29.53
N LEU D 81 -50.43 33.72 -28.98
CA LEU D 81 -49.88 34.73 -28.09
C LEU D 81 -49.55 34.08 -26.75
N PHE D 82 -50.28 33.03 -26.39
CA PHE D 82 -50.09 32.31 -25.15
C PHE D 82 -48.67 31.74 -25.07
N LEU D 83 -48.10 31.38 -26.24
CA LEU D 83 -46.76 30.82 -26.31
C LEU D 83 -45.73 31.86 -25.87
N LYS D 84 -45.98 33.13 -26.22
CA LYS D 84 -45.07 34.22 -25.92
C LYS D 84 -45.55 34.97 -24.67
N MET D 85 -45.98 34.21 -23.65
CA MET D 85 -46.53 34.80 -22.43
C MET D 85 -45.51 34.62 -21.29
N SER D 86 -45.42 35.63 -20.42
CA SER D 86 -44.54 35.60 -19.28
C SER D 86 -45.22 34.86 -18.12
N PRO D 87 -44.47 34.17 -17.24
CA PRO D 87 -45.08 33.43 -16.13
C PRO D 87 -45.76 34.32 -15.08
N GLU D 88 -45.14 35.47 -14.79
CA GLU D 88 -45.64 36.40 -13.80
C GLU D 88 -46.97 37.01 -14.26
N ASP D 89 -47.10 37.21 -15.57
CA ASP D 89 -48.28 37.83 -16.15
C ASP D 89 -49.51 36.96 -15.90
N ILE D 90 -49.34 35.63 -16.00
CA ILE D 90 -50.45 34.69 -15.92
C ILE D 90 -50.96 34.62 -14.48
N ARG D 91 -50.10 34.99 -13.51
CA ARG D 91 -50.46 34.94 -12.10
C ARG D 91 -51.59 35.94 -11.81
N LYS D 92 -51.70 36.99 -12.63
CA LYS D 92 -52.72 38.02 -12.46
C LYS D 92 -54.09 37.49 -12.90
N TRP D 93 -54.10 36.57 -13.87
CA TRP D 93 -55.34 36.13 -14.50
C TRP D 93 -56.29 35.49 -13.49
N ASN D 94 -57.60 35.72 -13.68
CA ASN D 94 -58.63 35.13 -12.85
C ASN D 94 -59.54 34.26 -13.73
N VAL D 95 -58.99 33.15 -14.25
CA VAL D 95 -59.72 32.26 -15.11
C VAL D 95 -60.63 31.38 -14.25
N THR D 96 -61.81 31.06 -14.78
CA THR D 96 -62.84 30.32 -14.05
C THR D 96 -63.43 29.23 -14.95
N SER D 97 -63.95 29.63 -16.12
CA SER D 97 -64.57 28.71 -17.06
C SER D 97 -63.53 27.72 -17.58
N LEU D 98 -63.95 26.46 -17.74
CA LEU D 98 -63.05 25.39 -18.16
C LEU D 98 -62.82 25.47 -19.66
N GLU D 99 -63.79 26.04 -20.39
CA GLU D 99 -63.68 26.18 -21.84
C GLU D 99 -62.51 27.10 -22.18
N THR D 100 -62.26 28.08 -21.31
CA THR D 100 -61.08 28.94 -21.44
C THR D 100 -59.81 28.09 -21.34
N LEU D 101 -59.75 27.26 -20.30
CA LEU D 101 -58.58 26.46 -19.99
C LEU D 101 -58.25 25.51 -21.16
N LYS D 102 -59.29 24.94 -21.77
CA LYS D 102 -59.09 23.99 -22.87
C LYS D 102 -58.38 24.68 -24.02
N ALA D 103 -58.88 25.86 -24.41
CA ALA D 103 -58.38 26.58 -25.57
C ALA D 103 -56.89 26.89 -25.42
N LEU D 104 -56.49 27.28 -24.20
CA LEU D 104 -55.10 27.64 -23.92
C LEU D 104 -54.20 26.41 -24.06
N LEU D 105 -54.63 25.27 -23.52
CA LEU D 105 -53.82 24.07 -23.49
C LEU D 105 -53.76 23.42 -24.88
N GLU D 106 -54.69 23.80 -25.77
CA GLU D 106 -54.80 23.16 -27.08
C GLU D 106 -53.80 23.74 -28.07
N VAL D 107 -53.13 24.84 -27.70
CA VAL D 107 -52.11 25.44 -28.56
C VAL D 107 -50.80 24.69 -28.39
N ASN D 108 -50.58 24.10 -27.21
CA ASN D 108 -49.37 23.35 -26.92
C ASN D 108 -49.68 21.85 -26.88
N LYS D 109 -50.23 21.32 -27.98
CA LYS D 109 -50.55 19.90 -28.05
C LYS D 109 -49.27 19.13 -28.37
N GLY D 110 -48.99 18.09 -27.58
CA GLY D 110 -47.86 17.20 -27.84
C GLY D 110 -46.66 17.51 -26.97
N HIS D 111 -46.38 18.82 -26.75
CA HIS D 111 -45.21 19.23 -26.00
C HIS D 111 -45.39 19.01 -24.51
N GLU D 112 -44.27 19.09 -23.77
CA GLU D 112 -44.27 18.95 -22.32
C GLU D 112 -44.86 20.21 -21.69
N MET D 113 -45.30 20.08 -20.44
CA MET D 113 -45.91 21.17 -19.70
C MET D 113 -44.91 22.33 -19.60
N SER D 114 -45.15 23.37 -20.41
CA SER D 114 -44.31 24.55 -20.44
C SER D 114 -44.46 25.33 -19.14
N PRO D 115 -43.47 26.21 -18.79
CA PRO D 115 -43.58 27.06 -17.60
C PRO D 115 -44.88 27.86 -17.51
N GLN D 116 -45.37 28.32 -18.67
CA GLN D 116 -46.58 29.12 -18.73
C GLN D 116 -47.80 28.29 -18.33
N VAL D 117 -47.89 27.08 -18.90
CA VAL D 117 -49.02 26.19 -18.67
C VAL D 117 -49.05 25.80 -17.19
N ALA D 118 -47.85 25.53 -16.63
CA ALA D 118 -47.73 25.15 -15.23
C ALA D 118 -48.31 26.23 -14.32
N THR D 119 -47.99 27.50 -14.62
CA THR D 119 -48.41 28.61 -13.78
C THR D 119 -49.91 28.86 -13.95
N LEU D 120 -50.45 28.53 -15.13
CA LEU D 120 -51.86 28.72 -15.42
C LEU D 120 -52.72 27.81 -14.53
N ILE D 121 -52.32 26.54 -14.42
CA ILE D 121 -53.13 25.54 -13.76
C ILE D 121 -53.17 25.82 -12.25
N ASP D 122 -52.01 26.14 -11.67
CA ASP D 122 -51.92 26.40 -10.24
C ASP D 122 -52.83 27.56 -9.85
N ARG D 123 -52.90 28.59 -10.70
CA ARG D 123 -53.76 29.73 -10.48
C ARG D 123 -55.23 29.33 -10.66
N PHE D 124 -55.49 28.50 -11.69
CA PHE D 124 -56.83 28.03 -12.00
C PHE D 124 -57.44 27.33 -10.80
N VAL D 125 -56.69 26.39 -10.22
CA VAL D 125 -57.20 25.50 -9.18
C VAL D 125 -57.40 26.28 -7.88
N LYS D 126 -56.52 27.26 -7.61
CA LYS D 126 -56.66 28.12 -6.44
C LYS D 126 -57.99 28.87 -6.52
N GLY D 127 -58.33 29.32 -7.73
CA GLY D 127 -59.58 30.05 -7.97
C GLY D 127 -60.81 29.18 -7.70
N ARG D 128 -60.75 27.90 -8.10
CA ARG D 128 -61.84 26.96 -7.86
C ARG D 128 -61.99 26.74 -6.36
N GLY D 129 -60.88 26.37 -5.70
CA GLY D 129 -60.88 26.02 -4.30
C GLY D 129 -60.43 24.58 -4.07
N GLN D 130 -60.96 23.67 -4.90
CA GLN D 130 -60.63 22.25 -4.86
C GLN D 130 -60.35 21.76 -6.27
N LEU D 131 -59.73 20.58 -6.36
CA LEU D 131 -59.49 19.93 -7.64
C LEU D 131 -60.72 19.14 -8.04
N ASP D 132 -61.46 19.64 -9.03
CA ASP D 132 -62.74 19.07 -9.44
C ASP D 132 -62.48 17.87 -10.34
N LYS D 133 -63.53 17.08 -10.58
CA LYS D 133 -63.50 15.97 -11.52
C LYS D 133 -63.38 16.52 -12.94
N ASP D 134 -64.19 17.54 -13.25
CA ASP D 134 -64.21 18.16 -14.57
C ASP D 134 -62.85 18.78 -14.88
N THR D 135 -62.21 19.36 -13.85
CA THR D 135 -60.88 19.92 -13.96
C THR D 135 -59.89 18.82 -14.35
N LEU D 136 -59.92 17.71 -13.60
CA LEU D 136 -58.99 16.60 -13.79
C LEU D 136 -59.14 16.04 -15.20
N ASP D 137 -60.38 15.88 -15.66
CA ASP D 137 -60.68 15.31 -16.97
C ASP D 137 -59.90 16.03 -18.07
N THR D 138 -59.90 17.37 -18.02
CA THR D 138 -59.27 18.18 -19.04
C THR D 138 -57.75 18.14 -18.88
N LEU D 139 -57.28 18.21 -17.63
CA LEU D 139 -55.85 18.20 -17.33
C LEU D 139 -55.21 16.89 -17.77
N THR D 140 -55.86 15.76 -17.43
CA THR D 140 -55.32 14.44 -17.70
C THR D 140 -55.34 14.14 -19.20
N ALA D 141 -56.30 14.75 -19.92
CA ALA D 141 -56.43 14.55 -21.35
C ALA D 141 -55.18 15.05 -22.07
N PHE D 142 -54.75 16.28 -21.73
CA PHE D 142 -53.60 16.91 -22.37
C PHE D 142 -52.30 16.48 -21.69
N TYR D 143 -52.32 16.38 -20.37
CA TYR D 143 -51.13 16.04 -19.59
C TYR D 143 -51.45 14.88 -18.65
N PRO D 144 -51.31 13.62 -19.10
CA PRO D 144 -51.61 12.45 -18.28
C PRO D 144 -50.91 12.41 -16.92
N GLY D 145 -49.59 12.60 -16.94
CA GLY D 145 -48.77 12.54 -15.73
C GLY D 145 -48.80 13.85 -14.96
N TYR D 146 -49.99 14.21 -14.44
CA TYR D 146 -50.19 15.44 -13.70
C TYR D 146 -50.23 15.14 -12.20
N LEU D 147 -50.99 14.10 -11.82
CA LEU D 147 -51.22 13.79 -10.41
C LEU D 147 -49.92 13.41 -9.73
N CYS D 148 -49.03 12.74 -10.48
CA CYS D 148 -47.74 12.31 -9.96
C CYS D 148 -46.78 13.49 -9.85
N SER D 149 -47.02 14.54 -10.64
CA SER D 149 -46.20 15.74 -10.61
C SER D 149 -46.51 16.59 -9.38
N LEU D 150 -47.72 16.43 -8.82
CA LEU D 150 -48.12 17.13 -7.61
C LEU D 150 -47.38 16.53 -6.41
N SER D 151 -47.02 17.40 -5.45
CA SER D 151 -46.31 16.98 -4.25
C SER D 151 -47.28 16.23 -3.32
N PRO D 152 -46.82 15.16 -2.63
CA PRO D 152 -47.68 14.36 -1.76
C PRO D 152 -48.66 15.13 -0.88
N GLU D 153 -48.19 16.25 -0.30
CA GLU D 153 -48.99 17.04 0.62
C GLU D 153 -50.15 17.71 -0.13
N GLU D 154 -49.91 18.06 -1.40
CA GLU D 154 -50.93 18.71 -2.22
C GLU D 154 -52.03 17.70 -2.58
N LEU D 155 -51.68 16.41 -2.65
CA LEU D 155 -52.63 15.37 -3.00
C LEU D 155 -53.56 15.10 -1.82
N SER D 156 -53.14 15.46 -0.60
CA SER D 156 -53.96 15.27 0.59
C SER D 156 -55.23 16.13 0.51
N SER D 157 -55.08 17.35 -0.03
CA SER D 157 -56.18 18.29 -0.17
C SER D 157 -57.16 17.85 -1.25
N VAL D 158 -56.74 16.93 -2.13
CA VAL D 158 -57.57 16.49 -3.25
C VAL D 158 -58.78 15.73 -2.71
N PRO D 159 -60.02 16.13 -3.06
CA PRO D 159 -61.23 15.42 -2.61
C PRO D 159 -61.32 13.99 -3.15
N PRO D 160 -62.04 13.08 -2.45
CA PRO D 160 -62.23 11.70 -2.93
C PRO D 160 -63.01 11.59 -4.25
N SER D 161 -63.85 12.58 -4.54
CA SER D 161 -64.66 12.60 -5.74
C SER D 161 -63.81 12.58 -7.01
N SER D 162 -62.70 13.32 -6.99
CA SER D 162 -61.86 13.53 -8.16
C SER D 162 -61.13 12.25 -8.58
N ILE D 163 -61.13 11.22 -7.73
CA ILE D 163 -60.44 9.97 -8.02
C ILE D 163 -61.18 9.21 -9.12
N TRP D 164 -62.46 9.55 -9.36
CA TRP D 164 -63.21 8.99 -10.47
C TRP D 164 -62.48 9.27 -11.79
N ALA D 165 -61.91 10.48 -11.92
CA ALA D 165 -61.32 10.94 -13.16
C ALA D 165 -59.99 10.24 -13.45
N VAL D 166 -59.29 9.80 -12.39
CA VAL D 166 -57.97 9.20 -12.53
C VAL D 166 -58.09 7.87 -13.26
N ARG D 167 -57.09 7.56 -14.09
CA ARG D 167 -57.08 6.35 -14.89
C ARG D 167 -55.84 5.52 -14.56
N PRO D 168 -55.82 4.21 -14.89
CA PRO D 168 -54.66 3.35 -14.60
C PRO D 168 -53.32 3.86 -15.13
N GLN D 169 -53.34 4.48 -16.31
CA GLN D 169 -52.12 4.90 -16.99
C GLN D 169 -51.57 6.20 -16.40
N ASP D 170 -52.39 6.88 -15.59
CA ASP D 170 -52.04 8.18 -15.05
C ASP D 170 -51.12 8.05 -13.84
N LEU D 171 -51.08 6.85 -13.23
CA LEU D 171 -50.35 6.63 -11.99
C LEU D 171 -49.02 5.92 -12.25
N ASP D 172 -48.60 5.85 -13.51
CA ASP D 172 -47.41 5.11 -13.89
C ASP D 172 -46.16 5.78 -13.34
N THR D 173 -46.16 7.11 -13.30
CA THR D 173 -45.00 7.89 -12.90
C THR D 173 -45.00 8.15 -11.39
N CYS D 174 -46.08 7.77 -10.71
CA CYS D 174 -46.23 8.07 -9.28
C CYS D 174 -45.29 7.21 -8.44
N ASP D 175 -44.68 7.84 -7.43
CA ASP D 175 -43.84 7.15 -6.46
C ASP D 175 -44.74 6.69 -5.31
N PRO D 176 -44.33 5.66 -4.53
CA PRO D 176 -45.22 5.02 -3.54
C PRO D 176 -45.73 5.94 -2.43
N ARG D 177 -45.00 7.02 -2.13
CA ARG D 177 -45.38 7.96 -1.10
C ARG D 177 -46.68 8.68 -1.49
N GLN D 178 -46.90 8.86 -2.80
CA GLN D 178 -48.11 9.48 -3.31
C GLN D 178 -49.28 8.51 -3.23
N LEU D 179 -49.01 7.22 -3.50
CA LEU D 179 -50.04 6.20 -3.52
C LEU D 179 -50.57 5.93 -2.12
N ASP D 180 -49.76 6.21 -1.10
CA ASP D 180 -50.16 6.02 0.29
C ASP D 180 -51.25 7.02 0.66
N VAL D 181 -51.23 8.19 0.01
CA VAL D 181 -52.21 9.24 0.24
C VAL D 181 -53.44 9.00 -0.64
N LEU D 182 -53.23 8.42 -1.82
CA LEU D 182 -54.29 8.25 -2.81
C LEU D 182 -55.15 7.02 -2.52
N TYR D 183 -54.57 6.00 -1.87
CA TYR D 183 -55.27 4.76 -1.61
C TYR D 183 -56.49 5.00 -0.71
N PRO D 184 -56.35 5.62 0.49
CA PRO D 184 -57.50 5.85 1.37
C PRO D 184 -58.60 6.70 0.73
N LYS D 185 -58.20 7.61 -0.17
CA LYS D 185 -59.15 8.39 -0.93
C LYS D 185 -59.92 7.49 -1.91
N ALA D 186 -59.18 6.65 -2.63
CA ALA D 186 -59.76 5.72 -3.58
C ALA D 186 -60.67 4.73 -2.86
N ARG D 187 -60.27 4.34 -1.64
CA ARG D 187 -61.04 3.42 -0.82
C ARG D 187 -62.36 4.09 -0.41
N LEU D 188 -62.27 5.36 -0.01
CA LEU D 188 -63.45 6.15 0.35
C LEU D 188 -64.29 6.42 -0.91
N ALA D 189 -63.62 6.63 -2.05
CA ALA D 189 -64.29 6.98 -3.29
C ALA D 189 -65.16 5.81 -3.78
N PHE D 190 -64.55 4.61 -3.86
CA PHE D 190 -65.19 3.45 -4.43
C PHE D 190 -65.88 2.63 -3.32
N GLN D 191 -66.73 3.30 -2.52
CA GLN D 191 -67.37 2.66 -1.38
C GLN D 191 -68.75 2.15 -1.78
N ASN D 192 -69.24 1.12 -1.06
CA ASN D 192 -70.55 0.53 -1.28
C ASN D 192 -70.54 -0.31 -2.55
N MET D 193 -69.39 -0.32 -3.26
CA MET D 193 -69.23 -1.08 -4.49
C MET D 193 -68.65 -2.45 -4.12
N ASN D 194 -69.54 -3.43 -4.00
CA ASN D 194 -69.17 -4.79 -3.62
C ASN D 194 -68.63 -5.52 -4.85
N GLY D 195 -68.00 -6.67 -4.59
CA GLY D 195 -67.57 -7.59 -5.64
C GLY D 195 -66.39 -7.07 -6.47
N SER D 196 -66.36 -7.51 -7.74
CA SER D 196 -65.29 -7.16 -8.67
C SER D 196 -65.27 -5.66 -8.96
N GLU D 197 -66.41 -4.99 -8.76
CA GLU D 197 -66.51 -3.55 -8.99
C GLU D 197 -65.56 -2.79 -8.06
N TYR D 198 -65.34 -3.35 -6.86
CA TYR D 198 -64.34 -2.82 -5.93
C TYR D 198 -62.95 -3.02 -6.53
N PHE D 199 -62.67 -4.27 -6.93
CA PHE D 199 -61.34 -4.73 -7.30
C PHE D 199 -60.84 -4.02 -8.55
N VAL D 200 -61.66 -4.03 -9.62
CA VAL D 200 -61.24 -3.58 -10.94
C VAL D 200 -60.66 -2.16 -10.86
N LYS D 201 -61.27 -1.30 -10.02
CA LYS D 201 -60.92 0.11 -9.96
C LYS D 201 -59.71 0.35 -9.04
N ILE D 202 -59.58 -0.46 -7.97
CA ILE D 202 -58.57 -0.23 -6.94
C ILE D 202 -57.24 -0.83 -7.37
N GLN D 203 -57.24 -1.65 -8.44
CA GLN D 203 -56.05 -2.35 -8.91
C GLN D 203 -54.79 -1.50 -8.78
N SER D 204 -54.87 -0.25 -9.23
CA SER D 204 -53.71 0.63 -9.33
C SER D 204 -53.25 1.09 -7.95
N PHE D 205 -54.20 1.44 -7.08
CA PHE D 205 -53.93 2.07 -5.80
C PHE D 205 -53.40 1.07 -4.78
N LEU D 206 -53.38 -0.22 -5.13
CA LEU D 206 -52.84 -1.27 -4.27
C LEU D 206 -51.36 -1.02 -3.98
N GLY D 207 -50.70 -0.25 -4.87
CA GLY D 207 -49.31 0.16 -4.68
C GLY D 207 -49.05 0.86 -3.35
N GLY D 208 -50.11 1.44 -2.76
CA GLY D 208 -50.02 2.07 -1.45
C GLY D 208 -51.11 1.58 -0.51
N ALA D 209 -51.18 0.25 -0.34
CA ALA D 209 -52.22 -0.38 0.46
C ALA D 209 -51.59 -1.11 1.65
N PRO D 210 -52.05 -0.85 2.89
CA PRO D 210 -51.57 -1.58 4.07
C PRO D 210 -51.87 -3.08 4.03
N THR D 211 -51.30 -3.82 5.00
CA THR D 211 -51.36 -5.27 5.02
C THR D 211 -52.76 -5.75 5.45
N GLU D 212 -53.44 -4.95 6.28
CA GLU D 212 -54.73 -5.33 6.84
C GLU D 212 -55.78 -5.43 5.75
N ASP D 213 -55.64 -4.60 4.71
CA ASP D 213 -56.61 -4.54 3.62
C ASP D 213 -56.32 -5.64 2.60
N LEU D 214 -55.07 -6.14 2.59
CA LEU D 214 -54.68 -7.20 1.67
C LEU D 214 -55.23 -8.54 2.13
N LYS D 215 -55.35 -8.73 3.46
CA LYS D 215 -55.90 -9.95 4.02
C LYS D 215 -57.40 -10.03 3.73
N ALA D 216 -58.06 -8.87 3.67
CA ALA D 216 -59.48 -8.79 3.39
C ALA D 216 -59.78 -9.23 1.95
N LEU D 217 -58.92 -8.80 1.02
CA LEU D 217 -59.13 -9.05 -0.40
C LEU D 217 -58.89 -10.52 -0.75
N SER D 218 -58.06 -11.19 0.05
CA SER D 218 -57.67 -12.57 -0.22
C SER D 218 -58.90 -13.49 -0.24
N GLN D 219 -59.78 -13.31 0.76
CA GLN D 219 -60.84 -14.26 1.04
C GLN D 219 -62.11 -13.96 0.25
N GLN D 220 -62.07 -12.96 -0.64
CA GLN D 220 -63.25 -12.54 -1.38
C GLN D 220 -63.17 -13.05 -2.82
N ASN D 221 -62.26 -14.00 -3.10
CA ASN D 221 -62.17 -14.62 -4.41
C ASN D 221 -61.99 -13.54 -5.48
N VAL D 222 -60.92 -12.76 -5.35
CA VAL D 222 -60.62 -11.67 -6.28
C VAL D 222 -59.90 -12.22 -7.51
N SER D 223 -58.99 -13.18 -7.30
CA SER D 223 -58.14 -13.70 -8.35
C SER D 223 -57.38 -12.56 -9.03
N MET D 224 -56.41 -12.01 -8.28
CA MET D 224 -55.64 -10.84 -8.70
C MET D 224 -54.65 -11.24 -9.79
N ASP D 225 -54.31 -10.27 -10.64
CA ASP D 225 -53.33 -10.47 -11.70
C ASP D 225 -51.93 -10.52 -11.08
N LEU D 226 -51.01 -11.24 -11.75
CA LEU D 226 -49.65 -11.41 -11.27
C LEU D 226 -48.82 -10.17 -11.60
N ALA D 227 -49.29 -9.37 -12.57
CA ALA D 227 -48.66 -8.10 -12.90
C ALA D 227 -48.84 -7.12 -11.74
N THR D 228 -50.04 -7.14 -11.14
CA THR D 228 -50.36 -6.30 -10.00
C THR D 228 -49.53 -6.71 -8.79
N PHE D 229 -49.37 -8.02 -8.59
CA PHE D 229 -48.59 -8.57 -7.48
C PHE D 229 -47.25 -7.86 -7.36
N MET D 230 -46.60 -7.62 -8.50
CA MET D 230 -45.25 -7.08 -8.54
C MET D 230 -45.22 -5.64 -8.03
N LYS D 231 -46.33 -4.91 -8.20
CA LYS D 231 -46.39 -3.51 -7.81
C LYS D 231 -47.12 -3.39 -6.46
N LEU D 232 -46.56 -4.01 -5.43
CA LEU D 232 -47.08 -3.91 -4.08
C LEU D 232 -45.96 -3.45 -3.13
N ARG D 233 -46.37 -2.98 -1.95
CA ARG D 233 -45.44 -2.47 -0.95
C ARG D 233 -44.66 -3.64 -0.34
N THR D 234 -43.33 -3.58 -0.44
CA THR D 234 -42.46 -4.62 0.06
C THR D 234 -42.60 -4.78 1.57
N ASP D 235 -42.80 -3.66 2.27
CA ASP D 235 -42.89 -3.66 3.73
C ASP D 235 -44.26 -4.18 4.17
N ALA D 236 -45.28 -3.97 3.33
CA ALA D 236 -46.66 -4.28 3.70
C ALA D 236 -47.13 -5.60 3.10
N VAL D 237 -46.17 -6.45 2.66
CA VAL D 237 -46.50 -7.80 2.21
C VAL D 237 -45.75 -8.81 3.06
N LEU D 238 -45.16 -8.37 4.18
CA LEU D 238 -44.40 -9.25 5.05
C LEU D 238 -45.34 -9.99 6.00
N PRO D 239 -46.27 -9.31 6.72
CA PRO D 239 -47.18 -10.01 7.63
C PRO D 239 -48.14 -10.97 6.93
N LEU D 240 -48.56 -10.61 5.70
CA LEU D 240 -49.48 -11.44 4.94
C LEU D 240 -48.79 -12.77 4.61
N THR D 241 -49.50 -13.87 4.84
CA THR D 241 -48.92 -15.21 4.73
C THR D 241 -48.90 -15.65 3.27
N VAL D 242 -48.18 -16.75 3.00
CA VAL D 242 -48.09 -17.32 1.68
C VAL D 242 -49.42 -17.99 1.31
N ALA D 243 -50.11 -18.53 2.32
CA ALA D 243 -51.46 -19.05 2.16
C ALA D 243 -52.38 -17.96 1.61
N GLU D 244 -52.29 -16.76 2.22
CA GLU D 244 -53.08 -15.62 1.82
C GLU D 244 -52.67 -15.17 0.42
N VAL D 245 -51.36 -15.17 0.15
CA VAL D 245 -50.81 -14.78 -1.14
C VAL D 245 -51.36 -15.68 -2.24
N GLN D 246 -51.48 -16.98 -1.93
CA GLN D 246 -51.92 -17.98 -2.90
C GLN D 246 -53.37 -17.74 -3.32
N LYS D 247 -54.17 -17.17 -2.43
CA LYS D 247 -55.59 -16.94 -2.70
C LYS D 247 -55.77 -15.78 -3.68
N LEU D 248 -54.77 -14.89 -3.78
CA LEU D 248 -54.82 -13.77 -4.71
C LEU D 248 -54.43 -14.23 -6.11
N LEU D 249 -53.39 -15.05 -6.20
CA LEU D 249 -52.93 -15.57 -7.49
C LEU D 249 -53.97 -16.55 -8.03
N GLY D 250 -54.39 -17.50 -7.20
CA GLY D 250 -55.47 -18.42 -7.53
C GLY D 250 -55.06 -19.42 -8.61
N PRO D 251 -55.83 -19.54 -9.72
CA PRO D 251 -55.51 -20.52 -10.77
C PRO D 251 -54.37 -20.08 -11.69
N HIS D 252 -53.13 -20.47 -11.34
CA HIS D 252 -51.97 -20.06 -12.11
C HIS D 252 -51.91 -20.90 -13.39
N LYS E 5 77.28 7.49 -12.95
CA LYS E 5 78.55 8.26 -12.88
C LYS E 5 79.22 8.31 -14.26
N THR E 6 78.40 8.34 -15.31
CA THR E 6 78.88 8.29 -16.69
C THR E 6 79.61 9.59 -17.03
N ALA E 7 80.73 9.47 -17.76
CA ALA E 7 81.56 10.61 -18.12
C ALA E 7 80.95 11.35 -19.31
N CYS E 8 81.18 12.66 -19.36
CA CYS E 8 80.77 13.48 -20.49
C CYS E 8 81.73 13.25 -21.66
N PRO E 9 81.25 12.96 -22.88
CA PRO E 9 82.10 12.84 -24.06
C PRO E 9 83.04 14.04 -24.26
N SER E 10 84.24 13.77 -24.76
CA SER E 10 85.27 14.78 -24.91
C SER E 10 84.80 15.88 -25.88
N GLY E 11 84.82 17.12 -25.39
CA GLY E 11 84.48 18.27 -26.22
C GLY E 11 83.07 18.80 -25.95
N LYS E 12 82.23 17.99 -25.30
CA LYS E 12 80.83 18.33 -25.09
C LYS E 12 80.62 18.98 -23.73
N LYS E 13 81.69 19.13 -22.94
CA LYS E 13 81.61 19.75 -21.63
C LYS E 13 81.22 21.22 -21.81
N ALA E 14 79.94 21.52 -21.55
CA ALA E 14 79.36 22.82 -21.87
C ALA E 14 79.86 23.88 -20.89
N ARG E 15 80.46 24.94 -21.43
CA ARG E 15 80.96 26.06 -20.63
C ARG E 15 79.88 27.12 -20.47
N GLU E 16 78.86 27.09 -21.36
CA GLU E 16 77.81 28.09 -21.37
C GLU E 16 76.49 27.43 -21.77
N ILE E 17 75.38 28.00 -21.29
CA ILE E 17 74.04 27.58 -21.68
C ILE E 17 73.71 28.28 -23.01
N ASP E 18 73.42 27.48 -24.04
CA ASP E 18 73.21 28.01 -25.39
C ASP E 18 72.43 26.98 -26.19
N GLU E 19 72.24 27.26 -27.50
CA GLU E 19 71.34 26.52 -28.36
C GLU E 19 71.94 25.18 -28.77
N SER E 20 73.25 24.98 -28.54
CA SER E 20 73.92 23.73 -28.87
C SER E 20 73.34 22.56 -28.07
N LEU E 21 72.71 22.85 -26.92
CA LEU E 21 72.29 21.83 -25.98
C LEU E 21 71.02 21.12 -26.45
N ILE E 22 70.40 21.59 -27.53
CA ILE E 22 69.21 20.94 -28.08
C ILE E 22 69.61 19.65 -28.81
N PHE E 23 70.85 19.62 -29.30
CA PHE E 23 71.38 18.45 -30.00
C PHE E 23 71.71 17.34 -29.00
N TYR E 24 71.99 17.72 -27.75
CA TYR E 24 72.44 16.77 -26.74
C TYR E 24 71.33 15.78 -26.39
N LYS E 25 71.74 14.57 -25.98
CA LYS E 25 70.82 13.57 -25.46
C LYS E 25 70.61 13.83 -23.97
N LYS E 26 69.67 13.08 -23.36
CA LYS E 26 69.27 13.31 -21.99
C LYS E 26 70.45 13.10 -21.05
N TRP E 27 71.21 12.01 -21.27
CA TRP E 27 72.32 11.65 -20.41
C TRP E 27 73.49 12.63 -20.58
N GLU E 28 73.62 13.20 -21.78
CA GLU E 28 74.71 14.11 -22.08
C GLU E 28 74.55 15.40 -21.29
N LEU E 29 73.30 15.87 -21.16
CA LEU E 29 72.99 17.05 -20.37
C LEU E 29 73.17 16.75 -18.88
N GLU E 30 72.90 15.50 -18.49
CA GLU E 30 73.05 15.05 -17.12
C GLU E 30 74.53 14.89 -16.78
N ALA E 31 75.35 14.61 -17.80
CA ALA E 31 76.78 14.40 -17.61
C ALA E 31 77.54 15.71 -17.72
N CYS E 32 77.23 16.50 -18.76
CA CYS E 32 78.09 17.60 -19.19
C CYS E 32 77.70 18.91 -18.50
N VAL E 33 76.38 19.21 -18.45
CA VAL E 33 75.89 20.49 -17.97
C VAL E 33 75.96 20.51 -16.45
N ASP E 34 76.81 21.39 -15.91
CA ASP E 34 76.91 21.63 -14.48
C ASP E 34 75.67 22.38 -14.00
N ALA E 35 75.26 22.11 -12.76
CA ALA E 35 74.05 22.70 -12.19
C ALA E 35 74.28 24.16 -11.82
N ALA E 36 75.44 24.44 -11.22
CA ALA E 36 75.79 25.79 -10.79
C ALA E 36 75.73 26.75 -11.97
N LEU E 37 76.19 26.29 -13.14
CA LEU E 37 76.19 27.08 -14.37
C LEU E 37 74.77 27.35 -14.82
N LEU E 38 73.89 26.35 -14.67
CA LEU E 38 72.51 26.44 -15.11
C LEU E 38 71.77 27.48 -14.28
N ALA E 39 71.99 27.47 -12.95
CA ALA E 39 71.30 28.35 -12.04
C ALA E 39 71.61 29.81 -12.35
N THR E 40 72.89 30.10 -12.62
CA THR E 40 73.33 31.46 -12.92
C THR E 40 72.71 31.93 -14.25
N GLN E 41 72.78 31.06 -15.27
CA GLN E 41 72.34 31.40 -16.62
C GLN E 41 70.99 30.73 -16.91
N MET E 42 70.04 30.86 -15.98
CA MET E 42 68.74 30.23 -16.12
C MET E 42 67.84 31.07 -17.01
N ASP E 43 68.21 32.34 -17.19
CA ASP E 43 67.43 33.29 -17.99
C ASP E 43 67.52 32.95 -19.48
N ARG E 44 68.41 32.03 -19.86
CA ARG E 44 68.62 31.67 -21.25
C ARG E 44 67.74 30.49 -21.67
N VAL E 45 67.23 29.74 -20.68
CA VAL E 45 66.59 28.46 -20.93
C VAL E 45 65.30 28.66 -21.74
N ASN E 46 64.50 29.68 -21.38
CA ASN E 46 63.25 29.95 -22.07
C ASN E 46 63.48 30.31 -23.54
N ALA E 47 64.68 30.80 -23.85
CA ALA E 47 65.06 31.12 -25.22
C ALA E 47 65.33 29.83 -26.01
N ILE E 48 66.05 28.89 -25.39
CA ILE E 48 66.48 27.68 -26.07
C ILE E 48 65.27 26.75 -26.24
N PRO E 49 65.00 26.24 -27.46
CA PRO E 49 63.90 25.30 -27.67
C PRO E 49 64.26 23.87 -27.25
N PHE E 50 64.19 23.62 -25.94
CA PHE E 50 64.47 22.31 -25.39
C PHE E 50 63.27 21.39 -25.57
N THR E 51 63.52 20.07 -25.49
CA THR E 51 62.47 19.07 -25.53
C THR E 51 61.93 18.87 -24.12
N TYR E 52 60.95 17.95 -24.00
CA TYR E 52 60.26 17.73 -22.73
C TYR E 52 61.22 17.13 -21.70
N GLU E 53 61.93 16.07 -22.10
CA GLU E 53 62.80 15.33 -21.19
C GLU E 53 64.04 16.15 -20.84
N GLN E 54 64.49 16.98 -21.78
CA GLN E 54 65.67 17.81 -21.56
C GLN E 54 65.43 18.77 -20.40
N LEU E 55 64.21 19.32 -20.32
CA LEU E 55 63.84 20.23 -19.25
C LEU E 55 63.81 19.49 -17.92
N ASP E 56 63.33 18.24 -17.92
CA ASP E 56 63.28 17.43 -16.71
C ASP E 56 64.69 17.30 -16.12
N VAL E 57 65.68 17.15 -17.00
CA VAL E 57 67.07 17.07 -16.58
C VAL E 57 67.48 18.39 -15.94
N LEU E 58 67.18 19.51 -16.62
CA LEU E 58 67.52 20.82 -16.12
C LEU E 58 66.84 21.06 -14.78
N LYS E 59 65.60 20.57 -14.64
CA LYS E 59 64.84 20.70 -13.42
C LYS E 59 65.48 19.86 -12.32
N HIS E 60 65.95 18.65 -12.68
CA HIS E 60 66.57 17.75 -11.72
C HIS E 60 67.85 18.38 -11.16
N LYS E 61 68.57 19.12 -12.00
CA LYS E 61 69.83 19.75 -11.62
C LYS E 61 69.59 20.76 -10.49
N LEU E 62 68.49 21.52 -10.58
CA LEU E 62 68.18 22.55 -9.61
C LEU E 62 67.89 21.93 -8.24
N ASP E 63 67.25 20.76 -8.23
CA ASP E 63 66.92 20.07 -6.99
C ASP E 63 68.21 19.65 -6.29
N GLU E 64 69.15 19.10 -7.06
CA GLU E 64 70.45 18.70 -6.55
C GLU E 64 71.19 19.90 -5.98
N LEU E 65 71.18 21.01 -6.73
CA LEU E 65 71.90 22.22 -6.36
C LEU E 65 71.22 22.89 -5.17
N TYR E 66 69.89 22.99 -5.21
CA TYR E 66 69.11 23.67 -4.18
C TYR E 66 68.14 22.69 -3.53
N PRO E 67 68.59 21.81 -2.60
CA PRO E 67 67.69 20.93 -1.88
C PRO E 67 66.62 21.62 -1.03
N GLN E 68 66.93 22.84 -0.53
CA GLN E 68 66.04 23.50 0.41
C GLN E 68 65.30 24.64 -0.30
N GLY E 69 64.86 24.37 -1.53
CA GLY E 69 64.10 25.33 -2.32
C GLY E 69 65.02 26.28 -3.09
N TYR E 70 64.54 26.72 -4.26
CA TYR E 70 65.33 27.57 -5.14
C TYR E 70 65.34 29.00 -4.60
N PRO E 71 66.35 29.82 -4.92
CA PRO E 71 66.31 31.25 -4.62
C PRO E 71 65.46 32.00 -5.64
N GLU E 72 65.10 33.25 -5.31
CA GLU E 72 64.26 34.06 -6.19
C GLU E 72 65.03 34.42 -7.45
N SER E 73 66.38 34.38 -7.36
CA SER E 73 67.24 34.54 -8.52
C SER E 73 66.81 33.61 -9.65
N VAL E 74 66.60 32.34 -9.32
CA VAL E 74 66.29 31.30 -10.30
C VAL E 74 64.79 31.32 -10.62
N ILE E 75 63.95 31.46 -9.58
CA ILE E 75 62.51 31.31 -9.72
C ILE E 75 61.99 32.19 -10.85
N GLN E 76 62.46 33.44 -10.89
CA GLN E 76 62.00 34.44 -11.86
C GLN E 76 62.02 33.89 -13.29
N HIS E 77 63.06 33.11 -13.63
CA HIS E 77 63.27 32.67 -15.00
C HIS E 77 63.00 31.17 -15.14
N LEU E 78 62.06 30.64 -14.35
CA LEU E 78 61.77 29.20 -14.36
C LEU E 78 61.06 28.84 -15.65
N GLY E 79 59.99 29.57 -15.98
CA GLY E 79 59.27 29.37 -17.22
C GLY E 79 58.45 28.08 -17.22
N TYR E 80 58.73 27.20 -18.19
CA TYR E 80 57.95 25.99 -18.40
C TYR E 80 58.44 24.86 -17.50
N LEU E 81 59.45 25.15 -16.67
CA LEU E 81 59.85 24.25 -15.58
C LEU E 81 58.79 24.30 -14.48
N PHE E 82 58.11 25.45 -14.36
CA PHE E 82 57.07 25.65 -13.36
C PHE E 82 55.94 24.63 -13.54
N LEU E 83 55.70 24.23 -14.80
CA LEU E 83 54.65 23.26 -15.12
C LEU E 83 54.97 21.91 -14.50
N LYS E 84 56.27 21.55 -14.48
CA LYS E 84 56.72 20.27 -13.96
C LYS E 84 57.24 20.45 -12.53
N MET E 85 56.49 21.21 -11.72
CA MET E 85 56.91 21.51 -10.35
C MET E 85 56.02 20.74 -9.37
N SER E 86 56.62 20.27 -8.28
CA SER E 86 55.89 19.56 -7.23
C SER E 86 55.28 20.58 -6.27
N PRO E 87 54.12 20.28 -5.64
CA PRO E 87 53.48 21.22 -4.72
C PRO E 87 54.28 21.47 -3.43
N GLU E 88 54.92 20.42 -2.91
CA GLU E 88 55.68 20.52 -1.67
C GLU E 88 56.92 21.38 -1.89
N ASP E 89 57.49 21.34 -3.10
CA ASP E 89 58.70 22.07 -3.42
C ASP E 89 58.44 23.58 -3.32
N ILE E 90 57.26 24.02 -3.76
CA ILE E 90 56.92 25.43 -3.84
C ILE E 90 56.73 26.01 -2.43
N ARG E 91 56.42 25.13 -1.47
CA ARG E 91 56.20 25.55 -0.10
C ARG E 91 57.49 26.12 0.51
N LYS E 92 58.64 25.70 -0.02
CA LYS E 92 59.93 26.15 0.48
C LYS E 92 60.24 27.57 -0.01
N TRP E 93 59.68 27.95 -1.16
CA TRP E 93 60.03 29.19 -1.82
C TRP E 93 59.69 30.40 -0.94
N ASN E 94 60.53 31.44 -1.02
CA ASN E 94 60.30 32.70 -0.33
C ASN E 94 60.21 33.81 -1.38
N VAL E 95 59.13 33.80 -2.16
CA VAL E 95 58.90 34.80 -3.19
C VAL E 95 58.39 36.07 -2.51
N THR E 96 58.79 37.23 -3.05
CA THR E 96 58.45 38.52 -2.47
C THR E 96 57.97 39.48 -3.55
N SER E 97 58.81 39.71 -4.57
CA SER E 97 58.49 40.62 -5.65
C SER E 97 57.30 40.11 -6.45
N LEU E 98 56.42 41.03 -6.87
CA LEU E 98 55.21 40.69 -7.60
C LEU E 98 55.53 40.36 -9.04
N GLU E 99 56.64 40.92 -9.56
CA GLU E 99 57.06 40.69 -10.92
C GLU E 99 57.41 39.21 -11.10
N THR E 100 57.93 38.58 -10.04
CA THR E 100 58.17 37.15 -10.01
C THR E 100 56.85 36.41 -10.20
N LEU E 101 55.85 36.79 -9.40
CA LEU E 101 54.56 36.11 -9.37
C LEU E 101 53.88 36.18 -10.74
N LYS E 102 54.01 37.32 -11.43
CA LYS E 102 53.38 37.51 -12.73
C LYS E 102 53.94 36.50 -13.72
N ALA E 103 55.27 36.38 -13.77
CA ALA E 103 55.95 35.55 -14.74
C ALA E 103 55.51 34.09 -14.60
N LEU E 104 55.37 33.63 -13.35
CA LEU E 104 54.99 32.25 -13.07
C LEU E 104 53.56 31.98 -13.57
N LEU E 105 52.64 32.92 -13.30
CA LEU E 105 51.24 32.73 -13.62
C LEU E 105 51.00 32.88 -15.13
N GLU E 106 51.96 33.48 -15.85
CA GLU E 106 51.79 33.79 -17.26
C GLU E 106 52.10 32.57 -18.13
N VAL E 107 52.66 31.51 -17.53
CA VAL E 107 52.94 30.29 -18.28
C VAL E 107 51.65 29.46 -18.39
N ASN E 108 50.76 29.60 -17.39
CA ASN E 108 49.49 28.86 -17.38
C ASN E 108 48.34 29.82 -17.69
N LYS E 109 48.42 30.47 -18.87
CA LYS E 109 47.36 31.35 -19.32
C LYS E 109 46.20 30.53 -19.87
N GLY E 110 44.98 30.84 -19.40
CA GLY E 110 43.77 30.23 -19.92
C GLY E 110 43.27 29.08 -19.03
N HIS E 111 44.20 28.30 -18.47
CA HIS E 111 43.86 27.07 -17.76
C HIS E 111 43.36 27.42 -16.35
N GLU E 112 42.76 26.41 -15.70
CA GLU E 112 42.25 26.55 -14.34
C GLU E 112 43.44 26.57 -13.36
N MET E 113 43.20 27.10 -12.16
CA MET E 113 44.23 27.20 -11.13
C MET E 113 44.75 25.81 -10.81
N SER E 114 45.95 25.50 -11.32
CA SER E 114 46.59 24.21 -11.11
C SER E 114 47.01 24.08 -9.64
N PRO E 115 47.23 22.83 -9.14
CA PRO E 115 47.72 22.62 -7.77
C PRO E 115 48.97 23.43 -7.42
N GLN E 116 49.88 23.59 -8.40
CA GLN E 116 51.13 24.31 -8.19
C GLN E 116 50.85 25.78 -7.93
N VAL E 117 50.00 26.37 -8.78
CA VAL E 117 49.69 27.79 -8.71
C VAL E 117 48.99 28.10 -7.39
N ALA E 118 48.09 27.19 -6.97
CA ALA E 118 47.36 27.33 -5.73
C ALA E 118 48.31 27.43 -4.54
N THR E 119 49.33 26.56 -4.53
CA THR E 119 50.27 26.48 -3.43
C THR E 119 51.21 27.69 -3.43
N LEU E 120 51.46 28.25 -4.62
CA LEU E 120 52.33 29.41 -4.78
C LEU E 120 51.72 30.62 -4.09
N ILE E 121 50.43 30.86 -4.33
CA ILE E 121 49.77 32.08 -3.89
C ILE E 121 49.66 32.08 -2.37
N ASP E 122 49.26 30.94 -1.79
CA ASP E 122 49.09 30.82 -0.34
C ASP E 122 50.40 31.14 0.37
N ARG E 123 51.51 30.68 -0.20
CA ARG E 123 52.84 30.94 0.36
C ARG E 123 53.20 32.42 0.16
N PHE E 124 52.86 32.95 -1.01
CA PHE E 124 53.16 34.33 -1.35
C PHE E 124 52.53 35.28 -0.33
N VAL E 125 51.24 35.07 -0.04
CA VAL E 125 50.47 35.99 0.78
C VAL E 125 50.91 35.90 2.24
N LYS E 126 51.27 34.68 2.69
CA LYS E 126 51.79 34.50 4.03
C LYS E 126 53.05 35.33 4.22
N GLY E 127 53.90 35.36 3.18
CA GLY E 127 55.15 36.12 3.19
C GLY E 127 54.91 37.62 3.31
N ARG E 128 53.88 38.12 2.62
CA ARG E 128 53.52 39.52 2.68
C ARG E 128 53.03 39.86 4.09
N GLY E 129 52.04 39.09 4.56
CA GLY E 129 51.40 39.33 5.84
C GLY E 129 49.90 39.60 5.68
N GLN E 130 49.57 40.43 4.69
CA GLN E 130 48.19 40.77 4.36
C GLN E 130 48.00 40.65 2.85
N LEU E 131 46.72 40.63 2.43
CA LEU E 131 46.38 40.62 1.02
C LEU E 131 46.34 42.05 0.52
N ASP E 132 47.35 42.42 -0.28
CA ASP E 132 47.52 43.79 -0.74
C ASP E 132 46.60 44.05 -1.93
N LYS E 133 46.45 45.33 -2.29
CA LYS E 133 45.71 45.73 -3.48
C LYS E 133 46.47 45.28 -4.72
N ASP E 134 47.79 45.53 -4.75
CA ASP E 134 48.64 45.18 -5.86
C ASP E 134 48.63 43.67 -6.08
N THR E 135 48.60 42.92 -4.97
CA THR E 135 48.51 41.47 -5.02
C THR E 135 47.21 41.06 -5.72
N LEU E 136 46.09 41.63 -5.26
CA LEU E 136 44.77 41.29 -5.76
C LEU E 136 44.70 41.58 -7.26
N ASP E 137 45.23 42.73 -7.69
CA ASP E 137 45.19 43.16 -9.07
C ASP E 137 45.73 42.06 -10.00
N THR E 138 46.87 41.48 -9.64
CA THR E 138 47.53 40.48 -10.45
C THR E 138 46.77 39.16 -10.39
N LEU E 139 46.31 38.79 -9.18
CA LEU E 139 45.59 37.54 -8.97
C LEU E 139 44.28 37.54 -9.76
N THR E 140 43.52 38.64 -9.67
CA THR E 140 42.21 38.73 -10.29
C THR E 140 42.33 38.79 -11.80
N ALA E 141 43.45 39.33 -12.30
CA ALA E 141 43.69 39.44 -13.73
C ALA E 141 43.73 38.05 -14.37
N PHE E 142 44.51 37.14 -13.77
CA PHE E 142 44.70 35.80 -14.29
C PHE E 142 43.58 34.88 -13.83
N TYR E 143 43.17 35.03 -12.56
CA TYR E 143 42.16 34.17 -11.95
C TYR E 143 41.08 35.03 -11.30
N PRO E 144 40.03 35.43 -12.06
CA PRO E 144 38.97 36.29 -11.53
C PRO E 144 38.29 35.76 -10.27
N GLY E 145 37.86 34.49 -10.31
CA GLY E 145 37.15 33.87 -9.20
C GLY E 145 38.10 33.36 -8.12
N TYR E 146 38.80 34.30 -7.47
CA TYR E 146 39.76 33.97 -6.43
C TYR E 146 39.15 34.23 -5.06
N LEU E 147 38.51 35.40 -4.90
CA LEU E 147 38.03 35.83 -3.60
C LEU E 147 36.94 34.89 -3.09
N CYS E 148 36.14 34.36 -4.03
CA CYS E 148 35.06 33.45 -3.70
C CYS E 148 35.61 32.06 -3.36
N SER E 149 36.81 31.74 -3.86
CA SER E 149 37.46 30.47 -3.58
C SER E 149 38.04 30.45 -2.17
N LEU E 150 38.32 31.63 -1.59
CA LEU E 150 38.80 31.74 -0.23
C LEU E 150 37.66 31.44 0.74
N SER E 151 38.00 30.79 1.86
CA SER E 151 37.03 30.41 2.88
C SER E 151 36.59 31.66 3.65
N PRO E 152 35.30 31.78 4.03
CA PRO E 152 34.79 32.97 4.73
C PRO E 152 35.69 33.55 5.82
N GLU E 153 36.28 32.68 6.63
CA GLU E 153 37.10 33.10 7.76
C GLU E 153 38.38 33.76 7.27
N GLU E 154 38.90 33.30 6.12
CA GLU E 154 40.10 33.86 5.53
C GLU E 154 39.83 35.27 5.00
N LEU E 155 38.58 35.52 4.58
CA LEU E 155 38.20 36.82 4.04
C LEU E 155 38.10 37.86 5.15
N SER E 156 37.93 37.41 6.41
CA SER E 156 37.84 38.31 7.55
C SER E 156 39.17 39.03 7.75
N SER E 157 40.28 38.32 7.53
CA SER E 157 41.62 38.87 7.68
C SER E 157 41.95 39.87 6.58
N VAL E 158 41.19 39.84 5.47
CA VAL E 158 41.46 40.71 4.33
C VAL E 158 41.22 42.17 4.72
N PRO E 159 42.22 43.07 4.54
CA PRO E 159 42.05 44.48 4.87
C PRO E 159 41.00 45.18 3.99
N PRO E 160 40.38 46.28 4.47
CA PRO E 160 39.41 47.06 3.68
C PRO E 160 39.99 47.70 2.42
N SER E 161 41.30 47.96 2.43
CA SER E 161 41.99 48.61 1.32
C SER E 161 41.89 47.77 0.04
N SER E 162 42.00 46.44 0.19
CA SER E 162 42.09 45.52 -0.94
C SER E 162 40.77 45.44 -1.72
N ILE E 163 39.67 45.96 -1.14
CA ILE E 163 38.36 45.90 -1.76
C ILE E 163 38.31 46.84 -2.97
N TRP E 164 39.25 47.80 -3.04
CA TRP E 164 39.37 48.65 -4.22
C TRP E 164 39.60 47.80 -5.48
N ALA E 165 40.40 46.74 -5.34
CA ALA E 165 40.82 45.92 -6.46
C ALA E 165 39.68 45.04 -6.99
N VAL E 166 38.74 44.68 -6.10
CA VAL E 166 37.66 43.77 -6.45
C VAL E 166 36.74 44.44 -7.48
N ARG E 167 36.22 43.63 -8.41
CA ARG E 167 35.36 44.12 -9.49
C ARG E 167 34.02 43.40 -9.42
N PRO E 168 32.95 43.94 -10.06
CA PRO E 168 31.62 43.32 -10.05
C PRO E 168 31.58 41.86 -10.50
N GLN E 169 32.42 41.53 -11.50
CA GLN E 169 32.39 40.21 -12.13
C GLN E 169 33.12 39.18 -11.26
N ASP E 170 33.88 39.65 -10.27
CA ASP E 170 34.72 38.79 -9.44
C ASP E 170 33.88 38.09 -8.37
N LEU E 171 32.70 38.63 -8.07
CA LEU E 171 31.88 38.16 -6.96
C LEU E 171 30.73 37.29 -7.45
N ASP E 172 30.78 36.85 -8.72
CA ASP E 172 29.70 36.11 -9.32
C ASP E 172 29.57 34.73 -8.69
N THR E 173 30.71 34.14 -8.31
CA THR E 173 30.76 32.78 -7.79
C THR E 173 30.61 32.77 -6.27
N CYS E 174 30.60 33.95 -5.64
CA CYS E 174 30.58 34.06 -4.19
C CYS E 174 29.20 33.67 -3.64
N ASP E 175 29.21 32.91 -2.54
CA ASP E 175 28.00 32.56 -1.81
C ASP E 175 27.73 33.64 -0.77
N PRO E 176 26.47 33.80 -0.29
CA PRO E 176 26.09 34.94 0.55
C PRO E 176 26.83 35.05 1.89
N ARG E 177 27.36 33.93 2.40
CA ARG E 177 28.09 33.92 3.65
C ARG E 177 29.39 34.72 3.52
N GLN E 178 29.95 34.74 2.31
CA GLN E 178 31.17 35.50 2.03
C GLN E 178 30.84 37.00 1.92
N LEU E 179 29.69 37.32 1.34
CA LEU E 179 29.29 38.70 1.11
C LEU E 179 28.97 39.39 2.45
N ASP E 180 28.58 38.61 3.46
CA ASP E 180 28.28 39.14 4.78
C ASP E 180 29.55 39.67 5.44
N VAL E 181 30.70 39.07 5.08
CA VAL E 181 31.98 39.48 5.62
C VAL E 181 32.56 40.61 4.78
N LEU E 182 32.26 40.62 3.48
CA LEU E 182 32.84 41.56 2.54
C LEU E 182 32.12 42.91 2.58
N TYR E 183 30.83 42.90 2.91
CA TYR E 183 30.02 44.12 2.91
C TYR E 183 30.58 45.14 3.90
N PRO E 184 30.75 44.82 5.20
CA PRO E 184 31.25 45.79 6.17
C PRO E 184 32.63 46.34 5.82
N LYS E 185 33.46 45.52 5.15
CA LYS E 185 34.75 45.96 4.65
C LYS E 185 34.55 46.98 3.53
N ALA E 186 33.67 46.65 2.58
CA ALA E 186 33.36 47.53 1.46
C ALA E 186 32.74 48.83 1.96
N ARG E 187 31.94 48.73 3.01
CA ARG E 187 31.30 49.89 3.62
C ARG E 187 32.35 50.79 4.27
N LEU E 188 33.32 50.17 4.96
CA LEU E 188 34.43 50.89 5.56
C LEU E 188 35.35 51.44 4.46
N ALA E 189 35.50 50.68 3.38
CA ALA E 189 36.40 51.04 2.29
C ALA E 189 35.90 52.29 1.57
N PHE E 190 34.63 52.27 1.15
CA PHE E 190 34.05 53.33 0.34
C PHE E 190 33.38 54.36 1.25
N GLN E 191 34.12 54.89 2.22
CA GLN E 191 33.59 55.85 3.18
C GLN E 191 33.86 57.27 2.69
N ASN E 192 33.01 58.21 3.13
CA ASN E 192 33.15 59.63 2.78
C ASN E 192 32.76 59.85 1.31
N MET E 193 32.36 58.77 0.63
CA MET E 193 31.99 58.81 -0.78
C MET E 193 30.56 59.32 -0.97
N ASN E 194 30.45 60.52 -1.56
CA ASN E 194 29.24 61.33 -1.66
C ASN E 194 27.94 60.55 -1.96
N GLY E 195 27.35 60.74 -3.16
CA GLY E 195 25.99 60.35 -3.41
C GLY E 195 26.09 59.04 -4.17
N SER E 196 26.02 59.13 -5.51
CA SER E 196 26.06 57.97 -6.38
C SER E 196 27.40 57.24 -6.28
N GLU E 197 28.45 57.95 -5.86
CA GLU E 197 29.79 57.36 -5.76
C GLU E 197 29.78 56.25 -4.71
N TYR E 198 28.93 56.40 -3.68
CA TYR E 198 28.68 55.36 -2.71
C TYR E 198 28.02 54.16 -3.39
N PHE E 199 26.92 54.46 -4.10
CA PHE E 199 26.00 53.46 -4.62
C PHE E 199 26.68 52.59 -5.70
N VAL E 200 27.29 53.24 -6.69
CA VAL E 200 27.81 52.57 -7.87
C VAL E 200 28.75 51.42 -7.47
N LYS E 201 29.55 51.63 -6.42
CA LYS E 201 30.59 50.69 -6.03
C LYS E 201 30.03 49.59 -5.14
N ILE E 202 29.02 49.92 -4.31
CA ILE E 202 28.53 48.98 -3.30
C ILE E 202 27.49 48.03 -3.93
N GLN E 203 27.05 48.34 -5.15
CA GLN E 203 26.01 47.58 -5.84
C GLN E 203 26.13 46.08 -5.56
N SER E 204 27.35 45.55 -5.70
CA SER E 204 27.61 44.12 -5.64
C SER E 204 27.45 43.58 -4.23
N PHE E 205 27.99 44.32 -3.25
CA PHE E 205 28.09 43.86 -1.87
C PHE E 205 26.75 43.93 -1.15
N LEU E 206 25.72 44.48 -1.80
CA LEU E 206 24.38 44.55 -1.25
C LEU E 206 23.83 43.15 -0.98
N GLY E 207 24.38 42.15 -1.68
CA GLY E 207 24.02 40.75 -1.46
C GLY E 207 24.19 40.30 -0.01
N GLY E 208 25.04 41.00 0.75
CA GLY E 208 25.24 40.73 2.16
C GLY E 208 25.10 41.99 3.01
N ALA E 209 23.97 42.70 2.85
CA ALA E 209 23.74 43.98 3.50
C ALA E 209 22.55 43.90 4.45
N PRO E 210 22.70 44.28 5.74
CA PRO E 210 21.57 44.36 6.67
C PRO E 210 20.50 45.38 6.26
N THR E 211 19.37 45.35 6.96
CA THR E 211 18.19 46.13 6.62
C THR E 211 18.40 47.61 6.99
N GLU E 212 19.20 47.86 8.04
CA GLU E 212 19.39 49.20 8.56
C GLU E 212 20.11 50.07 7.54
N ASP E 213 21.00 49.45 6.74
CA ASP E 213 21.80 50.17 5.77
C ASP E 213 21.00 50.38 4.48
N LEU E 214 19.97 49.56 4.26
CA LEU E 214 19.12 49.67 3.08
C LEU E 214 18.18 50.87 3.21
N LYS E 215 17.76 51.18 4.45
CA LYS E 215 16.89 52.32 4.71
C LYS E 215 17.66 53.62 4.49
N ALA E 216 18.97 53.59 4.76
CA ALA E 216 19.82 54.76 4.59
C ALA E 216 19.98 55.10 3.12
N LEU E 217 20.13 54.07 2.28
CA LEU E 217 20.40 54.25 0.85
C LEU E 217 19.15 54.75 0.12
N SER E 218 17.96 54.44 0.66
CA SER E 218 16.70 54.79 0.03
C SER E 218 16.59 56.29 -0.16
N GLN E 219 16.93 57.06 0.88
CA GLN E 219 16.60 58.48 0.95
C GLN E 219 17.71 59.34 0.34
N GLN E 220 18.73 58.72 -0.26
CA GLN E 220 19.85 59.45 -0.83
C GLN E 220 19.73 59.51 -2.36
N ASN E 221 18.55 59.18 -2.90
CA ASN E 221 18.28 59.28 -4.32
C ASN E 221 19.33 58.49 -5.10
N VAL E 222 19.42 57.18 -4.81
CA VAL E 222 20.38 56.30 -5.46
C VAL E 222 19.84 55.85 -6.82
N SER E 223 18.53 55.56 -6.88
CA SER E 223 17.89 55.02 -8.07
C SER E 223 18.60 53.72 -8.48
N MET E 224 18.38 52.67 -7.68
CA MET E 224 19.04 51.39 -7.84
C MET E 224 18.46 50.66 -9.05
N ASP E 225 19.30 49.80 -9.65
CA ASP E 225 18.90 48.99 -10.78
C ASP E 225 18.01 47.85 -10.29
N LEU E 226 17.15 47.35 -11.18
CA LEU E 226 16.21 46.28 -10.87
C LEU E 226 16.92 44.93 -10.90
N ALA E 227 18.07 44.87 -11.59
CA ALA E 227 18.90 43.67 -11.61
C ALA E 227 19.50 43.45 -10.22
N THR E 228 19.92 44.54 -9.58
CA THR E 228 20.48 44.50 -8.23
C THR E 228 19.42 44.08 -7.23
N PHE E 229 18.19 44.60 -7.38
CA PHE E 229 17.06 44.29 -6.51
C PHE E 229 16.97 42.77 -6.27
N MET E 230 17.14 42.00 -7.36
CA MET E 230 16.93 40.56 -7.32
C MET E 230 17.99 39.87 -6.46
N LYS E 231 19.18 40.46 -6.38
CA LYS E 231 20.29 39.87 -5.64
C LYS E 231 20.41 40.53 -4.27
N LEU E 232 19.36 40.45 -3.46
CA LEU E 232 19.36 40.99 -2.11
C LEU E 232 18.96 39.89 -1.12
N ARG E 233 19.26 40.13 0.16
CA ARG E 233 18.99 39.16 1.21
C ARG E 233 17.49 39.11 1.48
N THR E 234 16.89 37.92 1.32
CA THR E 234 15.44 37.75 1.47
C THR E 234 15.01 38.08 2.90
N ASP E 235 15.84 37.72 3.88
CA ASP E 235 15.53 37.92 5.28
C ASP E 235 15.69 39.39 5.66
N ALA E 236 16.59 40.10 4.97
CA ALA E 236 16.95 41.46 5.34
C ALA E 236 16.26 42.49 4.43
N VAL E 237 15.19 42.08 3.74
CA VAL E 237 14.36 43.01 2.98
C VAL E 237 12.92 42.95 3.50
N LEU E 238 12.71 42.30 4.65
CA LEU E 238 11.38 42.16 5.22
C LEU E 238 11.01 43.41 6.02
N PRO E 239 11.86 43.92 6.95
CA PRO E 239 11.54 45.13 7.71
C PRO E 239 11.41 46.38 6.85
N LEU E 240 12.21 46.46 5.78
CA LEU E 240 12.20 47.58 4.86
C LEU E 240 10.83 47.68 4.20
N THR E 241 10.25 48.90 4.20
CA THR E 241 8.87 49.11 3.79
C THR E 241 8.80 49.20 2.27
N VAL E 242 7.58 49.16 1.73
CA VAL E 242 7.35 49.26 0.29
C VAL E 242 7.60 50.70 -0.15
N ALA E 243 7.31 51.66 0.73
CA ALA E 243 7.62 53.06 0.50
C ALA E 243 9.12 53.22 0.27
N GLU E 244 9.92 52.58 1.14
CA GLU E 244 11.37 52.61 1.05
C GLU E 244 11.83 51.90 -0.21
N VAL E 245 11.19 50.76 -0.53
CA VAL E 245 11.51 49.98 -1.71
C VAL E 245 11.31 50.82 -2.97
N GLN E 246 10.25 51.63 -2.98
CA GLN E 246 9.88 52.43 -4.14
C GLN E 246 10.94 53.48 -4.44
N LYS E 247 11.63 53.96 -3.39
CA LYS E 247 12.63 55.01 -3.54
C LYS E 247 13.90 54.47 -4.20
N LEU E 248 14.11 53.15 -4.13
CA LEU E 248 15.28 52.52 -4.73
C LEU E 248 15.03 52.30 -6.22
N LEU E 249 13.82 51.83 -6.56
CA LEU E 249 13.45 51.58 -7.95
C LEU E 249 13.32 52.92 -8.67
N GLY E 250 12.56 53.85 -8.08
CA GLY E 250 12.38 55.18 -8.65
C GLY E 250 11.56 55.15 -9.95
N PRO E 251 12.05 55.73 -11.07
CA PRO E 251 11.29 55.76 -12.31
C PRO E 251 11.26 54.43 -13.07
N HIS E 252 12.38 53.70 -13.06
CA HIS E 252 12.47 52.49 -13.86
C HIS E 252 11.77 51.35 -13.10
N LYS F 5 -27.60 -71.54 -15.88
CA LYS F 5 -27.77 -73.01 -15.78
C LYS F 5 -27.74 -73.64 -17.17
N THR F 6 -27.05 -73.00 -18.13
CA THR F 6 -26.99 -73.48 -19.51
C THR F 6 -26.17 -74.76 -19.58
N ALA F 7 -26.64 -75.72 -20.39
CA ALA F 7 -26.00 -77.01 -20.53
C ALA F 7 -24.80 -76.92 -21.45
N CYS F 8 -23.79 -77.76 -21.20
CA CYS F 8 -22.62 -77.88 -22.04
C CYS F 8 -22.99 -78.67 -23.29
N PRO F 9 -22.68 -78.17 -24.52
CA PRO F 9 -22.90 -78.92 -25.76
C PRO F 9 -22.31 -80.32 -25.72
N SER F 10 -23.00 -81.27 -26.37
CA SER F 10 -22.63 -82.67 -26.34
C SER F 10 -21.24 -82.86 -26.96
N GLY F 11 -20.33 -83.46 -26.19
CA GLY F 11 -19.00 -83.79 -26.66
C GLY F 11 -17.93 -82.82 -26.17
N LYS F 12 -18.35 -81.64 -25.68
CA LYS F 12 -17.44 -80.59 -25.28
C LYS F 12 -17.15 -80.65 -23.78
N LYS F 13 -17.76 -81.62 -23.08
CA LYS F 13 -17.54 -81.80 -21.65
C LYS F 13 -16.08 -82.20 -21.42
N ALA F 14 -15.27 -81.23 -21.00
CA ALA F 14 -13.82 -81.40 -20.91
C ALA F 14 -13.46 -82.29 -19.72
N ARG F 15 -12.74 -83.38 -19.98
CA ARG F 15 -12.29 -84.30 -18.95
C ARG F 15 -10.90 -83.87 -18.45
N GLU F 16 -10.20 -83.07 -19.26
CA GLU F 16 -8.82 -82.67 -18.96
C GLU F 16 -8.61 -81.23 -19.42
N ILE F 17 -7.71 -80.53 -18.73
CA ILE F 17 -7.29 -79.18 -19.11
C ILE F 17 -6.21 -79.32 -20.17
N ASP F 18 -6.46 -78.73 -21.35
CA ASP F 18 -5.59 -78.88 -22.49
C ASP F 18 -5.82 -77.72 -23.46
N GLU F 19 -5.17 -77.78 -24.63
CA GLU F 19 -5.11 -76.67 -25.57
C GLU F 19 -6.41 -76.53 -26.35
N SER F 20 -7.28 -77.55 -26.30
CA SER F 20 -8.57 -77.51 -26.98
C SER F 20 -9.45 -76.39 -26.45
N LEU F 21 -9.19 -75.93 -25.22
CA LEU F 21 -10.08 -75.00 -24.53
C LEU F 21 -9.92 -73.57 -25.04
N ILE F 22 -8.94 -73.33 -25.93
CA ILE F 22 -8.74 -72.01 -26.50
C ILE F 22 -9.82 -71.74 -27.56
N PHE F 23 -10.35 -72.82 -28.16
CA PHE F 23 -11.39 -72.73 -29.17
C PHE F 23 -12.72 -72.42 -28.52
N TYR F 24 -12.88 -72.78 -27.24
CA TYR F 24 -14.15 -72.65 -26.54
C TYR F 24 -14.51 -71.18 -26.34
N LYS F 25 -15.81 -70.91 -26.30
CA LYS F 25 -16.33 -69.59 -25.98
C LYS F 25 -16.43 -69.45 -24.46
N LYS F 26 -16.72 -68.24 -23.99
CA LYS F 26 -16.69 -67.92 -22.57
C LYS F 26 -17.70 -68.79 -21.81
N TRP F 27 -18.92 -68.91 -22.36
CA TRP F 27 -19.98 -69.65 -21.70
C TRP F 27 -19.70 -71.15 -21.72
N GLU F 28 -18.98 -71.62 -22.75
CA GLU F 28 -18.69 -73.03 -22.90
C GLU F 28 -17.74 -73.49 -21.81
N LEU F 29 -16.76 -72.64 -21.46
CA LEU F 29 -15.84 -72.93 -20.38
C LEU F 29 -16.56 -72.85 -19.04
N GLU F 30 -17.56 -71.97 -18.95
CA GLU F 30 -18.36 -71.79 -17.74
C GLU F 30 -19.32 -72.98 -17.59
N ALA F 31 -19.70 -73.59 -18.71
CA ALA F 31 -20.63 -74.72 -18.71
C ALA F 31 -19.89 -76.05 -18.55
N CYS F 32 -18.82 -76.23 -19.33
CA CYS F 32 -18.21 -77.54 -19.53
C CYS F 32 -17.10 -77.81 -18.51
N VAL F 33 -16.23 -76.83 -18.29
CA VAL F 33 -15.05 -77.03 -17.45
C VAL F 33 -15.46 -77.01 -15.99
N ASP F 34 -15.30 -78.16 -15.32
CA ASP F 34 -15.53 -78.30 -13.90
C ASP F 34 -14.41 -77.58 -13.14
N ALA F 35 -14.76 -77.03 -11.97
CA ALA F 35 -13.81 -76.27 -11.17
C ALA F 35 -12.82 -77.19 -10.48
N ALA F 36 -13.32 -78.31 -9.93
CA ALA F 36 -12.48 -79.29 -9.23
C ALA F 36 -11.35 -79.77 -10.13
N LEU F 37 -11.66 -79.98 -11.42
CA LEU F 37 -10.70 -80.43 -12.40
C LEU F 37 -9.63 -79.35 -12.63
N LEU F 38 -10.07 -78.08 -12.65
CA LEU F 38 -9.18 -76.97 -12.91
C LEU F 38 -8.17 -76.81 -11.76
N ALA F 39 -8.65 -76.93 -10.52
CA ALA F 39 -7.82 -76.75 -9.35
C ALA F 39 -6.68 -77.76 -9.32
N THR F 40 -7.00 -79.02 -9.63
CA THR F 40 -6.02 -80.10 -9.62
C THR F 40 -4.98 -79.87 -10.73
N GLN F 41 -5.47 -79.53 -11.93
CA GLN F 41 -4.61 -79.39 -13.10
C GLN F 41 -4.42 -77.90 -13.43
N MET F 42 -4.08 -77.10 -12.42
CA MET F 42 -3.91 -75.68 -12.58
C MET F 42 -2.53 -75.37 -13.15
N ASP F 43 -1.62 -76.34 -13.04
CA ASP F 43 -0.25 -76.19 -13.49
C ASP F 43 -0.17 -76.16 -15.03
N ARG F 44 -1.28 -76.47 -15.71
CA ARG F 44 -1.30 -76.54 -17.17
C ARG F 44 -1.73 -75.20 -17.77
N VAL F 45 -2.35 -74.34 -16.96
CA VAL F 45 -3.04 -73.15 -17.46
C VAL F 45 -2.04 -72.18 -18.10
N ASN F 46 -0.90 -71.97 -17.43
CA ASN F 46 0.13 -71.06 -17.92
C ASN F 46 0.68 -71.51 -19.27
N ALA F 47 0.58 -72.82 -19.55
CA ALA F 47 1.01 -73.37 -20.83
C ALA F 47 0.02 -73.01 -21.93
N ILE F 48 -1.28 -73.12 -21.62
CA ILE F 48 -2.32 -72.92 -22.62
C ILE F 48 -2.44 -71.43 -22.92
N PRO F 49 -2.42 -71.01 -24.21
CA PRO F 49 -2.60 -69.59 -24.55
C PRO F 49 -4.06 -69.17 -24.55
N PHE F 50 -4.59 -68.92 -23.34
CA PHE F 50 -5.96 -68.48 -23.16
C PHE F 50 -6.07 -66.99 -23.47
N THR F 51 -7.30 -66.54 -23.74
CA THR F 51 -7.60 -65.12 -23.94
C THR F 51 -7.85 -64.48 -22.58
N TYR F 52 -8.16 -63.17 -22.59
CA TYR F 52 -8.33 -62.40 -21.37
C TYR F 52 -9.56 -62.88 -20.60
N GLU F 53 -10.69 -62.98 -21.31
CA GLU F 53 -11.98 -63.31 -20.70
C GLU F 53 -12.00 -64.77 -20.26
N GLN F 54 -11.29 -65.63 -21.00
CA GLN F 54 -11.24 -67.06 -20.69
C GLN F 54 -10.62 -67.26 -19.31
N LEU F 55 -9.59 -66.48 -18.99
CA LEU F 55 -8.92 -66.56 -17.70
C LEU F 55 -9.86 -66.11 -16.58
N ASP F 56 -10.65 -65.06 -16.86
CA ASP F 56 -11.61 -64.55 -15.89
C ASP F 56 -12.57 -65.66 -15.48
N VAL F 57 -12.97 -66.49 -16.46
CA VAL F 57 -13.84 -67.63 -16.19
C VAL F 57 -13.12 -68.61 -15.28
N LEU F 58 -11.87 -68.95 -15.63
CA LEU F 58 -11.08 -69.89 -14.85
C LEU F 58 -10.89 -69.34 -13.43
N LYS F 59 -10.71 -68.02 -13.32
CA LYS F 59 -10.54 -67.36 -12.03
C LYS F 59 -11.85 -67.44 -11.24
N HIS F 60 -12.98 -67.25 -11.93
CA HIS F 60 -14.28 -67.28 -11.29
C HIS F 60 -14.56 -68.66 -10.71
N LYS F 61 -14.09 -69.71 -11.41
CA LYS F 61 -14.30 -71.09 -10.98
C LYS F 61 -13.65 -71.34 -9.62
N LEU F 62 -12.45 -70.77 -9.42
CA LEU F 62 -11.70 -70.99 -8.18
C LEU F 62 -12.42 -70.35 -7.00
N ASP F 63 -13.06 -69.20 -7.23
CA ASP F 63 -13.79 -68.49 -6.19
C ASP F 63 -14.97 -69.35 -5.73
N GLU F 64 -15.69 -69.93 -6.70
CA GLU F 64 -16.82 -70.81 -6.43
C GLU F 64 -16.35 -72.03 -5.64
N LEU F 65 -15.23 -72.62 -6.07
CA LEU F 65 -14.69 -73.83 -5.50
C LEU F 65 -14.12 -73.54 -4.11
N TYR F 66 -13.35 -72.45 -4.00
CA TYR F 66 -12.67 -72.07 -2.77
C TYR F 66 -13.16 -70.70 -2.30
N PRO F 67 -14.36 -70.61 -1.66
CA PRO F 67 -14.83 -69.34 -1.10
C PRO F 67 -13.94 -68.76 0.01
N GLN F 68 -13.22 -69.62 0.72
CA GLN F 68 -12.46 -69.20 1.90
C GLN F 68 -10.97 -69.08 1.57
N GLY F 69 -10.66 -68.64 0.35
CA GLY F 69 -9.27 -68.51 -0.10
C GLY F 69 -8.76 -69.83 -0.67
N TYR F 70 -7.84 -69.72 -1.65
CA TYR F 70 -7.32 -70.87 -2.35
C TYR F 70 -6.30 -71.57 -1.46
N PRO F 71 -6.06 -72.89 -1.65
CA PRO F 71 -4.95 -73.58 -0.99
C PRO F 71 -3.62 -73.28 -1.70
N GLU F 72 -2.51 -73.60 -1.03
CA GLU F 72 -1.19 -73.34 -1.57
C GLU F 72 -0.94 -74.25 -2.77
N SER F 73 -1.66 -75.38 -2.83
CA SER F 73 -1.66 -76.26 -3.98
C SER F 73 -1.89 -75.47 -5.27
N VAL F 74 -2.93 -74.62 -5.25
CA VAL F 74 -3.36 -73.87 -6.43
C VAL F 74 -2.50 -72.61 -6.59
N ILE F 75 -2.25 -71.91 -5.49
CA ILE F 75 -1.61 -70.60 -5.51
C ILE F 75 -0.32 -70.67 -6.33
N GLN F 76 0.48 -71.72 -6.09
CA GLN F 76 1.78 -71.87 -6.73
C GLN F 76 1.70 -71.67 -8.24
N HIS F 77 0.64 -72.20 -8.87
CA HIS F 77 0.54 -72.21 -10.33
C HIS F 77 -0.53 -71.22 -10.80
N LEU F 78 -0.69 -70.09 -10.11
CA LEU F 78 -1.68 -69.10 -10.47
C LEU F 78 -1.26 -68.41 -11.77
N GLY F 79 -0.02 -67.90 -11.79
CA GLY F 79 0.54 -67.27 -12.97
C GLY F 79 -0.09 -65.88 -13.22
N TYR F 80 -0.68 -65.72 -14.40
CA TYR F 80 -1.20 -64.43 -14.84
C TYR F 80 -2.62 -64.21 -14.33
N LEU F 81 -3.15 -65.18 -13.56
CA LEU F 81 -4.37 -65.00 -12.80
C LEU F 81 -4.09 -64.08 -11.60
N PHE F 82 -2.84 -64.08 -11.13
CA PHE F 82 -2.42 -63.26 -10.01
C PHE F 82 -2.63 -61.78 -10.33
N LEU F 83 -2.48 -61.42 -11.61
CA LEU F 83 -2.64 -60.04 -12.06
C LEU F 83 -4.09 -59.59 -11.87
N LYS F 84 -5.03 -60.50 -12.08
CA LYS F 84 -6.46 -60.21 -11.96
C LYS F 84 -6.98 -60.66 -10.60
N MET F 85 -6.21 -60.38 -9.54
CA MET F 85 -6.54 -60.81 -8.20
C MET F 85 -7.00 -59.61 -7.38
N SER F 86 -8.02 -59.81 -6.54
CA SER F 86 -8.53 -58.78 -5.66
C SER F 86 -7.67 -58.72 -4.39
N PRO F 87 -7.50 -57.54 -3.76
CA PRO F 87 -6.67 -57.42 -2.56
C PRO F 87 -7.22 -58.17 -1.34
N GLU F 88 -8.54 -58.14 -1.17
CA GLU F 88 -9.19 -58.78 -0.03
C GLU F 88 -9.03 -60.29 -0.12
N ASP F 89 -9.02 -60.83 -1.34
CA ASP F 89 -8.95 -62.26 -1.57
C ASP F 89 -7.61 -62.81 -1.06
N ILE F 90 -6.54 -62.04 -1.26
CA ILE F 90 -5.19 -62.49 -0.94
C ILE F 90 -5.00 -62.53 0.57
N ARG F 91 -5.81 -61.75 1.30
CA ARG F 91 -5.71 -61.68 2.75
C ARG F 91 -6.07 -63.03 3.37
N LYS F 92 -6.86 -63.84 2.66
CA LYS F 92 -7.29 -65.14 3.15
C LYS F 92 -6.16 -66.16 3.04
N TRP F 93 -5.25 -65.96 2.07
CA TRP F 93 -4.23 -66.94 1.76
C TRP F 93 -3.32 -67.19 2.95
N ASN F 94 -2.89 -68.45 3.10
CA ASN F 94 -1.94 -68.86 4.12
C ASN F 94 -0.70 -69.43 3.43
N VAL F 95 0.06 -68.55 2.76
CA VAL F 95 1.28 -68.95 2.08
C VAL F 95 2.38 -69.12 3.11
N THR F 96 3.27 -70.10 2.87
CA THR F 96 4.32 -70.44 3.82
C THR F 96 5.65 -70.59 3.10
N SER F 97 5.70 -71.48 2.10
CA SER F 97 6.91 -71.75 1.35
C SER F 97 7.32 -70.50 0.56
N LEU F 98 8.63 -70.26 0.49
CA LEU F 98 9.17 -69.08 -0.17
C LEU F 98 9.14 -69.27 -1.68
N GLU F 99 9.20 -70.54 -2.13
CA GLU F 99 9.18 -70.85 -3.54
C GLU F 99 7.85 -70.41 -4.15
N THR F 100 6.78 -70.49 -3.36
CA THR F 100 5.48 -69.96 -3.75
C THR F 100 5.59 -68.45 -4.00
N LEU F 101 6.18 -67.74 -3.03
CA LEU F 101 6.28 -66.29 -3.07
C LEU F 101 7.06 -65.83 -4.30
N LYS F 102 8.13 -66.56 -4.66
CA LYS F 102 8.97 -66.19 -5.78
C LYS F 102 8.14 -66.22 -7.07
N ALA F 103 7.38 -67.30 -7.28
CA ALA F 103 6.62 -67.52 -8.49
C ALA F 103 5.62 -66.38 -8.72
N LEU F 104 4.97 -65.94 -7.63
CA LEU F 104 3.97 -64.90 -7.70
C LEU F 104 4.60 -63.57 -8.11
N LEU F 105 5.75 -63.25 -7.51
CA LEU F 105 6.42 -61.97 -7.75
C LEU F 105 7.08 -61.95 -9.13
N GLU F 106 7.28 -63.13 -9.74
CA GLU F 106 8.02 -63.23 -11.00
C GLU F 106 7.10 -62.92 -12.19
N VAL F 107 5.79 -62.80 -11.96
CA VAL F 107 4.87 -62.45 -13.03
C VAL F 107 4.88 -60.93 -13.24
N ASN F 108 5.19 -60.18 -12.18
CA ASN F 108 5.24 -58.73 -12.24
C ASN F 108 6.70 -58.27 -12.17
N LYS F 109 7.51 -58.73 -13.12
CA LYS F 109 8.91 -58.34 -13.21
C LYS F 109 8.99 -56.95 -13.84
N GLY F 110 9.73 -56.05 -13.19
CA GLY F 110 10.01 -54.73 -13.74
C GLY F 110 9.10 -53.64 -13.15
N HIS F 111 7.82 -53.99 -12.93
CA HIS F 111 6.80 -53.03 -12.56
C HIS F 111 6.94 -52.71 -11.06
N GLU F 112 6.24 -51.64 -10.65
CA GLU F 112 6.23 -51.20 -9.25
C GLU F 112 5.36 -52.15 -8.45
N MET F 113 5.55 -52.16 -7.13
CA MET F 113 4.81 -53.03 -6.22
C MET F 113 3.32 -52.72 -6.35
N SER F 114 2.61 -53.62 -7.05
CA SER F 114 1.17 -53.50 -7.26
C SER F 114 0.42 -53.68 -5.94
N PRO F 115 -0.84 -53.19 -5.82
CA PRO F 115 -1.66 -53.42 -4.63
C PRO F 115 -1.75 -54.87 -4.18
N GLN F 116 -1.79 -55.80 -5.16
CA GLN F 116 -1.91 -57.22 -4.88
C GLN F 116 -0.65 -57.72 -4.19
N VAL F 117 0.51 -57.36 -4.75
CA VAL F 117 1.80 -57.81 -4.27
C VAL F 117 2.01 -57.28 -2.85
N ALA F 118 1.62 -56.03 -2.62
CA ALA F 118 1.75 -55.40 -1.32
C ALA F 118 1.00 -56.19 -0.25
N THR F 119 -0.23 -56.60 -0.58
CA THR F 119 -1.09 -57.30 0.36
C THR F 119 -0.57 -58.72 0.60
N LEU F 120 0.10 -59.30 -0.41
CA LEU F 120 0.64 -60.65 -0.32
C LEU F 120 1.74 -60.71 0.73
N ILE F 121 2.65 -59.73 0.70
CA ILE F 121 3.85 -59.76 1.52
C ILE F 121 3.47 -59.57 2.99
N ASP F 122 2.57 -58.62 3.27
CA ASP F 122 2.16 -58.32 4.63
C ASP F 122 1.55 -59.56 5.28
N ARG F 123 0.77 -60.32 4.50
CA ARG F 123 0.15 -61.55 4.98
C ARG F 123 1.23 -62.62 5.15
N PHE F 124 2.18 -62.69 4.21
CA PHE F 124 3.25 -63.66 4.24
C PHE F 124 4.05 -63.54 5.54
N VAL F 125 4.44 -62.31 5.89
CA VAL F 125 5.34 -62.07 7.00
C VAL F 125 4.62 -62.31 8.32
N LYS F 126 3.33 -61.98 8.38
CA LYS F 126 2.52 -62.24 9.57
C LYS F 126 2.51 -63.75 9.86
N GLY F 127 2.41 -64.55 8.78
CA GLY F 127 2.39 -66.00 8.89
C GLY F 127 3.71 -66.55 9.44
N ARG F 128 4.83 -65.96 9.03
CA ARG F 128 6.15 -66.35 9.51
C ARG F 128 6.26 -66.03 10.99
N GLY F 129 5.99 -64.76 11.32
CA GLY F 129 6.13 -64.24 12.68
C GLY F 129 7.16 -63.11 12.73
N GLN F 130 8.30 -63.33 12.07
CA GLN F 130 9.37 -62.35 12.00
C GLN F 130 9.85 -62.21 10.56
N LEU F 131 10.62 -61.15 10.30
CA LEU F 131 11.23 -60.92 9.01
C LEU F 131 12.53 -61.72 8.92
N ASP F 132 12.51 -62.81 8.15
CA ASP F 132 13.66 -63.71 8.05
C ASP F 132 14.68 -63.13 7.07
N LYS F 133 15.89 -63.70 7.09
CA LYS F 133 16.92 -63.35 6.13
C LYS F 133 16.52 -63.84 4.74
N ASP F 134 16.06 -65.09 4.68
CA ASP F 134 15.65 -65.72 3.42
C ASP F 134 14.49 -64.93 2.81
N THR F 135 13.58 -64.45 3.66
CA THR F 135 12.46 -63.62 3.24
C THR F 135 13.00 -62.35 2.57
N LEU F 136 13.90 -61.66 3.26
CA LEU F 136 14.45 -60.39 2.81
C LEU F 136 15.13 -60.57 1.46
N ASP F 137 15.92 -61.65 1.34
CA ASP F 137 16.68 -61.93 0.13
C ASP F 137 15.79 -61.88 -1.11
N THR F 138 14.62 -62.53 -1.03
CA THR F 138 13.71 -62.63 -2.15
C THR F 138 13.00 -61.30 -2.39
N LEU F 139 12.59 -60.64 -1.30
CA LEU F 139 11.89 -59.35 -1.37
C LEU F 139 12.79 -58.29 -2.00
N THR F 140 14.04 -58.21 -1.54
CA THR F 140 14.96 -57.17 -1.98
C THR F 140 15.38 -57.40 -3.42
N ALA F 141 15.39 -58.68 -3.86
CA ALA F 141 15.76 -59.04 -5.22
C ALA F 141 14.80 -58.40 -6.22
N PHE F 142 13.50 -58.55 -5.97
CA PHE F 142 12.47 -58.05 -6.87
C PHE F 142 12.15 -56.60 -6.57
N TYR F 143 12.12 -56.23 -5.28
CA TYR F 143 11.76 -54.90 -4.85
C TYR F 143 12.82 -54.37 -3.89
N PRO F 144 13.91 -53.73 -4.40
CA PRO F 144 14.99 -53.23 -3.56
C PRO F 144 14.55 -52.30 -2.44
N GLY F 145 13.75 -51.28 -2.79
CA GLY F 145 13.29 -50.28 -1.83
C GLY F 145 12.09 -50.77 -1.03
N TYR F 146 12.32 -51.80 -0.21
CA TYR F 146 11.28 -52.40 0.62
C TYR F 146 11.42 -51.90 2.07
N LEU F 147 12.65 -51.92 2.59
CA LEU F 147 12.89 -51.66 4.00
C LEU F 147 12.51 -50.22 4.32
N CYS F 148 12.74 -49.31 3.36
CA CYS F 148 12.45 -47.90 3.54
C CYS F 148 10.95 -47.65 3.42
N SER F 149 10.23 -48.56 2.75
CA SER F 149 8.79 -48.44 2.60
C SER F 149 8.07 -48.85 3.90
N LEU F 150 8.74 -49.65 4.74
CA LEU F 150 8.19 -50.04 6.03
C LEU F 150 8.24 -48.85 6.99
N SER F 151 7.21 -48.74 7.84
CA SER F 151 7.11 -47.64 8.79
C SER F 151 8.11 -47.86 9.93
N PRO F 152 8.75 -46.79 10.45
CA PRO F 152 9.78 -46.91 11.48
C PRO F 152 9.49 -47.90 12.61
N GLU F 153 8.24 -47.91 13.09
CA GLU F 153 7.86 -48.76 14.21
C GLU F 153 7.89 -50.22 13.81
N GLU F 154 7.59 -50.50 12.53
CA GLU F 154 7.60 -51.86 12.02
C GLU F 154 9.04 -52.38 11.92
N LEU F 155 9.99 -51.47 11.71
CA LEU F 155 11.39 -51.85 11.58
C LEU F 155 11.98 -52.21 12.95
N SER F 156 11.34 -51.76 14.03
CA SER F 156 11.79 -52.06 15.38
C SER F 156 11.65 -53.56 15.66
N SER F 157 10.57 -54.15 15.15
CA SER F 157 10.30 -55.57 15.33
C SER F 157 11.25 -56.45 14.52
N VAL F 158 11.93 -55.85 13.53
CA VAL F 158 12.83 -56.59 12.65
C VAL F 158 14.01 -57.12 13.46
N PRO F 159 14.30 -58.45 13.45
CA PRO F 159 15.44 -59.00 14.17
C PRO F 159 16.79 -58.51 13.63
N PRO F 160 17.87 -58.52 14.45
CA PRO F 160 19.20 -58.13 13.99
C PRO F 160 19.81 -59.04 12.91
N SER F 161 19.34 -60.31 12.88
CA SER F 161 19.85 -61.29 11.92
C SER F 161 19.57 -60.87 10.48
N SER F 162 18.39 -60.28 10.25
CA SER F 162 17.92 -59.95 8.91
C SER F 162 18.74 -58.83 8.26
N ILE F 163 19.55 -58.13 9.06
CA ILE F 163 20.35 -57.01 8.57
C ILE F 163 21.48 -57.53 7.67
N TRP F 164 21.81 -58.82 7.77
CA TRP F 164 22.76 -59.45 6.86
C TRP F 164 22.31 -59.28 5.42
N ALA F 165 20.99 -59.42 5.18
CA ALA F 165 20.42 -59.44 3.85
C ALA F 165 20.42 -58.05 3.21
N VAL F 166 20.37 -57.00 4.05
CA VAL F 166 20.28 -55.63 3.55
C VAL F 166 21.58 -55.27 2.83
N ARG F 167 21.46 -54.47 1.77
CA ARG F 167 22.59 -54.06 0.95
C ARG F 167 22.68 -52.53 0.93
N PRO F 168 23.85 -51.95 0.57
CA PRO F 168 24.02 -50.49 0.54
C PRO F 168 22.99 -49.74 -0.30
N GLN F 169 22.57 -50.34 -1.43
CA GLN F 169 21.70 -49.68 -2.38
C GLN F 169 20.25 -49.70 -1.90
N ASP F 170 19.95 -50.54 -0.89
CA ASP F 170 18.60 -50.74 -0.42
C ASP F 170 18.16 -49.60 0.50
N LEU F 171 19.13 -48.85 1.05
CA LEU F 171 18.85 -47.84 2.06
C LEU F 171 18.86 -46.44 1.45
N ASP F 172 18.85 -46.34 0.11
CA ASP F 172 18.98 -45.07 -0.58
C ASP F 172 17.74 -44.20 -0.33
N THR F 173 16.57 -44.84 -0.25
CA THR F 173 15.30 -44.15 -0.14
C THR F 173 14.93 -43.91 1.32
N CYS F 174 15.71 -44.48 2.26
CA CYS F 174 15.38 -44.43 3.67
C CYS F 174 15.59 -43.02 4.23
N ASP F 175 14.65 -42.56 5.06
CA ASP F 175 14.75 -41.30 5.78
C ASP F 175 15.46 -41.55 7.10
N PRO F 176 16.08 -40.52 7.73
CA PRO F 176 16.97 -40.72 8.88
C PRO F 176 16.31 -41.33 10.12
N ARG F 177 14.98 -41.18 10.24
CA ARG F 177 14.25 -41.73 11.37
C ARG F 177 14.29 -43.26 11.35
N GLN F 178 14.37 -43.84 10.14
CA GLN F 178 14.45 -45.27 9.97
C GLN F 178 15.85 -45.77 10.31
N LEU F 179 16.88 -44.97 9.94
CA LEU F 179 18.27 -45.35 10.15
C LEU F 179 18.62 -45.34 11.64
N ASP F 180 17.88 -44.55 12.42
CA ASP F 180 18.11 -44.46 13.86
C ASP F 180 17.71 -45.78 14.52
N VAL F 181 16.74 -46.48 13.92
CA VAL F 181 16.27 -47.77 14.44
C VAL F 181 17.14 -48.89 13.89
N LEU F 182 17.67 -48.71 12.67
CA LEU F 182 18.41 -49.76 11.98
C LEU F 182 19.87 -49.81 12.45
N TYR F 183 20.42 -48.68 12.90
CA TYR F 183 21.82 -48.62 13.29
C TYR F 183 22.10 -49.54 14.47
N PRO F 184 21.37 -49.45 15.61
CA PRO F 184 21.64 -50.32 16.76
C PRO F 184 21.48 -51.81 16.45
N LYS F 185 20.59 -52.13 15.50
CA LYS F 185 20.41 -53.49 15.02
C LYS F 185 21.66 -53.92 14.26
N ALA F 186 22.11 -53.06 13.34
CA ALA F 186 23.30 -53.32 12.54
C ALA F 186 24.54 -53.43 13.43
N ARG F 187 24.57 -52.63 14.50
CA ARG F 187 25.67 -52.64 15.45
C ARG F 187 25.66 -53.96 16.22
N LEU F 188 24.47 -54.42 16.62
CA LEU F 188 24.31 -55.71 17.27
C LEU F 188 24.59 -56.84 16.29
N ALA F 189 24.21 -56.65 15.03
CA ALA F 189 24.35 -57.68 14.01
C ALA F 189 25.83 -57.95 13.72
N PHE F 190 26.59 -56.88 13.44
CA PHE F 190 27.97 -56.99 13.01
C PHE F 190 28.90 -56.89 14.23
N GLN F 191 28.65 -57.73 15.24
CA GLN F 191 29.43 -57.73 16.47
C GLN F 191 30.53 -58.77 16.37
N ASN F 192 31.62 -58.55 17.13
CA ASN F 192 32.77 -59.46 17.17
C ASN F 192 33.56 -59.35 15.87
N MET F 193 33.11 -58.50 14.94
CA MET F 193 33.79 -58.27 13.68
C MET F 193 34.72 -57.08 13.86
N ASN F 194 36.00 -57.37 14.15
CA ASN F 194 37.00 -56.34 14.38
C ASN F 194 37.49 -55.80 13.04
N GLY F 195 38.19 -54.66 13.11
CA GLY F 195 38.88 -54.10 11.95
C GLY F 195 37.95 -53.52 10.88
N SER F 196 38.42 -53.58 9.63
CA SER F 196 37.69 -53.04 8.48
C SER F 196 36.39 -53.79 8.25
N GLU F 197 36.30 -55.04 8.76
CA GLU F 197 35.10 -55.85 8.60
C GLU F 197 33.92 -55.19 9.31
N TYR F 198 34.20 -54.47 10.40
CA TYR F 198 33.21 -53.64 11.07
C TYR F 198 32.77 -52.51 10.15
N PHE F 199 33.77 -51.77 9.64
CA PHE F 199 33.58 -50.51 8.93
C PHE F 199 32.82 -50.72 7.62
N VAL F 200 33.30 -51.66 6.79
CA VAL F 200 32.81 -51.82 5.43
C VAL F 200 31.29 -52.00 5.43
N LYS F 201 30.76 -52.72 6.43
CA LYS F 201 29.35 -53.09 6.46
C LYS F 201 28.50 -51.97 7.07
N ILE F 202 29.06 -51.22 8.04
CA ILE F 202 28.28 -50.24 8.79
C ILE F 202 28.21 -48.93 8.03
N GLN F 203 29.03 -48.78 6.97
CA GLN F 203 29.13 -47.54 6.19
C GLN F 203 27.77 -46.87 6.05
N SER F 204 26.75 -47.64 5.66
CA SER F 204 25.44 -47.12 5.30
C SER F 204 24.70 -46.62 6.54
N PHE F 205 24.76 -47.40 7.64
CA PHE F 205 23.94 -47.16 8.81
C PHE F 205 24.48 -46.01 9.65
N LEU F 206 25.63 -45.44 9.26
CA LEU F 206 26.20 -44.29 9.93
C LEU F 206 25.26 -43.09 9.83
N GLY F 207 24.36 -43.11 8.84
CA GLY F 207 23.35 -42.08 8.68
C GLY F 207 22.47 -41.90 9.92
N GLY F 208 22.40 -42.93 10.77
CA GLY F 208 21.68 -42.85 12.03
C GLY F 208 22.54 -43.31 13.21
N ALA F 209 23.72 -42.69 13.36
CA ALA F 209 24.69 -43.09 14.37
C ALA F 209 24.94 -41.93 15.34
N PRO F 210 24.80 -42.15 16.67
CA PRO F 210 25.14 -41.13 17.67
C PRO F 210 26.61 -40.69 17.65
N THR F 211 26.91 -39.64 18.42
CA THR F 211 28.23 -39.02 18.42
C THR F 211 29.23 -39.88 19.18
N GLU F 212 28.74 -40.63 20.18
CA GLU F 212 29.61 -41.41 21.05
C GLU F 212 30.28 -42.53 20.26
N ASP F 213 29.59 -43.06 19.25
CA ASP F 213 30.09 -44.17 18.45
C ASP F 213 31.04 -43.66 17.37
N LEU F 214 30.91 -42.37 17.01
CA LEU F 214 31.76 -41.76 15.99
C LEU F 214 33.15 -41.50 16.55
N LYS F 215 33.24 -41.19 17.85
CA LYS F 215 34.52 -40.96 18.51
C LYS F 215 35.30 -42.27 18.60
N ALA F 216 34.58 -43.38 18.75
CA ALA F 216 35.18 -44.70 18.85
C ALA F 216 35.84 -45.10 17.54
N LEU F 217 35.17 -44.79 16.41
CA LEU F 217 35.60 -45.20 15.09
C LEU F 217 36.84 -44.40 14.66
N SER F 218 36.98 -43.17 15.18
CA SER F 218 38.05 -42.27 14.80
C SER F 218 39.41 -42.89 15.07
N GLN F 219 39.57 -43.48 16.25
CA GLN F 219 40.89 -43.85 16.78
C GLN F 219 41.28 -45.27 16.37
N GLN F 220 40.46 -45.92 15.52
CA GLN F 220 40.72 -47.29 15.11
C GLN F 220 41.28 -47.33 13.70
N ASN F 221 41.71 -46.17 13.18
CA ASN F 221 42.36 -46.08 11.88
C ASN F 221 41.47 -46.71 10.82
N VAL F 222 40.25 -46.16 10.68
CA VAL F 222 39.27 -46.66 9.73
C VAL F 222 39.55 -46.08 8.34
N SER F 223 39.93 -44.80 8.29
CA SER F 223 40.08 -44.08 7.03
C SER F 223 38.77 -44.13 6.24
N MET F 224 37.78 -43.39 6.74
CA MET F 224 36.44 -43.37 6.16
C MET F 224 36.45 -42.57 4.86
N ASP F 225 35.53 -42.92 3.95
CA ASP F 225 35.38 -42.22 2.68
C ASP F 225 34.72 -40.86 2.93
N LEU F 226 35.02 -39.89 2.05
CA LEU F 226 34.49 -38.54 2.19
C LEU F 226 33.06 -38.48 1.65
N ALA F 227 32.67 -39.47 0.84
CA ALA F 227 31.30 -39.60 0.38
C ALA F 227 30.38 -39.96 1.55
N THR F 228 30.88 -40.83 2.44
CA THR F 228 30.16 -41.25 3.63
C THR F 228 30.01 -40.07 4.59
N PHE F 229 31.08 -39.27 4.74
CA PHE F 229 31.09 -38.11 5.61
C PHE F 229 29.84 -37.26 5.40
N MET F 230 29.45 -37.07 4.13
CA MET F 230 28.37 -36.18 3.75
C MET F 230 27.02 -36.72 4.25
N LYS F 231 26.90 -38.05 4.37
CA LYS F 231 25.65 -38.67 4.78
C LYS F 231 25.73 -39.04 6.26
N LEU F 232 25.91 -38.03 7.12
CA LEU F 232 25.93 -38.22 8.57
C LEU F 232 24.93 -37.26 9.21
N ARG F 233 24.60 -37.53 10.48
CA ARG F 233 23.63 -36.73 11.21
C ARG F 233 24.26 -35.38 11.55
N THR F 234 23.60 -34.29 11.11
CA THR F 234 24.09 -32.94 11.33
C THR F 234 24.16 -32.63 12.82
N ASP F 235 23.18 -33.13 13.59
CA ASP F 235 23.07 -32.85 15.01
C ASP F 235 24.12 -33.66 15.78
N ALA F 236 24.49 -34.83 15.26
CA ALA F 236 25.35 -35.78 15.95
C ALA F 236 26.78 -35.72 15.45
N VAL F 237 27.14 -34.63 14.76
CA VAL F 237 28.54 -34.40 14.36
C VAL F 237 29.02 -33.08 14.96
N LEU F 238 28.24 -32.51 15.90
CA LEU F 238 28.59 -31.24 16.51
C LEU F 238 29.58 -31.46 17.66
N PRO F 239 29.33 -32.38 18.62
CA PRO F 239 30.27 -32.63 19.72
C PRO F 239 31.63 -33.18 19.25
N LEU F 240 31.60 -33.99 18.19
CA LEU F 240 32.81 -34.57 17.62
C LEU F 240 33.73 -33.46 17.12
N THR F 241 35.01 -33.52 17.51
CA THR F 241 35.95 -32.44 17.25
C THR F 241 36.50 -32.55 15.83
N VAL F 242 37.18 -31.49 15.38
CA VAL F 242 37.78 -31.45 14.05
C VAL F 242 39.00 -32.38 14.03
N ALA F 243 39.68 -32.48 15.17
CA ALA F 243 40.78 -33.42 15.34
C ALA F 243 40.28 -34.84 15.08
N GLU F 244 39.13 -35.18 15.67
CA GLU F 244 38.50 -36.48 15.51
C GLU F 244 38.05 -36.66 14.05
N VAL F 245 37.49 -35.59 13.46
CA VAL F 245 37.03 -35.62 12.08
C VAL F 245 38.20 -35.94 11.14
N GLN F 246 39.36 -35.37 11.45
CA GLN F 246 40.54 -35.51 10.59
C GLN F 246 41.02 -36.96 10.56
N LYS F 247 40.80 -37.70 11.65
CA LYS F 247 41.26 -39.07 11.76
C LYS F 247 40.41 -40.00 10.89
N LEU F 248 39.18 -39.58 10.55
CA LEU F 248 38.33 -40.37 9.68
C LEU F 248 38.70 -40.14 8.22
N LEU F 249 40.00 -40.05 7.92
CA LEU F 249 40.51 -39.83 6.58
C LEU F 249 40.10 -38.44 6.09
N GLY F 250 40.43 -37.43 6.90
CA GLY F 250 40.13 -36.05 6.60
C GLY F 250 40.85 -35.50 5.36
N PRO F 251 42.08 -35.97 5.04
CA PRO F 251 42.83 -35.44 3.90
C PRO F 251 42.33 -35.87 2.53
N HIS F 252 41.85 -37.13 2.43
CA HIS F 252 41.43 -37.71 1.16
C HIS F 252 40.16 -37.06 0.63
C1 NAG G . -64.83 -16.81 -7.99
C2 NAG G . -66.18 -16.27 -8.45
C3 NAG G . -66.42 -16.55 -9.93
C4 NAG G . -65.23 -16.10 -10.76
C5 NAG G . -63.98 -16.81 -10.24
C6 NAG G . -62.72 -16.42 -10.99
C7 NAG G . -67.90 -16.05 -6.72
C8 NAG G . -69.40 -16.04 -6.78
N2 NAG G . -67.27 -16.78 -7.65
O3 NAG G . -67.61 -15.90 -10.35
O4 NAG G . -65.42 -16.42 -12.13
O5 NAG G . -63.77 -16.45 -8.86
O6 NAG G . -62.49 -15.01 -10.95
O7 NAG G . -67.28 -15.43 -5.86
C1 NAG G . -66.07 -15.36 -12.87
C2 NAG G . -65.46 -15.23 -14.26
C3 NAG G . -66.15 -14.10 -15.03
C4 NAG G . -67.66 -14.33 -15.05
C5 NAG G . -68.18 -14.51 -13.63
C6 NAG G . -69.65 -14.87 -13.58
C7 NAG G . -63.14 -15.95 -14.64
C8 NAG G . -61.89 -15.43 -15.27
N2 NAG G . -64.02 -15.03 -14.23
O3 NAG G . -65.63 -14.02 -16.35
O4 NAG G . -68.30 -13.19 -15.64
O5 NAG G . -67.47 -15.59 -12.99
O6 NAG G . -70.10 -15.04 -12.23
O7 NAG G . -63.34 -17.16 -14.50
C1 NAG H . 46.28 -47.56 9.20
C2 NAG H . 47.27 -46.40 9.05
C3 NAG H . 48.07 -46.54 7.76
C4 NAG H . 48.68 -47.92 7.61
C5 NAG H . 47.61 -49.01 7.83
C6 NAG H . 48.18 -50.40 7.85
C7 NAG H . 46.89 -44.16 10.01
C8 NAG H . 46.64 -42.75 9.58
N2 NAG H . 46.63 -45.11 9.11
O3 NAG H . 49.07 -45.54 7.71
O4 NAG H . 49.28 -48.07 6.32
O5 NAG H . 46.97 -48.80 9.11
O6 NAG H . 48.68 -50.79 6.58
O7 NAG H . 47.30 -44.44 11.13
C1 NAG H . 48.42 -47.98 5.15
C2 NAG H . 48.93 -46.89 4.21
C3 NAG H . 48.05 -46.83 2.96
C4 NAG H . 47.96 -48.20 2.29
C5 NAG H . 47.49 -49.23 3.32
C6 NAG H . 47.46 -50.64 2.79
C7 NAG H . 48.17 -44.60 4.74
C8 NAG H . 48.73 -43.31 4.20
N2 NAG H . 49.04 -45.60 4.87
O3 NAG H . 48.59 -45.86 2.06
O4 NAG H . 47.00 -48.13 1.23
O5 NAG H . 48.39 -49.22 4.45
O6 NAG H . 48.77 -51.11 2.46
O7 NAG H . 46.99 -44.70 5.04
C1 BMA H . 47.47 -48.59 -0.06
C2 BMA H . 48.01 -47.41 -0.86
C3 BMA H . 48.43 -47.85 -2.25
C4 BMA H . 49.40 -49.01 -2.17
C5 BMA H . 48.83 -50.14 -1.33
C6 BMA H . 49.80 -51.27 -1.10
O2 BMA H . 49.11 -46.82 -0.18
O3 BMA H . 49.02 -46.75 -2.95
O4 BMA H . 49.67 -49.50 -3.48
O5 BMA H . 48.45 -49.64 -0.02
O6 BMA H . 50.14 -51.91 -2.32
C1 NAG I . -31.69 -68.26 24.27
C2 NAG I . -31.37 -69.74 24.06
C3 NAG I . -32.56 -70.61 24.47
C4 NAG I . -33.02 -70.26 25.87
C5 NAG I . -33.27 -68.77 26.00
C6 NAG I . -33.62 -68.33 27.41
C7 NAG I . -29.80 -70.59 22.36
C8 NAG I . -28.56 -69.90 22.82
N2 NAG I . -30.97 -70.02 22.70
O3 NAG I . -32.19 -71.98 24.37
O4 NAG I . -34.24 -70.96 26.15
O5 NAG I . -32.09 -68.04 25.61
O6 NAG I . -32.49 -68.44 28.28
O7 NAG I . -29.77 -71.63 21.70
P PO4 J . -17.50 -58.82 -3.17
O1 PO4 J . -16.34 -58.33 -4.04
O2 PO4 J . -16.93 -59.41 -1.87
O3 PO4 J . -18.28 -59.90 -3.92
O4 PO4 J . -18.42 -57.64 -2.84
C1 GOL K . -44.04 -23.91 -7.28
O1 GOL K . -43.42 -22.63 -7.23
C2 GOL K . -44.44 -24.39 -5.90
O2 GOL K . -45.08 -25.67 -6.01
C3 GOL K . -43.27 -24.46 -4.94
O3 GOL K . -43.65 -25.02 -3.68
C1 NAG L . 73.30 12.12 27.39
C2 NAG L . 74.71 12.68 27.11
C3 NAG L . 75.75 11.97 27.99
C4 NAG L . 75.31 11.96 29.45
C5 NAG L . 73.94 11.31 29.56
C6 NAG L . 73.40 11.28 30.97
C7 NAG L . 76.18 12.03 25.22
C8 NAG L . 76.03 10.64 24.67
N2 NAG L . 75.05 12.58 25.70
O3 NAG L . 77.01 12.60 27.86
O4 NAG L . 76.25 11.22 30.23
O5 NAG L . 73.01 12.09 28.78
O6 NAG L . 73.47 9.96 31.52
O7 NAG L . 77.26 12.61 25.25
P PO4 M . 44.23 -21.66 8.16
O1 PO4 M . 43.83 -21.46 6.71
O2 PO4 M . 44.45 -23.15 8.44
O3 PO4 M . 45.53 -20.90 8.44
O4 PO4 M . 43.13 -21.12 9.07
P PO4 N . 61.94 13.79 0.77
O1 PO4 N . 61.57 13.11 -0.55
O2 PO4 N . 63.06 13.01 1.45
O3 PO4 N . 62.41 15.22 0.48
O4 PO4 N . 60.70 13.82 1.68
C1 GOL O . 43.00 -24.75 3.23
O1 GOL O . 43.14 -26.15 2.99
C2 GOL O . 44.34 -24.04 3.19
O2 GOL O . 44.13 -22.63 3.31
C3 GOL O . 45.30 -24.51 4.26
O3 GOL O . 46.52 -23.78 4.24
C1 NAG P . -48.57 62.75 8.46
C2 NAG P . -50.04 62.87 8.04
C3 NAG P . -50.51 64.31 8.20
C4 NAG P . -50.26 64.78 9.64
C5 NAG P . -48.80 64.58 9.99
C6 NAG P . -48.49 64.92 11.44
C7 NAG P . -51.05 61.35 6.38
C8 NAG P . -51.23 61.06 4.92
N2 NAG P . -50.27 62.39 6.68
O3 NAG P . -51.88 64.41 7.86
O4 NAG P . -50.60 66.16 9.74
O5 NAG P . -48.43 63.19 9.79
O6 NAG P . -49.08 63.96 12.33
O7 NAG P . -51.58 60.66 7.25
P PO4 Q . -34.28 48.41 -17.55
O1 PO4 Q . -33.40 47.86 -18.68
O2 PO4 Q . -35.74 48.45 -18.01
O3 PO4 Q . -33.82 49.82 -17.19
O4 PO4 Q . -34.16 47.50 -16.32
C1 GOL R . 11.90 32.19 -4.75
O1 GOL R . 12.20 33.38 -5.46
C2 GOL R . 10.45 32.17 -4.29
O2 GOL R . 10.09 30.85 -3.90
C3 GOL R . 10.16 33.14 -3.17
O3 GOL R . 8.90 32.87 -2.55
P PO4 S . -38.94 -0.18 -2.18
O1 PO4 S . -38.00 -0.89 -3.16
O2 PO4 S . -40.33 -0.05 -2.80
O3 PO4 S . -38.39 1.20 -1.85
O4 PO4 S . -39.04 -1.00 -0.89
C1 GOL T . -38.01 -6.17 -3.01
O1 GOL T . -38.72 -5.48 -4.04
C2 GOL T . -36.52 -6.08 -3.21
O2 GOL T . -35.85 -6.25 -1.97
C3 GOL T . -36.00 -7.10 -4.21
O3 GOL T . -34.58 -7.02 -4.35
C1 NAG U . 27.11 64.53 -4.75
C2 NAG U . 26.10 63.63 -5.46
C3 NAG U . 25.00 64.49 -6.10
C4 NAG U . 24.38 65.41 -5.06
C5 NAG U . 25.47 66.26 -4.41
C6 NAG U . 24.95 67.14 -3.31
C7 NAG U . 26.63 62.76 -7.71
C8 NAG U . 27.80 63.39 -8.42
N2 NAG U . 26.72 62.70 -6.38
O3 NAG U . 24.01 63.64 -6.68
O4 NAG U . 23.42 66.25 -5.69
O5 NAG U . 26.46 65.41 -3.82
O6 NAG U . 23.97 68.06 -3.79
O7 NAG U . 25.67 62.32 -8.32
P PO4 V . 45.11 22.45 -18.29
O1 PO4 V . 46.43 22.97 -18.84
O2 PO4 V . 44.98 20.96 -18.57
O3 PO4 V . 43.95 23.20 -18.97
O4 PO4 V . 45.05 22.69 -16.78
P PO4 W . 17.11 36.80 -3.61
O1 PO4 W . 16.62 36.04 -4.83
O2 PO4 W . 17.37 35.81 -2.47
O3 PO4 W . 18.42 37.53 -3.95
O4 PO4 W . 16.05 37.81 -3.18
P PO4 X . 25.00 34.39 -8.75
O1 PO4 X . 24.96 34.87 -10.20
O2 PO4 X . 25.85 33.12 -8.65
O3 PO4 X . 25.60 35.48 -7.87
O4 PO4 X . 23.57 34.08 -8.28
P PO4 Y . 38.46 -32.78 -0.33
O1 PO4 Y . 39.00 -32.02 -1.54
O2 PO4 Y . 39.63 -33.24 0.54
O3 PO4 Y . 37.65 -33.98 -0.80
O4 PO4 Y . 37.56 -31.84 0.48
P PO4 Z . 23.30 -34.08 6.92
O1 PO4 Z . 23.43 -35.12 5.80
O2 PO4 Z . 24.69 -33.80 7.51
O3 PO4 Z . 22.72 -32.78 6.36
O4 PO4 Z . 22.36 -34.62 8.00
C1 GOL AA . 22.58 -25.48 3.87
O1 GOL AA . 22.02 -25.43 2.55
C2 GOL AA . 24.04 -25.87 3.84
O2 GOL AA . 24.57 -25.86 5.17
C3 GOL AA . 24.30 -27.21 3.18
O3 GOL AA . 25.63 -27.66 3.40
#